data_9G2E
#
_entry.id   9G2E
#
_cell.length_a   1.00
_cell.length_b   1.00
_cell.length_c   1.00
_cell.angle_alpha   90.00
_cell.angle_beta   90.00
_cell.angle_gamma   90.00
#
_symmetry.space_group_name_H-M   'P 1'
#
loop_
_entity.id
_entity.type
_entity.pdbx_description
1 polymer 'Gamma-aminobutyric acid receptor subunit beta-3'
2 branched alpha-D-mannopyranose-(1-3)-[alpha-D-mannopyranose-(1-6)]beta-D-mannopyranose-(1-4)-2-acetamido-2-deoxy-beta-D-glucopyranose-(1-4)-2-acetamido-2-deoxy-beta-D-glucopyranose
3 branched 2-acetamido-2-deoxy-beta-D-glucopyranose-(1-4)-2-acetamido-2-deoxy-beta-D-glucopyranose
4 non-polymer 2-acetamido-2-deoxy-beta-D-glucopyranose
5 non-polymer DECANE
6 non-polymer 'CHLORIDE ION'
7 water water
#
_entity_poly.entity_id   1
_entity_poly.type   'polypeptide(L)'
_entity_poly.pdbx_seq_one_letter_code
;MDEKTTGWRGGHVVEGLAGELEQLRARLEHHPQGQREPDYDIPTTENLYFQGTGQSVNDPGNMSFVKETVDKLLKGYDIR
LRPDFGGPPVCVGMNIDIASIDMVSEVNMDYTLTMYFQQYWRDKRLAYSGIPLNLTLDNRVADQLWVPDTYFLNDKKSFV
HGVTVKNRMIRLHPDGTVLYGLRITTTAACMMDLRRYPLDEQNCTLEIESYGYTTDDIEFYWRGGDKAVTGVERIELPQF
SIVEHRLVSRNVVFATGAYPRLSLSFRLKRNIGYFILQTYMPSILITILSWVSFWINYDASAARVALGITTVLTMTTINT
HLRETLPKIPYVKAIDMYLMGCFVFVFLALLEYAFVNYIFFSQPARAAAIDRWSRIVFPFTFSLFNLVYWLYYVN
;
_entity_poly.pdbx_strand_id   A,B,C,D,E
#
loop_
_chem_comp.id
_chem_comp.type
_chem_comp.name
_chem_comp.formula
BMA D-saccharide, beta linking beta-D-mannopyranose 'C6 H12 O6'
CL non-polymer 'CHLORIDE ION' 'Cl -1'
D10 non-polymer DECANE 'C10 H22'
MAN D-saccharide, alpha linking alpha-D-mannopyranose 'C6 H12 O6'
NAG D-saccharide, beta linking 2-acetamido-2-deoxy-beta-D-glucopyranose 'C8 H15 N O6'
#
# COMPACT_ATOMS: atom_id res chain seq x y z
N ASN A 58 2.69 -11.32 56.17
CA ASN A 58 3.35 -12.44 56.83
C ASN A 58 3.64 -13.57 55.84
N ASP A 59 2.62 -14.35 55.53
CA ASP A 59 2.78 -15.45 54.59
C ASP A 59 2.95 -14.90 53.18
N PRO A 60 3.96 -15.36 52.43
CA PRO A 60 4.08 -14.92 51.03
C PRO A 60 2.88 -15.28 50.18
N GLY A 61 2.22 -16.40 50.46
CA GLY A 61 1.03 -16.80 49.75
C GLY A 61 -0.23 -16.11 50.15
N ASN A 62 -0.19 -15.25 51.17
CA ASN A 62 -1.34 -14.48 51.59
C ASN A 62 -1.49 -13.27 50.68
N MET A 63 -2.49 -13.32 49.79
CA MET A 63 -2.66 -12.26 48.80
C MET A 63 -3.10 -10.95 49.42
N SER A 64 -3.81 -11.02 50.56
CA SER A 64 -4.22 -9.79 51.24
C SER A 64 -3.01 -9.00 51.73
N PHE A 65 -2.01 -9.69 52.28
CA PHE A 65 -0.79 -9.01 52.73
C PHE A 65 -0.02 -8.43 51.56
N VAL A 66 0.06 -9.17 50.45
CA VAL A 66 0.75 -8.67 49.27
C VAL A 66 0.03 -7.46 48.70
N LYS A 67 -1.30 -7.51 48.64
CA LYS A 67 -2.07 -6.38 48.12
C LYS A 67 -1.88 -5.14 48.98
N GLU A 68 -1.87 -5.31 50.30
CA GLU A 68 -1.65 -4.17 51.19
C GLU A 68 -0.26 -3.59 51.01
N THR A 69 0.74 -4.45 50.83
CA THR A 69 2.11 -3.97 50.62
C THR A 69 2.23 -3.15 49.34
N VAL A 70 1.62 -3.61 48.26
CA VAL A 70 1.69 -2.89 46.99
C VAL A 70 0.90 -1.58 47.08
N ASP A 71 -0.23 -1.60 47.78
CA ASP A 71 -1.01 -0.38 47.95
C ASP A 71 -0.23 0.68 48.72
N LYS A 72 0.55 0.27 49.72
CA LYS A 72 1.36 1.21 50.47
C LYS A 72 2.42 1.86 49.59
N LEU A 73 3.01 1.09 48.67
CA LEU A 73 4.03 1.63 47.79
C LEU A 73 3.48 2.73 46.90
N LEU A 74 2.28 2.54 46.37
CA LEU A 74 1.69 3.49 45.43
C LEU A 74 0.95 4.63 46.13
N LYS A 75 0.78 4.58 47.44
CA LYS A 75 0.14 5.67 48.17
C LYS A 75 1.11 6.83 48.32
N GLY A 76 0.74 7.99 47.78
CA GLY A 76 1.63 9.13 47.77
C GLY A 76 2.69 9.08 46.69
N TYR A 77 2.66 8.08 45.82
CA TYR A 77 3.63 7.97 44.74
C TYR A 77 3.30 8.98 43.64
N ASP A 78 4.30 9.76 43.24
CA ASP A 78 4.13 10.79 42.22
C ASP A 78 4.85 10.33 40.95
N ILE A 79 4.08 10.00 39.92
CA ILE A 79 4.67 9.56 38.65
C ILE A 79 5.38 10.71 37.94
N ARG A 80 5.05 11.96 38.30
CA ARG A 80 5.66 13.11 37.63
C ARG A 80 7.12 13.30 38.02
N LEU A 81 7.56 12.69 39.11
CA LEU A 81 8.92 12.88 39.62
C LEU A 81 9.73 11.62 39.40
N ARG A 82 10.94 11.78 38.84
CA ARG A 82 11.85 10.68 38.67
C ARG A 82 12.38 10.22 40.03
N PRO A 83 12.86 8.97 40.11
CA PRO A 83 13.53 8.53 41.35
C PRO A 83 14.73 9.40 41.66
N ASP A 84 14.92 9.67 42.96
CA ASP A 84 15.99 10.55 43.43
C ASP A 84 15.92 11.92 42.76
N PHE A 85 14.70 12.45 42.64
CA PHE A 85 14.50 13.76 42.03
C PHE A 85 15.23 14.83 42.83
N GLY A 86 15.96 15.69 42.13
CA GLY A 86 16.76 16.70 42.78
C GLY A 86 18.08 16.22 43.33
N GLY A 87 18.44 14.96 43.10
CA GLY A 87 19.68 14.42 43.59
C GLY A 87 20.51 13.81 42.48
N PRO A 88 21.24 12.74 42.79
CA PRO A 88 22.06 12.10 41.77
C PRO A 88 21.19 11.53 40.66
N PRO A 89 21.70 11.49 39.43
CA PRO A 89 20.92 10.94 38.33
C PRO A 89 20.65 9.45 38.52
N VAL A 90 19.49 9.02 38.05
CA VAL A 90 19.12 7.61 38.12
C VAL A 90 19.76 6.88 36.95
N CYS A 91 20.47 5.81 37.25
CA CYS A 91 21.14 5.01 36.23
C CYS A 91 20.18 3.96 35.69
N VAL A 92 20.06 3.90 34.36
CA VAL A 92 19.16 2.98 33.69
C VAL A 92 20.00 2.02 32.87
N GLY A 93 19.91 0.73 33.18
CA GLY A 93 20.59 -0.31 32.44
C GLY A 93 19.67 -0.91 31.40
N MET A 94 20.21 -1.17 30.22
CA MET A 94 19.42 -1.61 29.08
C MET A 94 20.01 -2.86 28.45
N ASN A 95 19.14 -3.81 28.13
N ASN A 95 19.14 -3.81 28.11
CA ASN A 95 19.49 -5.02 27.39
CA ASN A 95 19.55 -5.00 27.37
C ASN A 95 18.48 -5.20 26.27
C ASN A 95 18.49 -5.29 26.32
N ILE A 96 18.95 -5.76 25.15
CA ILE A 96 18.10 -5.99 23.99
C ILE A 96 18.20 -7.46 23.60
N ASP A 97 17.04 -8.11 23.44
CA ASP A 97 16.96 -9.45 22.88
C ASP A 97 16.32 -9.31 21.50
N ILE A 98 17.15 -9.37 20.47
CA ILE A 98 16.70 -9.13 19.10
C ILE A 98 15.94 -10.36 18.62
N ALA A 99 14.63 -10.20 18.40
CA ALA A 99 13.83 -11.30 17.89
C ALA A 99 14.17 -11.60 16.43
N SER A 100 14.21 -10.57 15.59
CA SER A 100 14.49 -10.73 14.18
C SER A 100 14.70 -9.36 13.55
N ILE A 101 15.30 -9.37 12.36
CA ILE A 101 15.36 -8.20 11.49
C ILE A 101 14.50 -8.52 10.28
N ASP A 102 13.36 -7.84 10.18
CA ASP A 102 12.34 -8.22 9.20
C ASP A 102 12.83 -8.01 7.77
N MET A 103 13.35 -6.82 7.47
CA MET A 103 13.75 -6.51 6.11
C MET A 103 14.71 -5.33 6.12
N VAL A 104 15.48 -5.22 5.05
CA VAL A 104 16.40 -4.11 4.82
C VAL A 104 16.04 -3.50 3.47
N SER A 105 15.62 -2.23 3.49
CA SER A 105 15.10 -1.57 2.30
C SER A 105 16.10 -0.54 1.82
N GLU A 106 16.64 -0.75 0.61
CA GLU A 106 17.48 0.26 -0.01
C GLU A 106 16.66 1.42 -0.55
N VAL A 107 15.43 1.16 -0.97
CA VAL A 107 14.59 2.22 -1.53
C VAL A 107 14.25 3.24 -0.45
N ASN A 108 13.84 2.78 0.73
CA ASN A 108 13.45 3.66 1.82
C ASN A 108 14.60 3.96 2.77
N MET A 109 15.76 3.34 2.59
CA MET A 109 16.94 3.56 3.44
C MET A 109 16.60 3.31 4.91
N ASP A 110 16.04 2.15 5.19
CA ASP A 110 15.64 1.81 6.55
C ASP A 110 15.58 0.29 6.69
N TYR A 111 15.52 -0.16 7.94
CA TYR A 111 15.38 -1.57 8.27
C TYR A 111 14.37 -1.71 9.40
N THR A 112 13.72 -2.88 9.44
CA THR A 112 12.70 -3.17 10.44
C THR A 112 13.28 -4.13 11.48
N LEU A 113 13.15 -3.77 12.75
CA LEU A 113 13.74 -4.54 13.85
C LEU A 113 12.67 -4.86 14.88
N THR A 114 12.59 -6.13 15.25
CA THR A 114 11.73 -6.58 16.35
C THR A 114 12.61 -7.11 17.47
N MET A 115 12.36 -6.66 18.70
CA MET A 115 13.27 -6.95 19.79
C MET A 115 12.52 -6.91 21.12
N TYR A 116 13.15 -7.48 22.14
CA TYR A 116 12.70 -7.37 23.52
C TYR A 116 13.56 -6.30 24.20
N PHE A 117 12.94 -5.17 24.51
CA PHE A 117 13.65 -4.03 25.09
C PHE A 117 13.39 -4.00 26.59
N GLN A 118 14.47 -4.14 27.38
CA GLN A 118 14.38 -4.19 28.83
C GLN A 118 15.16 -3.04 29.44
N GLN A 119 14.57 -2.42 30.46
CA GLN A 119 15.18 -1.31 31.18
C GLN A 119 15.28 -1.66 32.66
N TYR A 120 16.43 -1.33 33.25
CA TYR A 120 16.75 -1.67 34.63
CA TYR A 120 16.73 -1.67 34.64
C TYR A 120 17.09 -0.41 35.39
N TRP A 121 16.36 -0.14 36.48
CA TRP A 121 16.66 1.01 37.31
C TRP A 121 16.09 0.77 38.70
N ARG A 122 16.58 1.55 39.65
CA ARG A 122 16.21 1.42 41.05
C ARG A 122 15.37 2.62 41.48
N ASP A 123 14.22 2.35 42.08
CA ASP A 123 13.34 3.38 42.62
C ASP A 123 13.11 3.04 44.10
N LYS A 124 13.73 3.81 44.99
CA LYS A 124 13.63 3.54 46.41
C LYS A 124 12.22 3.70 46.96
N ARG A 125 11.37 4.46 46.26
CA ARG A 125 9.98 4.58 46.66
C ARG A 125 9.23 3.26 46.56
N LEU A 126 9.72 2.32 45.75
CA LEU A 126 9.07 1.03 45.54
C LEU A 126 9.71 -0.08 46.35
N ALA A 127 10.64 0.23 47.25
CA ALA A 127 11.24 -0.78 48.10
C ALA A 127 10.22 -1.32 49.10
N TYR A 128 10.22 -2.64 49.28
CA TYR A 128 9.31 -3.30 50.20
C TYR A 128 10.08 -4.32 51.04
N SER A 129 9.56 -4.59 52.23
CA SER A 129 10.18 -5.52 53.17
C SER A 129 9.15 -6.53 53.64
N GLY A 130 9.64 -7.67 54.11
CA GLY A 130 8.79 -8.74 54.60
C GLY A 130 8.37 -9.76 53.56
N ILE A 131 8.65 -9.51 52.29
CA ILE A 131 8.35 -10.44 51.21
C ILE A 131 9.66 -10.83 50.53
N PRO A 132 10.22 -11.99 50.85
CA PRO A 132 11.49 -12.43 50.25
C PRO A 132 11.34 -12.98 48.83
N LEU A 133 10.62 -12.25 47.99
CA LEU A 133 10.38 -12.67 46.62
C LEU A 133 10.36 -11.44 45.71
N ASN A 134 10.59 -11.68 44.43
CA ASN A 134 10.46 -10.64 43.41
C ASN A 134 9.03 -10.62 42.89
N LEU A 135 8.42 -9.44 42.92
CA LEU A 135 7.01 -9.28 42.59
C LEU A 135 6.85 -9.06 41.10
N THR A 136 6.37 -10.06 40.38
CA THR A 136 6.00 -9.93 38.98
C THR A 136 4.53 -9.51 38.93
N LEU A 137 4.28 -8.26 38.59
CA LEU A 137 2.94 -7.69 38.61
C LEU A 137 2.34 -7.66 37.21
N ASP A 138 1.03 -7.42 37.15
CA ASP A 138 0.36 -7.24 35.88
C ASP A 138 0.89 -6.01 35.17
N ASN A 139 0.96 -6.09 33.84
CA ASN A 139 1.59 -5.05 33.05
C ASN A 139 0.89 -3.70 33.19
N ARG A 140 -0.38 -3.68 33.58
CA ARG A 140 -1.11 -2.43 33.73
C ARG A 140 -0.61 -1.59 34.89
N VAL A 141 0.19 -2.14 35.79
CA VAL A 141 0.76 -1.36 36.88
C VAL A 141 1.84 -0.40 36.40
N ALA A 142 2.34 -0.58 35.17
CA ALA A 142 3.36 0.32 34.65
C ALA A 142 2.82 1.72 34.43
N ASP A 143 1.52 1.85 34.16
CA ASP A 143 0.92 3.18 33.97
C ASP A 143 0.84 3.95 35.28
N GLN A 144 1.02 3.29 36.42
CA GLN A 144 1.00 3.94 37.72
C GLN A 144 2.40 4.17 38.28
N LEU A 145 3.43 3.94 37.46
CA LEU A 145 4.81 4.07 37.90
C LEU A 145 5.57 4.99 36.95
N TRP A 146 6.59 5.65 37.49
CA TRP A 146 7.51 6.40 36.65
C TRP A 146 8.34 5.45 35.81
N VAL A 147 8.48 5.75 34.52
CA VAL A 147 9.34 4.98 33.64
C VAL A 147 10.23 5.95 32.88
N PRO A 148 11.43 5.53 32.46
CA PRO A 148 12.28 6.43 31.67
C PRO A 148 11.63 6.80 30.35
N ASP A 149 11.87 8.03 29.91
CA ASP A 149 11.35 8.51 28.63
C ASP A 149 12.26 8.11 27.47
N THR A 150 12.55 6.82 27.38
CA THR A 150 13.45 6.30 26.37
C THR A 150 12.77 6.32 25.01
N TYR A 151 13.50 6.79 24.00
CA TYR A 151 13.03 6.79 22.63
C TYR A 151 14.19 6.50 21.69
N PHE A 152 13.86 6.10 20.47
CA PHE A 152 14.86 5.75 19.48
C PHE A 152 15.06 6.92 18.53
N LEU A 153 16.29 7.41 18.45
CA LEU A 153 16.57 8.67 17.78
C LEU A 153 16.30 8.58 16.28
N ASN A 154 16.71 7.50 15.64
CA ASN A 154 16.66 7.39 14.19
C ASN A 154 15.49 6.56 13.68
N ASP A 155 14.52 6.23 14.53
CA ASP A 155 13.40 5.42 14.08
C ASP A 155 12.43 6.27 13.25
N LYS A 156 11.72 5.59 12.36
CA LYS A 156 10.71 6.23 11.51
C LYS A 156 9.29 5.88 11.94
N LYS A 157 9.05 4.63 12.30
CA LYS A 157 7.76 4.21 12.84
C LYS A 157 7.99 3.00 13.72
N SER A 158 7.38 2.99 14.90
CA SER A 158 7.55 1.89 15.83
C SER A 158 6.27 1.73 16.66
N PHE A 159 6.10 0.54 17.22
CA PHE A 159 4.93 0.25 18.02
C PHE A 159 5.26 -0.86 19.00
N VAL A 160 4.42 -0.98 20.02
CA VAL A 160 4.50 -2.07 21.01
C VAL A 160 3.36 -3.04 20.71
N HIS A 161 3.68 -4.33 20.61
CA HIS A 161 2.67 -5.33 20.34
C HIS A 161 1.66 -5.38 21.47
N GLY A 162 0.39 -5.60 21.12
CA GLY A 162 -0.68 -5.55 22.10
C GLY A 162 -1.66 -6.72 22.07
N VAL A 163 -1.19 -7.88 21.63
CA VAL A 163 -2.01 -9.09 21.58
C VAL A 163 -1.26 -10.19 22.32
N THR A 164 -1.94 -10.86 23.24
CA THR A 164 -3.34 -10.60 23.61
C THR A 164 -3.48 -9.38 24.50
N VAL A 165 -2.46 -9.13 25.32
CA VAL A 165 -2.38 -7.91 26.11
C VAL A 165 -1.18 -7.12 25.61
N LYS A 166 -0.97 -5.94 26.15
CA LYS A 166 0.21 -5.16 25.79
C LYS A 166 1.47 -5.94 26.14
N ASN A 167 2.37 -6.09 25.17
CA ASN A 167 3.59 -6.88 25.34
C ASN A 167 4.54 -6.10 26.26
N ARG A 168 4.25 -6.18 27.55
CA ARG A 168 4.93 -5.39 28.57
C ARG A 168 4.97 -6.19 29.86
N MET A 169 6.05 -6.03 30.62
CA MET A 169 6.19 -6.73 31.88
C MET A 169 6.83 -5.80 32.91
N ILE A 170 6.40 -5.97 34.16
CA ILE A 170 6.94 -5.22 35.29
C ILE A 170 7.33 -6.21 36.38
N ARG A 171 8.57 -6.12 36.85
CA ARG A 171 9.07 -6.96 37.92
C ARG A 171 9.71 -6.09 38.97
N LEU A 172 9.22 -6.18 40.20
CA LEU A 172 9.77 -5.41 41.32
C LEU A 172 10.69 -6.28 42.17
N HIS A 173 11.57 -5.62 42.89
CA HIS A 173 12.53 -6.27 43.77
C HIS A 173 12.51 -5.60 45.13
N PRO A 174 12.89 -6.31 46.19
CA PRO A 174 12.77 -5.74 47.54
C PRO A 174 13.53 -4.44 47.73
N ASP A 175 14.68 -4.27 47.08
CA ASP A 175 15.45 -3.04 47.23
C ASP A 175 14.88 -1.88 46.44
N GLY A 176 13.84 -2.10 45.65
CA GLY A 176 13.23 -1.05 44.85
C GLY A 176 13.59 -1.07 43.39
N THR A 177 14.35 -2.06 42.92
CA THR A 177 14.71 -2.14 41.52
C THR A 177 13.52 -2.56 40.68
N VAL A 178 13.41 -1.96 39.49
CA VAL A 178 12.31 -2.21 38.57
C VAL A 178 12.87 -2.79 37.28
N LEU A 179 12.28 -3.91 36.84
CA LEU A 179 12.55 -4.49 35.53
C LEU A 179 11.36 -4.18 34.63
N TYR A 180 11.63 -3.50 33.52
CA TYR A 180 10.58 -3.03 32.61
C TYR A 180 10.92 -3.51 31.21
N GLY A 181 10.10 -4.39 30.67
CA GLY A 181 10.35 -5.00 29.37
C GLY A 181 9.26 -4.65 28.37
N LEU A 182 9.66 -4.43 27.12
CA LEU A 182 8.74 -4.11 26.03
C LEU A 182 9.16 -4.87 24.78
N ARG A 183 8.17 -5.43 24.08
CA ARG A 183 8.41 -6.05 22.78
C ARG A 183 8.04 -5.02 21.71
N ILE A 184 9.04 -4.53 20.99
CA ILE A 184 8.90 -3.39 20.09
C ILE A 184 9.32 -3.81 18.69
N THR A 185 8.50 -3.47 17.70
CA THR A 185 8.88 -3.53 16.30
C THR A 185 9.13 -2.11 15.81
N THR A 186 10.34 -1.83 15.38
CA THR A 186 10.74 -0.49 14.98
C THR A 186 11.31 -0.49 13.57
N THR A 187 10.99 0.56 12.82
CA THR A 187 11.59 0.83 11.51
C THR A 187 12.54 2.00 11.69
N ALA A 188 13.84 1.73 11.59
CA ALA A 188 14.88 2.73 11.85
C ALA A 188 15.55 3.12 10.53
N ALA A 189 15.70 4.43 10.33
CA ALA A 189 16.34 4.93 9.12
C ALA A 189 17.82 4.53 9.09
N CYS A 190 18.31 4.22 7.90
CA CYS A 190 19.71 3.84 7.72
C CYS A 190 20.16 4.33 6.35
N MET A 191 20.98 5.37 6.33
CA MET A 191 21.57 5.85 5.09
C MET A 191 22.58 4.83 4.58
N MET A 192 22.45 4.43 3.31
CA MET A 192 23.29 3.41 2.71
CA MET A 192 23.29 3.41 2.72
C MET A 192 24.03 4.00 1.53
N ASP A 193 25.34 3.74 1.46
CA ASP A 193 26.17 4.18 0.34
C ASP A 193 26.17 3.07 -0.69
N LEU A 194 25.57 3.32 -1.85
CA LEU A 194 25.37 2.30 -2.88
C LEU A 194 26.36 2.43 -4.04
N ARG A 195 27.51 3.07 -3.81
CA ARG A 195 28.51 3.20 -4.87
C ARG A 195 29.06 1.84 -5.28
N ARG A 196 29.25 0.94 -4.32
CA ARG A 196 29.75 -0.40 -4.59
C ARG A 196 28.62 -1.43 -4.69
N TYR A 197 27.38 -0.98 -4.79
CA TYR A 197 26.25 -1.89 -4.91
C TYR A 197 26.40 -2.75 -6.17
N PRO A 198 26.11 -4.05 -6.10
CA PRO A 198 25.62 -4.82 -4.94
C PRO A 198 26.74 -5.44 -4.10
N LEU A 199 28.00 -5.05 -4.30
CA LEU A 199 29.12 -5.55 -3.51
C LEU A 199 29.46 -4.64 -2.33
N ASP A 200 28.48 -3.93 -1.79
CA ASP A 200 28.72 -2.95 -0.75
C ASP A 200 28.54 -3.55 0.64
N GLU A 201 29.09 -2.87 1.64
CA GLU A 201 28.94 -3.22 3.03
C GLU A 201 28.30 -2.05 3.76
N GLN A 202 27.28 -2.34 4.57
CA GLN A 202 26.48 -1.29 5.19
C GLN A 202 26.56 -1.38 6.71
N ASN A 203 26.38 -0.23 7.35
CA ASN A 203 26.45 -0.09 8.80
C ASN A 203 25.19 0.64 9.26
N CYS A 204 24.23 -0.11 9.81
CA CYS A 204 22.99 0.45 10.31
C CYS A 204 22.99 0.43 11.83
N THR A 205 22.57 1.54 12.43
CA THR A 205 22.62 1.71 13.87
C THR A 205 21.22 1.87 14.46
N LEU A 206 21.15 1.78 15.78
CA LEU A 206 19.93 2.04 16.54
C LEU A 206 20.31 2.95 17.70
N GLU A 207 19.98 4.23 17.58
CA GLU A 207 20.36 5.22 18.59
C GLU A 207 19.29 5.30 19.67
N ILE A 208 19.71 5.21 20.93
CA ILE A 208 18.83 5.20 22.08
C ILE A 208 19.15 6.41 22.94
N GLU A 209 18.13 7.19 23.28
CA GLU A 209 18.34 8.44 23.99
C GLU A 209 17.14 8.74 24.89
N SER A 210 17.39 9.58 25.90
CA SER A 210 16.32 10.10 26.75
C SER A 210 15.77 11.38 26.15
N TYR A 211 14.44 11.48 26.06
CA TYR A 211 13.84 12.60 25.36
C TYR A 211 13.90 13.89 26.17
N GLY A 212 13.63 13.83 27.47
CA GLY A 212 13.47 15.05 28.24
C GLY A 212 14.47 15.27 29.34
N TYR A 213 15.12 14.21 29.82
CA TYR A 213 16.04 14.29 30.94
C TYR A 213 17.48 14.37 30.44
N THR A 214 18.24 15.30 31.00
CA THR A 214 19.65 15.43 30.67
C THR A 214 20.48 14.42 31.47
N THR A 215 21.80 14.51 31.34
CA THR A 215 22.68 13.60 32.08
C THR A 215 22.67 13.89 33.58
N ASP A 216 22.23 15.09 33.98
CA ASP A 216 22.12 15.39 35.40
C ASP A 216 20.93 14.68 36.05
N ASP A 217 20.02 14.11 35.26
CA ASP A 217 18.86 13.40 35.78
C ASP A 217 18.84 11.92 35.46
N ILE A 218 19.30 11.52 34.29
CA ILE A 218 19.27 10.12 33.88
CA ILE A 218 19.27 10.13 33.86
C ILE A 218 20.60 9.78 33.20
N GLU A 219 21.10 8.57 33.46
CA GLU A 219 22.30 8.05 32.84
C GLU A 219 22.00 6.69 32.22
N PHE A 220 22.61 6.41 31.08
CA PHE A 220 22.42 5.15 30.37
C PHE A 220 23.69 4.31 30.43
N TYR A 221 23.51 2.99 30.44
CA TYR A 221 24.63 2.08 30.30
C TYR A 221 24.10 0.73 29.79
N TRP A 222 24.95 0.01 29.08
CA TRP A 222 24.63 -1.32 28.61
C TRP A 222 24.80 -2.30 29.76
N ARG A 223 23.70 -2.91 30.21
CA ARG A 223 23.74 -3.85 31.32
C ARG A 223 24.30 -5.17 30.84
N GLY A 224 25.47 -5.54 31.36
CA GLY A 224 26.17 -6.73 30.91
C GLY A 224 27.32 -6.47 29.96
N GLY A 225 27.64 -5.21 29.68
CA GLY A 225 28.75 -4.90 28.79
C GLY A 225 28.42 -5.29 27.36
N ASP A 226 29.36 -6.01 26.73
CA ASP A 226 29.17 -6.45 25.35
C ASP A 226 28.14 -7.55 25.21
N LYS A 227 27.67 -8.12 26.32
CA LYS A 227 26.65 -9.16 26.30
C LYS A 227 25.25 -8.60 26.51
N ALA A 228 25.08 -7.27 26.46
CA ALA A 228 23.77 -6.67 26.67
C ALA A 228 22.80 -7.02 25.55
N VAL A 229 23.27 -7.13 24.32
CA VAL A 229 22.44 -7.43 23.16
C VAL A 229 22.67 -8.88 22.76
N THR A 230 21.57 -9.64 22.68
CA THR A 230 21.61 -11.05 22.32
C THR A 230 20.73 -11.30 21.10
N GLY A 231 20.87 -12.49 20.54
CA GLY A 231 20.07 -12.91 19.40
C GLY A 231 20.59 -12.46 18.05
N VAL A 232 21.76 -11.82 18.00
CA VAL A 232 22.30 -11.37 16.72
C VAL A 232 22.65 -12.55 15.84
N GLU A 233 23.21 -13.62 16.41
CA GLU A 233 23.58 -14.80 15.65
C GLU A 233 22.37 -15.51 15.05
N ARG A 234 21.19 -15.33 15.63
CA ARG A 234 19.98 -15.98 15.16
C ARG A 234 19.27 -15.20 14.06
N ILE A 235 19.78 -14.03 13.69
CA ILE A 235 19.15 -13.21 12.66
C ILE A 235 19.41 -13.83 11.29
N GLU A 236 18.34 -14.02 10.51
CA GLU A 236 18.42 -14.67 9.20
C GLU A 236 18.00 -13.65 8.14
N LEU A 237 18.99 -13.04 7.48
CA LEU A 237 18.74 -12.13 6.37
C LEU A 237 19.13 -12.81 5.07
N PRO A 238 18.17 -13.07 4.16
CA PRO A 238 18.53 -13.72 2.90
C PRO A 238 19.53 -12.94 2.06
N GLN A 239 19.48 -11.61 2.11
CA GLN A 239 20.32 -10.77 1.27
C GLN A 239 21.58 -10.28 1.97
N PHE A 240 21.64 -10.34 3.30
CA PHE A 240 22.76 -9.78 4.05
C PHE A 240 23.26 -10.78 5.06
N SER A 241 24.53 -10.60 5.45
CA SER A 241 25.14 -11.34 6.55
C SER A 241 25.68 -10.35 7.56
N ILE A 242 25.45 -10.64 8.84
CA ILE A 242 25.84 -9.73 9.93
C ILE A 242 27.29 -10.06 10.29
N VAL A 243 28.21 -9.21 9.82
CA VAL A 243 29.63 -9.44 10.10
C VAL A 243 29.94 -9.18 11.57
N GLU A 244 29.42 -8.09 12.13
CA GLU A 244 29.77 -7.69 13.48
C GLU A 244 28.72 -6.72 14.01
N HIS A 245 28.58 -6.70 15.33
CA HIS A 245 27.75 -5.71 16.01
C HIS A 245 28.55 -5.10 17.16
N ARG A 246 28.29 -3.82 17.44
CA ARG A 246 29.01 -3.09 18.46
C ARG A 246 28.04 -2.33 19.36
N LEU A 247 28.47 -2.11 20.60
CA LEU A 247 27.70 -1.35 21.58
C LEU A 247 28.52 -0.13 21.99
N VAL A 248 27.90 1.04 21.93
CA VAL A 248 28.57 2.30 22.24
C VAL A 248 27.75 3.05 23.28
N SER A 249 28.41 3.54 24.31
CA SER A 249 27.80 4.38 25.34
C SER A 249 28.53 5.71 25.39
N ARG A 250 27.80 6.80 25.28
CA ARG A 250 28.40 8.13 25.26
C ARG A 250 27.34 9.16 25.60
N ASN A 251 27.79 10.39 25.81
CA ASN A 251 26.93 11.53 26.08
C ASN A 251 27.01 12.51 24.92
N VAL A 252 25.85 13.00 24.49
CA VAL A 252 25.75 13.92 23.36
C VAL A 252 25.27 15.27 23.89
N VAL A 253 25.97 16.34 23.50
CA VAL A 253 25.68 17.68 23.99
C VAL A 253 24.69 18.35 23.05
N PHE A 254 23.62 18.90 23.62
CA PHE A 254 22.61 19.65 22.88
C PHE A 254 22.52 21.05 23.46
N ALA A 255 21.58 21.84 22.92
CA ALA A 255 21.38 23.21 23.41
C ALA A 255 20.89 23.21 24.85
N THR A 256 19.97 22.31 25.19
CA THR A 256 19.43 22.24 26.54
C THR A 256 20.36 21.53 27.52
N GLY A 257 21.35 20.81 27.02
CA GLY A 257 22.29 20.12 27.89
C GLY A 257 22.76 18.82 27.26
N ALA A 258 23.57 18.10 28.01
CA ALA A 258 24.08 16.81 27.57
C ALA A 258 23.05 15.72 27.85
N TYR A 259 22.93 14.77 26.92
CA TYR A 259 21.96 13.70 27.04
C TYR A 259 22.64 12.34 26.93
N PRO A 260 22.17 11.34 27.66
CA PRO A 260 22.72 9.99 27.52
C PRO A 260 22.38 9.39 26.18
N ARG A 261 23.28 8.54 25.68
CA ARG A 261 23.12 7.94 24.37
C ARG A 261 23.67 6.52 24.39
N LEU A 262 22.87 5.58 23.90
CA LEU A 262 23.32 4.21 23.65
C LEU A 262 23.16 3.90 22.18
N SER A 263 24.20 3.33 21.57
CA SER A 263 24.20 3.02 20.15
C SER A 263 24.42 1.52 19.95
N LEU A 264 23.55 0.91 19.15
CA LEU A 264 23.71 -0.47 18.72
C LEU A 264 23.80 -0.47 17.19
N SER A 265 24.92 -0.95 16.67
CA SER A 265 25.19 -0.90 15.24
C SER A 265 25.51 -2.30 14.72
N PHE A 266 25.11 -2.56 13.49
CA PHE A 266 25.39 -3.80 12.79
C PHE A 266 26.13 -3.50 11.50
N ARG A 267 27.11 -4.34 11.16
CA ARG A 267 27.80 -4.26 9.88
C ARG A 267 27.25 -5.36 8.98
N LEU A 268 26.56 -4.97 7.92
CA LEU A 268 25.89 -5.91 7.02
C LEU A 268 26.67 -6.02 5.72
N LYS A 269 26.93 -7.25 5.30
CA LYS A 269 27.58 -7.53 4.02
C LYS A 269 26.57 -8.19 3.10
N ARG A 270 26.36 -7.60 1.92
CA ARG A 270 25.34 -8.09 1.01
C ARG A 270 25.81 -9.36 0.31
N ASN A 271 24.87 -10.29 0.10
CA ASN A 271 25.15 -11.52 -0.62
C ASN A 271 25.02 -11.29 -2.11
N ILE A 272 26.06 -11.65 -2.87
CA ILE A 272 26.09 -11.42 -4.31
C ILE A 272 25.48 -12.55 -5.11
N GLY A 273 25.09 -13.65 -4.45
CA GLY A 273 24.59 -14.80 -5.19
C GLY A 273 23.33 -14.49 -5.99
N TYR A 274 22.42 -13.72 -5.42
CA TYR A 274 21.20 -13.35 -6.14
C TYR A 274 21.51 -12.50 -7.36
N PHE A 275 22.43 -11.55 -7.23
CA PHE A 275 22.69 -10.61 -8.33
C PHE A 275 23.46 -11.25 -9.46
N ILE A 276 24.26 -12.28 -9.17
CA ILE A 276 24.92 -13.03 -10.24
C ILE A 276 23.87 -13.71 -11.12
N LEU A 277 22.88 -14.35 -10.50
CA LEU A 277 21.86 -15.06 -11.26
C LEU A 277 20.90 -14.12 -11.96
N GLN A 278 20.62 -12.95 -11.37
CA GLN A 278 19.56 -12.09 -11.86
C GLN A 278 20.06 -11.04 -12.84
N THR A 279 21.24 -10.45 -12.60
CA THR A 279 21.71 -9.34 -13.42
C THR A 279 23.00 -9.64 -14.16
N TYR A 280 24.01 -10.19 -13.48
CA TYR A 280 25.32 -10.35 -14.10
C TYR A 280 25.29 -11.41 -15.21
N MET A 281 24.71 -12.58 -14.92
CA MET A 281 24.67 -13.64 -15.93
C MET A 281 23.87 -13.24 -17.17
N PRO A 282 22.66 -12.66 -17.07
CA PRO A 282 21.97 -12.23 -18.30
C PRO A 282 22.77 -11.22 -19.11
N SER A 283 23.49 -10.33 -18.45
CA SER A 283 24.32 -9.37 -19.17
C SER A 283 25.44 -10.07 -19.94
N ILE A 284 26.07 -11.07 -19.32
CA ILE A 284 27.12 -11.83 -20.00
C ILE A 284 26.54 -12.61 -21.18
N LEU A 285 25.38 -13.24 -20.99
CA LEU A 285 24.78 -14.04 -22.04
C LEU A 285 24.41 -13.18 -23.25
N ILE A 286 23.88 -11.98 -23.02
CA ILE A 286 23.54 -11.09 -24.12
C ILE A 286 24.81 -10.66 -24.85
N THR A 287 25.89 -10.38 -24.11
CA THR A 287 27.15 -10.02 -24.75
C THR A 287 27.69 -11.17 -25.59
N ILE A 288 27.61 -12.39 -25.08
CA ILE A 288 28.01 -13.56 -25.86
C ILE A 288 27.06 -13.75 -27.04
N LEU A 289 25.78 -13.43 -26.85
CA LEU A 289 24.82 -13.54 -27.95
C LEU A 289 25.20 -12.61 -29.09
N SER A 290 25.72 -11.43 -28.79
CA SER A 290 26.14 -10.50 -29.83
C SER A 290 27.33 -11.01 -30.62
N TRP A 291 28.13 -11.91 -30.05
CA TRP A 291 29.28 -12.47 -30.76
C TRP A 291 28.87 -13.48 -31.82
N VAL A 292 27.63 -13.98 -31.77
CA VAL A 292 27.17 -14.94 -32.77
C VAL A 292 27.13 -14.30 -34.16
N SER A 293 26.88 -12.98 -34.21
CA SER A 293 26.82 -12.28 -35.50
C SER A 293 28.13 -12.37 -36.26
N PHE A 294 29.25 -12.55 -35.54
CA PHE A 294 30.55 -12.63 -36.21
C PHE A 294 30.63 -13.84 -37.13
N TRP A 295 30.07 -14.97 -36.70
CA TRP A 295 30.09 -16.19 -37.51
C TRP A 295 29.02 -16.21 -38.57
N ILE A 296 28.08 -15.27 -38.56
CA ILE A 296 27.06 -15.19 -39.60
C ILE A 296 27.64 -14.50 -40.82
N ASN A 297 27.29 -14.99 -42.00
CA ASN A 297 27.81 -14.42 -43.23
CA ASN A 297 27.81 -14.42 -43.23
C ASN A 297 27.32 -12.97 -43.39
N TYR A 298 28.19 -12.13 -43.95
CA TYR A 298 27.88 -10.71 -44.10
C TYR A 298 26.72 -10.45 -45.05
N ASP A 299 26.39 -11.41 -45.92
CA ASP A 299 25.25 -11.22 -46.81
C ASP A 299 23.93 -11.23 -46.07
N ALA A 300 23.90 -11.81 -44.86
CA ALA A 300 22.69 -11.85 -44.04
C ALA A 300 22.57 -10.53 -43.27
N SER A 301 22.20 -9.48 -44.02
CA SER A 301 22.08 -8.15 -43.43
C SER A 301 20.97 -8.11 -42.38
N ALA A 302 19.81 -8.69 -42.70
CA ALA A 302 18.71 -8.68 -41.75
C ALA A 302 19.05 -9.49 -40.49
N ALA A 303 19.71 -10.63 -40.66
CA ALA A 303 20.03 -11.48 -39.52
C ALA A 303 21.03 -10.82 -38.58
N ARG A 304 22.09 -10.23 -39.13
CA ARG A 304 23.14 -9.66 -38.28
C ARG A 304 22.71 -8.35 -37.65
N VAL A 305 21.93 -7.53 -38.36
CA VAL A 305 21.43 -6.29 -37.78
C VAL A 305 20.41 -6.60 -36.68
N ALA A 306 19.57 -7.62 -36.90
CA ALA A 306 18.63 -8.02 -35.86
C ALA A 306 19.35 -8.49 -34.60
N LEU A 307 20.46 -9.21 -34.76
CA LEU A 307 21.28 -9.58 -33.61
C LEU A 307 21.84 -8.34 -32.92
N GLY A 308 22.30 -7.36 -33.71
CA GLY A 308 22.83 -6.15 -33.13
C GLY A 308 21.77 -5.32 -32.42
N ILE A 309 20.58 -5.21 -33.03
CA ILE A 309 19.52 -4.39 -32.45
C ILE A 309 19.03 -4.99 -31.13
N THR A 310 18.74 -6.29 -31.13
CA THR A 310 18.14 -6.92 -29.95
C THR A 310 19.09 -6.87 -28.75
N THR A 311 20.37 -7.16 -28.98
CA THR A 311 21.34 -7.13 -27.89
C THR A 311 21.49 -5.72 -27.32
N VAL A 312 21.55 -4.71 -28.20
CA VAL A 312 21.68 -3.33 -27.73
C VAL A 312 20.44 -2.92 -26.94
N LEU A 313 19.25 -3.24 -27.46
CA LEU A 313 18.02 -2.87 -26.77
C LEU A 313 17.87 -3.65 -25.46
N THR A 314 18.24 -4.94 -25.46
CA THR A 314 18.13 -5.73 -24.24
C THR A 314 19.04 -5.18 -23.15
N MET A 315 20.26 -4.77 -23.52
CA MET A 315 21.19 -4.23 -22.53
C MET A 315 20.65 -2.96 -21.90
N THR A 316 20.02 -2.09 -22.70
CA THR A 316 19.44 -0.87 -22.15
C THR A 316 18.29 -1.18 -21.20
N THR A 317 17.45 -2.15 -21.56
CA THR A 317 16.32 -2.51 -20.70
C THR A 317 16.79 -3.06 -19.36
N ILE A 318 17.83 -3.90 -19.38
CA ILE A 318 18.35 -4.45 -18.13
C ILE A 318 18.91 -3.34 -17.24
N ASN A 319 19.66 -2.41 -17.82
CA ASN A 319 20.23 -1.32 -17.04
C ASN A 319 19.14 -0.42 -16.47
N THR A 320 18.12 -0.11 -17.26
CA THR A 320 17.08 0.81 -16.80
C THR A 320 16.15 0.14 -15.80
N HIS A 321 15.79 -1.13 -16.04
CA HIS A 321 14.84 -1.81 -15.15
C HIS A 321 15.42 -1.98 -13.75
N LEU A 322 16.70 -2.34 -13.65
CA LEU A 322 17.33 -2.51 -12.34
C LEU A 322 17.39 -1.20 -11.58
N ARG A 323 17.74 -0.11 -12.27
CA ARG A 323 17.90 1.18 -11.61
C ARG A 323 16.57 1.71 -11.07
N GLU A 324 15.45 1.33 -11.68
CA GLU A 324 14.16 1.78 -11.19
C GLU A 324 13.87 1.23 -9.80
N THR A 325 14.28 -0.02 -9.53
CA THR A 325 14.04 -0.61 -8.22
C THR A 325 14.77 0.15 -7.13
N LEU A 326 16.03 0.53 -7.39
CA LEU A 326 16.80 1.28 -6.42
C LEU A 326 16.34 2.73 -6.36
N PRO A 327 16.62 3.43 -5.26
CA PRO A 327 16.26 4.85 -5.19
C PRO A 327 17.04 5.68 -6.19
N LYS A 328 16.46 6.83 -6.55
CA LYS A 328 17.02 7.71 -7.58
C LYS A 328 18.23 8.45 -7.00
N ILE A 329 19.30 7.71 -6.81
CA ILE A 329 20.58 8.26 -6.34
C ILE A 329 21.25 8.98 -7.49
N PRO A 330 22.05 10.02 -7.24
CA PRO A 330 22.68 10.77 -8.33
C PRO A 330 24.01 10.22 -8.82
N TYR A 331 24.60 9.25 -8.14
CA TYR A 331 25.91 8.73 -8.51
C TYR A 331 25.79 7.40 -9.23
N VAL A 332 26.93 6.89 -9.69
CA VAL A 332 26.99 5.64 -10.46
C VAL A 332 27.36 4.50 -9.52
N LYS A 333 26.62 3.41 -9.61
CA LYS A 333 26.87 2.23 -8.79
C LYS A 333 27.87 1.30 -9.48
N ALA A 334 28.35 0.31 -8.71
CA ALA A 334 29.26 -0.67 -9.26
C ALA A 334 28.58 -1.51 -10.34
N ILE A 335 27.32 -1.88 -10.13
CA ILE A 335 26.59 -2.66 -11.12
C ILE A 335 26.35 -1.83 -12.38
N ASP A 336 26.13 -0.52 -12.22
CA ASP A 336 25.93 0.34 -13.38
C ASP A 336 27.19 0.38 -14.25
N MET A 337 28.36 0.37 -13.63
CA MET A 337 29.61 0.33 -14.39
C MET A 337 29.70 -0.93 -15.25
N TYR A 338 29.33 -2.07 -14.68
CA TYR A 338 29.35 -3.31 -15.44
C TYR A 338 28.33 -3.31 -16.56
N LEU A 339 27.13 -2.80 -16.30
CA LEU A 339 26.09 -2.75 -17.32
C LEU A 339 26.48 -1.81 -18.45
N MET A 340 27.06 -0.65 -18.13
CA MET A 340 27.50 0.27 -19.17
C MET A 340 28.66 -0.31 -19.97
N GLY A 341 29.54 -1.06 -19.31
CA GLY A 341 30.62 -1.72 -20.02
C GLY A 341 30.12 -2.77 -20.99
N CYS A 342 29.12 -3.54 -20.59
CA CYS A 342 28.53 -4.53 -21.49
C CYS A 342 27.80 -3.87 -22.65
N PHE A 343 27.27 -2.66 -22.44
CA PHE A 343 26.62 -1.94 -23.53
C PHE A 343 27.63 -1.56 -24.62
N VAL A 344 28.85 -1.20 -24.23
CA VAL A 344 29.85 -0.81 -25.20
C VAL A 344 30.21 -1.99 -26.10
N PHE A 345 30.37 -3.18 -25.51
CA PHE A 345 30.76 -4.35 -26.30
C PHE A 345 29.70 -4.73 -27.31
N VAL A 346 28.42 -4.74 -26.90
CA VAL A 346 27.36 -5.09 -27.86
C VAL A 346 27.17 -3.99 -28.88
N PHE A 347 27.33 -2.72 -28.48
CA PHE A 347 27.21 -1.63 -29.44
C PHE A 347 28.33 -1.66 -30.47
N LEU A 348 29.55 -1.96 -30.05
CA LEU A 348 30.66 -2.08 -30.99
C LEU A 348 30.48 -3.28 -31.91
N ALA A 349 29.85 -4.35 -31.43
CA ALA A 349 29.59 -5.50 -32.28
C ALA A 349 28.68 -5.14 -33.44
N LEU A 350 27.62 -4.37 -33.18
CA LEU A 350 26.76 -3.90 -34.27
C LEU A 350 27.50 -2.95 -35.19
N LEU A 351 28.31 -2.05 -34.63
CA LEU A 351 29.11 -1.15 -35.46
C LEU A 351 30.15 -1.91 -36.26
N GLU A 352 30.59 -3.07 -35.77
CA GLU A 352 31.56 -3.88 -36.52
C GLU A 352 30.96 -4.35 -37.83
N TYR A 353 29.72 -4.84 -37.81
CA TYR A 353 29.09 -5.27 -39.04
C TYR A 353 28.76 -4.10 -39.96
N ALA A 354 28.41 -2.95 -39.38
CA ALA A 354 28.14 -1.77 -40.20
C ALA A 354 29.38 -1.38 -41.00
N PHE A 355 30.56 -1.45 -40.37
CA PHE A 355 31.79 -1.22 -41.11
C PHE A 355 32.03 -2.32 -42.15
N VAL A 356 31.76 -3.57 -41.79
CA VAL A 356 31.93 -4.67 -42.74
C VAL A 356 30.93 -4.54 -43.89
N ASN A 357 29.67 -4.26 -43.58
CA ASN A 357 28.66 -4.09 -44.61
C ASN A 357 28.99 -2.91 -45.52
N TYR A 358 29.73 -1.93 -45.02
CA TYR A 358 30.07 -0.74 -45.80
C TYR A 358 31.19 -1.00 -46.80
N ILE A 359 31.98 -2.05 -46.62
CA ILE A 359 33.13 -2.30 -47.49
C ILE A 359 33.13 -3.72 -48.03
N PHE A 360 32.07 -4.47 -47.76
CA PHE A 360 32.05 -5.88 -48.16
C PHE A 360 32.02 -6.03 -49.68
N PHE A 361 31.28 -5.15 -50.37
CA PHE A 361 31.21 -5.24 -51.82
C PHE A 361 32.52 -4.78 -52.47
N SER A 362 33.07 -3.66 -52.01
CA SER A 362 34.28 -3.13 -52.61
C SER A 362 35.51 -3.94 -52.23
N GLN A 363 35.62 -4.31 -50.96
CA GLN A 363 36.78 -5.03 -50.43
C GLN A 363 36.32 -6.27 -49.68
N PRO A 364 35.91 -7.31 -50.40
CA PRO A 364 35.46 -8.54 -49.72
C PRO A 364 36.54 -9.20 -48.89
N ALA A 365 37.81 -9.13 -49.33
CA ALA A 365 38.89 -9.75 -48.57
C ALA A 365 39.10 -9.06 -47.23
N ARG A 366 39.07 -7.73 -47.21
CA ARG A 366 39.27 -7.00 -45.96
C ARG A 366 38.08 -7.19 -45.02
N ALA A 367 36.86 -7.25 -45.57
CA ALA A 367 35.68 -7.45 -44.74
C ALA A 367 35.71 -8.81 -44.04
N ALA A 368 36.17 -9.84 -44.75
CA ALA A 368 36.25 -11.17 -44.15
C ALA A 368 37.26 -11.20 -43.01
N ALA A 369 38.37 -10.47 -43.16
CA ALA A 369 39.38 -10.43 -42.11
C ALA A 369 38.83 -9.80 -40.83
N ILE A 370 38.05 -8.74 -40.96
CA ILE A 370 37.49 -8.07 -39.79
C ILE A 370 36.58 -9.00 -39.01
N ASP A 371 35.73 -9.77 -39.72
CA ASP A 371 34.89 -10.75 -39.05
C ASP A 371 35.72 -11.82 -38.37
N ARG A 372 36.79 -12.28 -39.03
CA ARG A 372 37.63 -13.33 -38.45
C ARG A 372 38.33 -12.82 -37.20
N TRP A 373 38.85 -11.59 -37.22
CA TRP A 373 39.53 -11.06 -36.04
C TRP A 373 38.54 -10.70 -34.94
N SER A 374 37.30 -10.33 -35.30
CA SER A 374 36.31 -10.00 -34.29
C SER A 374 35.94 -11.21 -33.44
N ARG A 375 36.08 -12.42 -33.98
CA ARG A 375 35.82 -13.63 -33.23
C ARG A 375 36.84 -13.88 -32.13
N ILE A 376 37.97 -13.17 -32.15
CA ILE A 376 39.02 -13.34 -31.16
C ILE A 376 39.14 -12.13 -30.25
N VAL A 377 39.12 -10.92 -30.82
CA VAL A 377 39.32 -9.71 -30.03
C VAL A 377 38.16 -9.50 -29.05
N PHE A 378 36.93 -9.63 -29.54
CA PHE A 378 35.77 -9.37 -28.70
C PHE A 378 35.67 -10.34 -27.51
N PRO A 379 35.77 -11.66 -27.68
CA PRO A 379 35.78 -12.52 -26.49
C PRO A 379 36.95 -12.25 -25.56
N PHE A 380 38.12 -11.91 -26.11
CA PHE A 380 39.30 -11.70 -25.26
C PHE A 380 39.21 -10.38 -24.51
N THR A 381 38.75 -9.32 -25.17
CA THR A 381 38.63 -8.03 -24.51
C THR A 381 37.57 -8.07 -23.42
N PHE A 382 36.45 -8.76 -23.66
CA PHE A 382 35.41 -8.87 -22.65
C PHE A 382 35.91 -9.64 -21.44
N SER A 383 36.71 -10.69 -21.66
CA SER A 383 37.32 -11.40 -20.54
C SER A 383 38.25 -10.49 -19.76
N LEU A 384 39.02 -9.65 -20.46
CA LEU A 384 39.88 -8.69 -19.79
CA LEU A 384 39.88 -8.69 -19.79
C LEU A 384 39.07 -7.69 -18.97
N PHE A 385 37.95 -7.23 -19.53
CA PHE A 385 37.10 -6.27 -18.82
C PHE A 385 36.55 -6.86 -17.53
N ASN A 386 36.15 -8.14 -17.56
CA ASN A 386 35.67 -8.79 -16.34
C ASN A 386 36.80 -8.96 -15.33
N LEU A 387 38.02 -9.21 -15.81
CA LEU A 387 39.14 -9.43 -14.88
C LEU A 387 39.43 -8.18 -14.07
N VAL A 388 39.55 -7.03 -14.74
CA VAL A 388 39.85 -5.80 -14.03
C VAL A 388 38.67 -5.36 -13.17
N TYR A 389 37.45 -5.58 -13.65
CA TYR A 389 36.26 -5.15 -12.91
C TYR A 389 36.13 -5.93 -11.60
N TRP A 390 36.23 -7.25 -11.66
CA TRP A 390 35.97 -8.06 -10.47
C TRP A 390 37.09 -7.94 -9.45
N LEU A 391 38.34 -7.82 -9.92
CA LEU A 391 39.46 -7.67 -8.99
C LEU A 391 39.36 -6.37 -8.21
N TYR A 392 38.91 -5.30 -8.87
CA TYR A 392 38.79 -4.01 -8.21
C TYR A 392 37.77 -4.04 -7.08
N TYR A 393 36.64 -4.69 -7.31
CA TYR A 393 35.54 -4.70 -6.35
C TYR A 393 35.58 -5.87 -5.38
N VAL A 394 36.60 -6.72 -5.45
CA VAL A 394 36.70 -7.84 -4.51
C VAL A 394 37.79 -7.56 -3.48
N ASN B 58 11.89 22.69 51.30
CA ASN B 58 13.18 23.15 51.80
C ASN B 58 14.32 22.58 50.97
N ASP B 59 14.66 21.32 51.23
CA ASP B 59 15.73 20.67 50.49
C ASP B 59 15.28 20.39 49.06
N PRO B 60 16.08 20.75 48.05
CA PRO B 60 15.70 20.40 46.67
C PRO B 60 15.58 18.91 46.45
N GLY B 61 16.38 18.11 47.15
CA GLY B 61 16.30 16.67 47.04
C GLY B 61 15.18 16.02 47.81
N ASN B 62 14.41 16.79 48.57
CA ASN B 62 13.26 16.27 49.31
C ASN B 62 12.08 16.16 48.35
N MET B 63 11.74 14.92 47.97
CA MET B 63 10.70 14.72 46.97
C MET B 63 9.32 15.06 47.50
N SER B 64 9.11 14.96 48.82
CA SER B 64 7.83 15.32 49.41
C SER B 64 7.56 16.81 49.24
N PHE B 65 8.58 17.65 49.44
CA PHE B 65 8.42 19.09 49.24
C PHE B 65 8.16 19.42 47.78
N VAL B 66 8.87 18.76 46.87
CA VAL B 66 8.65 18.99 45.45
C VAL B 66 7.26 18.56 45.04
N LYS B 67 6.80 17.40 45.53
CA LYS B 67 5.46 16.92 45.19
C LYS B 67 4.38 17.89 45.70
N GLU B 68 4.56 18.41 46.91
CA GLU B 68 3.59 19.36 47.45
C GLU B 68 3.58 20.65 46.64
N THR B 69 4.75 21.11 46.19
CA THR B 69 4.81 22.32 45.39
C THR B 69 4.09 22.14 44.06
N VAL B 70 4.29 21.01 43.39
CA VAL B 70 3.63 20.77 42.12
C VAL B 70 2.13 20.60 42.31
N ASP B 71 1.71 19.95 43.40
CA ASP B 71 0.29 19.79 43.67
C ASP B 71 -0.38 21.13 43.89
N LYS B 72 0.31 22.07 44.53
CA LYS B 72 -0.27 23.40 44.74
C LYS B 72 -0.47 24.13 43.41
N LEU B 73 0.45 23.95 42.47
CA LEU B 73 0.33 24.61 41.17
C LEU B 73 -0.90 24.14 40.43
N LEU B 74 -1.19 22.84 40.46
CA LEU B 74 -2.29 22.27 39.72
C LEU B 74 -3.62 22.34 40.45
N LYS B 75 -3.63 22.77 41.71
CA LYS B 75 -4.87 22.90 42.46
C LYS B 75 -5.58 24.18 42.03
N GLY B 76 -6.79 24.03 41.51
CA GLY B 76 -7.52 25.16 40.95
C GLY B 76 -7.09 25.56 39.57
N TYR B 77 -6.18 24.83 38.94
CA TYR B 77 -5.72 25.13 37.60
C TYR B 77 -6.79 24.72 36.59
N ASP B 78 -7.14 25.64 35.70
CA ASP B 78 -8.16 25.41 34.67
C ASP B 78 -7.47 25.31 33.32
N ILE B 79 -7.46 24.10 32.75
CA ILE B 79 -6.85 23.90 31.45
C ILE B 79 -7.65 24.57 30.33
N ARG B 80 -8.93 24.88 30.59
CA ARG B 80 -9.76 25.49 29.56
C ARG B 80 -9.40 26.95 29.29
N LEU B 81 -8.65 27.59 30.19
CA LEU B 81 -8.32 28.99 30.08
C LEU B 81 -6.84 29.15 29.74
N ARG B 82 -6.55 29.97 28.74
CA ARG B 82 -5.18 30.27 28.38
C ARG B 82 -4.54 31.15 29.46
N PRO B 83 -3.21 31.17 29.55
CA PRO B 83 -2.54 32.10 30.46
C PRO B 83 -2.89 33.55 30.12
N ASP B 84 -3.06 34.35 31.18
CA ASP B 84 -3.48 35.75 31.03
C ASP B 84 -4.78 35.87 30.23
N PHE B 85 -5.73 34.97 30.54
CA PHE B 85 -7.02 34.99 29.86
C PHE B 85 -7.72 36.32 30.12
N GLY B 86 -8.25 36.92 29.06
CA GLY B 86 -8.89 38.21 29.15
C GLY B 86 -7.94 39.39 29.20
N GLY B 87 -6.64 39.16 29.05
CA GLY B 87 -5.67 40.22 29.07
C GLY B 87 -4.80 40.23 27.83
N PRO B 88 -3.53 40.60 27.99
CA PRO B 88 -2.64 40.62 26.84
C PRO B 88 -2.44 39.23 26.28
N PRO B 89 -2.22 39.11 24.97
CA PRO B 89 -2.01 37.78 24.37
C PRO B 89 -0.74 37.14 24.90
N VAL B 90 -0.78 35.81 25.01
CA VAL B 90 0.38 35.05 25.43
C VAL B 90 1.30 34.82 24.24
N CYS B 91 2.56 35.19 24.38
CA CYS B 91 3.54 35.03 23.32
C CYS B 91 4.16 33.64 23.38
N VAL B 92 4.15 32.95 22.25
CA VAL B 92 4.66 31.59 22.15
C VAL B 92 5.88 31.61 21.22
N GLY B 93 7.03 31.22 21.75
CA GLY B 93 8.25 31.12 20.96
C GLY B 93 8.44 29.69 20.49
N MET B 94 8.88 29.55 19.24
CA MET B 94 8.98 28.25 18.62
C MET B 94 10.36 28.04 18.00
N ASN B 95 10.91 26.85 18.22
N ASN B 95 10.91 26.85 18.19
CA ASN B 95 12.16 26.40 17.61
CA ASN B 95 12.16 26.46 17.55
C ASN B 95 11.94 25.02 17.01
C ASN B 95 12.04 25.02 17.07
N ILE B 96 12.62 24.73 15.91
CA ILE B 96 12.51 23.45 15.25
C ILE B 96 13.91 22.86 15.09
N ASP B 97 14.07 21.61 15.50
CA ASP B 97 15.27 20.83 15.25
C ASP B 97 14.91 19.75 14.23
N ILE B 98 15.26 19.98 12.97
CA ILE B 98 14.86 19.09 11.89
C ILE B 98 15.70 17.83 11.96
N ALA B 99 15.07 16.69 12.26
CA ALA B 99 15.78 15.42 12.30
C ALA B 99 16.18 14.98 10.89
N SER B 100 15.23 15.01 9.96
CA SER B 100 15.48 14.57 8.60
C SER B 100 14.28 14.93 7.73
N ILE B 101 14.50 14.92 6.42
CA ILE B 101 13.45 15.00 5.43
C ILE B 101 13.41 13.64 4.74
N ASP B 102 12.34 12.88 5.00
CA ASP B 102 12.31 11.48 4.58
C ASP B 102 12.29 11.34 3.06
N MET B 103 11.38 12.05 2.40
CA MET B 103 11.23 11.90 0.96
C MET B 103 10.50 13.11 0.40
N VAL B 104 10.68 13.32 -0.90
CA VAL B 104 9.99 14.37 -1.64
C VAL B 104 9.28 13.70 -2.82
N SER B 105 7.96 13.78 -2.83
CA SER B 105 7.13 13.06 -3.79
C SER B 105 6.55 14.04 -4.80
N GLU B 106 6.94 13.90 -6.06
CA GLU B 106 6.32 14.68 -7.13
C GLU B 106 4.93 14.16 -7.46
N VAL B 107 4.71 12.86 -7.31
CA VAL B 107 3.40 12.27 -7.62
C VAL B 107 2.33 12.81 -6.68
N ASN B 108 2.63 12.82 -5.38
CA ASN B 108 1.67 13.27 -4.38
C ASN B 108 1.82 14.75 -4.03
N MET B 109 2.84 15.42 -4.57
CA MET B 109 3.07 16.84 -4.31
C MET B 109 3.18 17.12 -2.81
N ASP B 110 4.07 16.37 -2.14
CA ASP B 110 4.23 16.51 -0.70
C ASP B 110 5.62 16.00 -0.32
N TYR B 111 6.02 16.34 0.91
CA TYR B 111 7.28 15.88 1.48
C TYR B 111 7.05 15.48 2.92
N THR B 112 7.87 14.56 3.41
CA THR B 112 7.78 14.05 4.76
C THR B 112 8.89 14.64 5.61
N LEU B 113 8.51 15.21 6.76
CA LEU B 113 9.45 15.91 7.63
C LEU B 113 9.36 15.36 9.04
N THR B 114 10.51 15.01 9.62
CA THR B 114 10.61 14.63 11.02
C THR B 114 11.44 15.66 11.75
N MET B 115 10.94 16.14 12.89
CA MET B 115 11.55 17.27 13.56
C MET B 115 11.24 17.23 15.04
N TYR B 116 12.02 18.00 15.80
CA TYR B 116 11.76 18.27 17.21
C TYR B 116 11.09 19.64 17.30
N PHE B 117 9.81 19.65 17.67
CA PHE B 117 9.02 20.88 17.73
C PHE B 117 8.92 21.33 19.17
N GLN B 118 9.46 22.51 19.47
CA GLN B 118 9.48 23.04 20.82
C GLN B 118 8.71 24.36 20.88
N GLN B 119 7.92 24.52 21.94
CA GLN B 119 7.13 25.72 22.16
C GLN B 119 7.50 26.32 23.52
N TYR B 120 7.63 27.65 23.53
CA TYR B 120 8.08 28.39 24.71
CA TYR B 120 8.07 28.38 24.71
C TYR B 120 7.04 29.44 25.05
N TRP B 121 6.52 29.40 26.27
CA TRP B 121 5.57 30.40 26.73
C TRP B 121 5.59 30.45 28.26
N ARG B 122 5.05 31.53 28.79
CA ARG B 122 5.05 31.78 30.23
C ARG B 122 3.63 31.69 30.76
N ASP B 123 3.45 30.88 31.81
CA ASP B 123 2.18 30.73 32.50
C ASP B 123 2.41 31.07 33.97
N LYS B 124 1.93 32.24 34.40
CA LYS B 124 2.16 32.68 35.77
C LYS B 124 1.48 31.79 36.79
N ARG B 125 0.45 31.03 36.39
CA ARG B 125 -0.18 30.09 37.30
C ARG B 125 0.76 28.97 37.72
N LEU B 126 1.82 28.72 36.94
CA LEU B 126 2.76 27.65 37.21
C LEU B 126 4.04 28.14 37.87
N ALA B 127 4.10 29.41 38.25
CA ALA B 127 5.28 29.93 38.93
C ALA B 127 5.40 29.34 40.32
N TYR B 128 6.62 28.96 40.70
CA TYR B 128 6.90 28.38 42.00
C TYR B 128 8.14 29.03 42.61
N SER B 129 8.20 29.03 43.93
CA SER B 129 9.30 29.63 44.66
C SER B 129 9.85 28.63 45.67
N GLY B 130 11.10 28.84 46.07
CA GLY B 130 11.77 27.99 47.02
C GLY B 130 12.55 26.85 46.41
N ILE B 131 12.42 26.60 45.11
CA ILE B 131 13.17 25.57 44.42
C ILE B 131 14.00 26.24 43.33
N PRO B 132 15.31 26.44 43.57
CA PRO B 132 16.18 27.09 42.60
C PRO B 132 16.63 26.18 41.46
N LEU B 133 15.66 25.46 40.87
CA LEU B 133 15.95 24.52 39.80
C LEU B 133 14.81 24.52 38.81
N ASN B 134 15.11 24.08 37.60
CA ASN B 134 14.09 23.89 36.57
C ASN B 134 13.52 22.48 36.67
N LEU B 135 12.20 22.38 36.75
CA LEU B 135 11.53 21.12 37.00
C LEU B 135 11.24 20.42 35.68
N THR B 136 12.00 19.36 35.39
CA THR B 136 11.72 18.49 34.25
C THR B 136 10.77 17.39 34.75
N LEU B 137 9.52 17.46 34.33
CA LEU B 137 8.49 16.54 34.81
C LEU B 137 8.23 15.45 33.77
N ASP B 138 7.51 14.42 34.22
CA ASP B 138 7.08 13.36 33.32
C ASP B 138 6.14 13.92 32.26
N ASN B 139 6.23 13.37 31.05
CA ASN B 139 5.50 13.92 29.92
C ASN B 139 3.98 13.86 30.12
N ARG B 140 3.50 12.97 30.98
CA ARG B 140 2.06 12.85 31.21
C ARG B 140 1.47 14.05 31.93
N VAL B 141 2.30 14.93 32.51
CA VAL B 141 1.80 16.14 33.13
C VAL B 141 1.30 17.15 32.11
N ALA B 142 1.65 16.99 30.83
CA ALA B 142 1.20 17.91 29.81
C ALA B 142 -0.31 17.85 29.62
N ASP B 143 -0.92 16.69 29.87
CA ASP B 143 -2.37 16.57 29.74
C ASP B 143 -3.11 17.33 30.82
N GLN B 144 -2.43 17.75 31.88
CA GLN B 144 -3.03 18.51 32.96
C GLN B 144 -2.71 20.00 32.86
N LEU B 145 -2.12 20.44 31.75
CA LEU B 145 -1.71 21.82 31.56
C LEU B 145 -2.28 22.35 30.26
N TRP B 146 -2.51 23.66 30.24
CA TRP B 146 -2.87 24.32 28.99
C TRP B 146 -1.68 24.32 28.05
N VAL B 147 -1.91 23.99 26.79
CA VAL B 147 -0.87 24.06 25.75
C VAL B 147 -1.45 24.81 24.55
N PRO B 148 -0.61 25.48 23.77
CA PRO B 148 -1.14 26.16 22.57
C PRO B 148 -1.73 25.17 21.58
N ASP B 149 -2.77 25.60 20.89
CA ASP B 149 -3.43 24.77 19.87
C ASP B 149 -2.72 24.89 18.52
N THR B 150 -1.41 24.65 18.54
CA THR B 150 -0.61 24.80 17.33
C THR B 150 -0.88 23.65 16.37
N TYR B 151 -1.06 23.97 15.09
CA TYR B 151 -1.25 22.99 14.05
C TYR B 151 -0.56 23.46 12.79
N PHE B 152 -0.30 22.51 11.89
CA PHE B 152 0.39 22.79 10.64
C PHE B 152 -0.63 22.96 9.52
N LEU B 153 -0.62 24.13 8.89
CA LEU B 153 -1.70 24.49 7.96
C LEU B 153 -1.73 23.58 6.73
N ASN B 154 -0.57 23.28 6.16
CA ASN B 154 -0.49 22.57 4.89
C ASN B 154 -0.18 21.09 5.04
N ASP B 155 -0.22 20.55 6.25
CA ASP B 155 0.10 19.14 6.43
C ASP B 155 -1.05 18.26 5.92
N LYS B 156 -0.70 17.05 5.51
CA LYS B 156 -1.67 16.05 5.06
C LYS B 156 -1.89 14.94 6.07
N LYS B 157 -0.82 14.45 6.69
CA LYS B 157 -0.91 13.47 7.77
C LYS B 157 0.31 13.65 8.65
N SER B 158 0.09 13.65 9.96
CA SER B 158 1.18 13.80 10.92
C SER B 158 0.86 13.05 12.20
N PHE B 159 1.90 12.74 12.95
CA PHE B 159 1.74 12.00 14.20
C PHE B 159 2.90 12.32 15.12
N VAL B 160 2.71 12.03 16.40
CA VAL B 160 3.74 12.14 17.42
C VAL B 160 4.21 10.74 17.77
N HIS B 161 5.52 10.52 17.76
CA HIS B 161 6.07 9.21 18.08
C HIS B 161 5.75 8.84 19.51
N GLY B 162 5.46 7.56 19.74
CA GLY B 162 5.03 7.11 21.05
C GLY B 162 5.74 5.89 21.59
N VAL B 163 6.99 5.68 21.20
CA VAL B 163 7.81 4.57 21.67
C VAL B 163 9.11 5.14 22.21
N THR B 164 9.49 4.74 23.42
CA THR B 164 8.72 3.82 24.27
C THR B 164 7.55 4.51 24.94
N VAL B 165 7.71 5.79 25.23
CA VAL B 165 6.61 6.62 25.72
C VAL B 165 6.33 7.67 24.66
N LYS B 166 5.31 8.49 24.87
CA LYS B 166 5.03 9.57 23.95
C LYS B 166 6.23 10.52 23.89
N ASN B 167 6.69 10.80 22.67
CA ASN B 167 7.89 11.62 22.46
C ASN B 167 7.54 13.07 22.78
N ARG B 168 7.52 13.37 24.07
CA ARG B 168 7.04 14.64 24.59
C ARG B 168 7.80 14.96 25.86
N MET B 169 8.07 16.24 26.08
CA MET B 169 8.78 16.67 27.28
C MET B 169 8.17 17.97 27.81
N ILE B 170 8.17 18.10 29.13
CA ILE B 170 7.68 19.29 29.81
C ILE B 170 8.76 19.74 30.79
N ARG B 171 9.14 21.01 30.70
CA ARG B 171 10.12 21.60 31.61
C ARG B 171 9.55 22.90 32.15
N LEU B 172 9.47 22.99 33.48
CA LEU B 172 8.96 24.18 34.14
C LEU B 172 10.12 25.03 34.67
N HIS B 173 9.85 26.31 34.86
CA HIS B 173 10.82 27.26 35.36
C HIS B 173 10.19 28.07 36.50
N PRO B 174 11.01 28.59 37.42
CA PRO B 174 10.44 29.28 38.59
C PRO B 174 9.53 30.44 38.25
N ASP B 175 9.80 31.17 37.17
CA ASP B 175 8.96 32.30 36.80
C ASP B 175 7.64 31.88 36.14
N GLY B 176 7.46 30.60 35.87
CA GLY B 176 6.25 30.10 35.24
C GLY B 176 6.40 29.76 33.77
N THR B 177 7.59 29.85 33.21
CA THR B 177 7.80 29.53 31.81
C THR B 177 7.72 28.02 31.60
N VAL B 178 7.13 27.62 30.48
CA VAL B 178 6.93 26.21 30.14
C VAL B 178 7.67 25.92 28.84
N LEU B 179 8.48 24.86 28.85
CA LEU B 179 9.11 24.32 27.65
C LEU B 179 8.38 23.05 27.27
N TYR B 180 7.84 23.02 26.05
CA TYR B 180 7.00 21.91 25.59
C TYR B 180 7.56 21.43 24.26
N GLY B 181 8.07 20.21 24.24
CA GLY B 181 8.71 19.64 23.06
C GLY B 181 7.98 18.42 22.55
N LEU B 182 7.91 18.29 21.23
CA LEU B 182 7.27 17.16 20.57
C LEU B 182 8.11 16.71 19.39
N ARG B 183 8.26 15.39 19.24
CA ARG B 183 8.91 14.81 18.07
C ARG B 183 7.81 14.40 17.09
N ILE B 184 7.73 15.09 15.96
CA ILE B 184 6.62 14.96 15.04
C ILE B 184 7.15 14.58 13.67
N THR B 185 6.52 13.57 13.05
CA THR B 185 6.72 13.27 11.64
C THR B 185 5.48 13.75 10.89
N THR B 186 5.68 14.66 9.96
CA THR B 186 4.58 15.29 9.24
C THR B 186 4.79 15.15 7.73
N THR B 187 3.69 14.92 7.01
CA THR B 187 3.66 14.94 5.56
C THR B 187 2.93 16.22 5.14
N ALA B 188 3.66 17.17 4.57
CA ALA B 188 3.13 18.47 4.23
C ALA B 188 3.01 18.60 2.72
N ALA B 189 1.85 19.09 2.26
CA ALA B 189 1.63 19.27 0.84
C ALA B 189 2.55 20.35 0.28
N CYS B 190 3.02 20.14 -0.94
CA CYS B 190 3.89 21.10 -1.61
C CYS B 190 3.60 21.05 -3.11
N MET B 191 2.93 22.09 -3.62
CA MET B 191 2.71 22.19 -5.06
C MET B 191 4.03 22.47 -5.76
N MET B 192 4.34 21.68 -6.78
CA MET B 192 5.60 21.78 -7.50
CA MET B 192 5.60 21.78 -7.50
C MET B 192 5.33 22.08 -8.97
N ASP B 193 6.06 23.06 -9.52
CA ASP B 193 5.96 23.41 -10.92
C ASP B 193 6.99 22.59 -11.69
N LEU B 194 6.51 21.67 -12.53
CA LEU B 194 7.36 20.72 -13.21
C LEU B 194 7.61 21.09 -14.67
N ARG B 195 7.46 22.36 -15.03
CA ARG B 195 7.70 22.77 -16.41
C ARG B 195 9.17 22.59 -16.79
N ARG B 196 10.08 22.86 -15.86
CA ARG B 196 11.51 22.69 -16.09
C ARG B 196 12.04 21.37 -15.56
N TYR B 197 11.16 20.43 -15.23
CA TYR B 197 11.58 19.14 -14.75
C TYR B 197 12.42 18.42 -15.80
N PRO B 198 13.52 17.76 -15.42
CA PRO B 198 14.06 17.60 -14.06
C PRO B 198 15.05 18.68 -13.65
N LEU B 199 15.15 19.78 -14.40
CA LEU B 199 16.05 20.88 -14.05
C LEU B 199 15.34 21.99 -13.28
N ASP B 200 14.32 21.65 -12.51
CA ASP B 200 13.50 22.63 -11.82
C ASP B 200 14.01 22.88 -10.40
N GLU B 201 13.58 24.00 -9.84
CA GLU B 201 13.87 24.36 -8.46
C GLU B 201 12.55 24.54 -7.72
N GLN B 202 12.44 23.95 -6.54
CA GLN B 202 11.18 23.89 -5.81
C GLN B 202 11.29 24.59 -4.47
N ASN B 203 10.17 25.12 -4.01
CA ASN B 203 10.08 25.85 -2.74
C ASN B 203 8.92 25.25 -1.94
N CYS B 204 9.26 24.44 -0.94
CA CYS B 204 8.28 23.80 -0.08
C CYS B 204 8.31 24.46 1.30
N THR B 205 7.14 24.74 1.85
CA THR B 205 6.99 25.48 3.09
C THR B 205 6.34 24.60 4.15
N LEU B 206 6.40 25.09 5.40
CA LEU B 206 5.71 24.49 6.53
C LEU B 206 5.02 25.61 7.29
N GLU B 207 3.70 25.73 7.11
CA GLU B 207 2.93 26.81 7.70
C GLU B 207 2.46 26.42 9.10
N ILE B 208 2.72 27.29 10.07
CA ILE B 208 2.40 27.04 11.48
C ILE B 208 1.41 28.11 11.93
N GLU B 209 0.30 27.67 12.53
CA GLU B 209 -0.77 28.58 12.88
C GLU B 209 -1.49 28.07 14.12
N SER B 210 -2.17 28.99 14.81
CA SER B 210 -3.05 28.65 15.92
C SER B 210 -4.45 28.38 15.40
N TYR B 211 -5.04 27.26 15.85
CA TYR B 211 -6.31 26.84 15.28
C TYR B 211 -7.48 27.67 15.78
N GLY B 212 -7.51 27.99 17.07
CA GLY B 212 -8.70 28.61 17.64
C GLY B 212 -8.52 30.01 18.20
N TYR B 213 -7.29 30.38 18.52
CA TYR B 213 -7.01 31.67 19.16
C TYR B 213 -6.54 32.67 18.12
N THR B 214 -7.11 33.87 18.17
CA THR B 214 -6.70 34.95 17.27
C THR B 214 -5.46 35.65 17.83
N THR B 215 -5.03 36.71 17.16
CA THR B 215 -3.87 37.46 17.62
C THR B 215 -4.13 38.20 18.92
N ASP B 216 -5.39 38.42 19.28
CA ASP B 216 -5.71 39.04 20.56
C ASP B 216 -5.48 38.08 21.74
N ASP B 217 -5.31 36.80 21.48
CA ASP B 217 -5.10 35.80 22.53
C ASP B 217 -3.73 35.15 22.48
N ILE B 218 -3.18 34.89 21.30
CA ILE B 218 -1.90 34.21 21.15
CA ILE B 218 -1.91 34.20 21.14
C ILE B 218 -1.10 34.90 20.06
N GLU B 219 0.21 35.01 20.29
CA GLU B 219 1.14 35.58 19.31
C GLU B 219 2.28 34.59 19.10
N PHE B 220 2.77 34.51 17.87
CA PHE B 220 3.86 33.62 17.50
C PHE B 220 5.11 34.41 17.18
N TYR B 221 6.26 33.82 17.45
CA TYR B 221 7.54 34.37 17.04
C TYR B 221 8.57 33.26 17.00
N TRP B 222 9.56 33.42 16.11
CA TRP B 222 10.67 32.48 16.04
C TRP B 222 11.66 32.79 17.17
N ARG B 223 11.81 31.86 18.10
CA ARG B 223 12.70 32.06 19.24
C ARG B 223 14.14 31.87 18.79
N GLY B 224 14.92 32.94 18.84
CA GLY B 224 16.28 32.93 18.34
C GLY B 224 16.46 33.55 16.98
N GLY B 225 15.41 34.14 16.40
CA GLY B 225 15.54 34.77 15.10
C GLY B 225 15.77 33.76 14.01
N ASP B 226 16.78 34.02 13.18
CA ASP B 226 17.11 33.12 12.07
C ASP B 226 17.74 31.81 12.54
N LYS B 227 18.09 31.70 13.82
CA LYS B 227 18.67 30.49 14.37
C LYS B 227 17.63 29.60 15.04
N ALA B 228 16.34 29.90 14.85
CA ALA B 228 15.29 29.10 15.48
C ALA B 228 15.24 27.69 14.91
N VAL B 229 15.52 27.51 13.62
CA VAL B 229 15.47 26.22 12.97
C VAL B 229 16.89 25.73 12.75
N THR B 230 17.19 24.53 13.24
CA THR B 230 18.51 23.92 13.12
C THR B 230 18.40 22.58 12.40
N GLY B 231 19.55 22.04 12.04
CA GLY B 231 19.63 20.74 11.39
C GLY B 231 19.39 20.74 9.90
N VAL B 232 19.24 21.92 9.27
CA VAL B 232 19.02 21.97 7.84
C VAL B 232 20.25 21.45 7.08
N GLU B 233 21.45 21.82 7.55
CA GLU B 233 22.67 21.39 6.88
C GLU B 233 22.87 19.89 6.96
N ARG B 234 22.27 19.21 7.93
CA ARG B 234 22.42 17.77 8.09
C ARG B 234 21.41 16.98 7.26
N ILE B 235 20.52 17.65 6.53
CA ILE B 235 19.52 16.94 5.73
C ILE B 235 20.18 16.36 4.49
N GLU B 236 19.96 15.08 4.25
CA GLU B 236 20.57 14.35 3.15
C GLU B 236 19.47 13.89 2.19
N LEU B 237 19.26 14.63 1.11
CA LEU B 237 18.32 14.25 0.07
C LEU B 237 19.08 13.77 -1.16
N PRO B 238 18.96 12.51 -1.54
CA PRO B 238 19.69 12.03 -2.73
C PRO B 238 19.33 12.77 -4.01
N GLN B 239 18.08 13.20 -4.16
CA GLN B 239 17.62 13.82 -5.39
C GLN B 239 17.64 15.35 -5.34
N PHE B 240 17.73 15.95 -4.15
CA PHE B 240 17.63 17.39 -4.02
C PHE B 240 18.76 17.93 -3.14
N SER B 241 19.07 19.21 -3.34
CA SER B 241 19.99 19.94 -2.48
C SER B 241 19.28 21.17 -1.94
N ILE B 242 19.47 21.44 -0.65
CA ILE B 242 18.80 22.54 0.03
C ILE B 242 19.64 23.79 -0.18
N VAL B 243 19.20 24.65 -1.10
CA VAL B 243 19.95 25.87 -1.38
C VAL B 243 19.83 26.86 -0.23
N GLU B 244 18.63 27.04 0.31
CA GLU B 244 18.40 28.06 1.33
C GLU B 244 17.11 27.73 2.08
N HIS B 245 17.05 28.20 3.32
CA HIS B 245 15.83 28.14 4.12
C HIS B 245 15.56 29.50 4.74
N ARG B 246 14.29 29.85 4.89
CA ARG B 246 13.88 31.14 5.40
C ARG B 246 12.82 30.97 6.49
N LEU B 247 12.78 31.94 7.40
CA LEU B 247 11.80 32.00 8.47
C LEU B 247 10.98 33.28 8.32
N VAL B 248 9.66 33.13 8.32
CA VAL B 248 8.74 34.25 8.14
C VAL B 248 7.75 34.27 9.29
N SER B 249 7.56 35.44 9.88
CA SER B 249 6.55 35.65 10.92
C SER B 249 5.61 36.74 10.46
N ARG B 250 4.31 36.46 10.49
CA ARG B 250 3.31 37.41 10.02
C ARG B 250 1.95 37.03 10.59
N ASN B 251 0.98 37.92 10.41
CA ASN B 251 -0.39 37.70 10.82
C ASN B 251 -1.28 37.60 9.58
N VAL B 252 -2.17 36.61 9.58
CA VAL B 252 -3.08 36.35 8.47
C VAL B 252 -4.50 36.65 8.92
N VAL B 253 -5.22 37.43 8.13
CA VAL B 253 -6.58 37.85 8.47
C VAL B 253 -7.57 36.85 7.92
N PHE B 254 -8.47 36.38 8.77
CA PHE B 254 -9.56 35.49 8.40
C PHE B 254 -10.89 36.14 8.74
N ALA B 255 -11.99 35.39 8.51
CA ALA B 255 -13.31 35.91 8.82
C ALA B 255 -13.49 36.13 10.32
N THR B 256 -13.00 35.19 11.13
CA THR B 256 -13.13 35.30 12.58
C THR B 256 -12.11 36.25 13.19
N GLY B 257 -11.08 36.62 12.47
CA GLY B 257 -10.08 37.55 12.98
C GLY B 257 -8.71 37.22 12.42
N ALA B 258 -7.73 37.98 12.89
CA ALA B 258 -6.34 37.77 12.49
C ALA B 258 -5.71 36.66 13.33
N TYR B 259 -4.89 35.83 12.68
CA TYR B 259 -4.27 34.71 13.35
C TYR B 259 -2.75 34.77 13.19
N PRO B 260 -1.99 34.35 14.20
CA PRO B 260 -0.53 34.29 14.06
C PRO B 260 -0.12 33.21 13.07
N ARG B 261 1.00 33.46 12.39
CA ARG B 261 1.49 32.54 11.38
C ARG B 261 3.01 32.53 11.38
N LEU B 262 3.59 31.33 11.42
CA LEU B 262 5.02 31.14 11.24
C LEU B 262 5.24 30.26 10.01
N SER B 263 6.16 30.66 9.15
CA SER B 263 6.44 29.95 7.92
C SER B 263 7.90 29.53 7.88
N LEU B 264 8.13 28.26 7.60
CA LEU B 264 9.47 27.71 7.36
C LEU B 264 9.49 27.15 5.95
N SER B 265 10.35 27.70 5.10
CA SER B 265 10.40 27.31 3.69
C SER B 265 11.81 26.87 3.33
N PHE B 266 11.89 25.92 2.40
CA PHE B 266 13.15 25.43 1.87
C PHE B 266 13.14 25.59 0.34
N ARG B 267 14.27 25.97 -0.22
CA ARG B 267 14.46 26.02 -1.66
C ARG B 267 15.27 24.79 -2.07
N LEU B 268 14.63 23.89 -2.82
CA LEU B 268 15.24 22.62 -3.21
C LEU B 268 15.63 22.68 -4.69
N LYS B 269 16.87 22.28 -4.98
CA LYS B 269 17.36 22.18 -6.35
C LYS B 269 17.60 20.71 -6.67
N ARG B 270 16.95 20.23 -7.73
CA ARG B 270 17.02 18.83 -8.06
C ARG B 270 18.36 18.47 -8.69
N ASN B 271 18.87 17.28 -8.36
CA ASN B 271 20.11 16.78 -8.92
C ASN B 271 19.83 16.10 -10.26
N ILE B 272 20.56 16.52 -11.30
CA ILE B 272 20.34 16.01 -12.63
C ILE B 272 21.16 14.76 -12.93
N GLY B 273 22.04 14.35 -12.01
CA GLY B 273 22.91 13.22 -12.29
C GLY B 273 22.15 11.92 -12.55
N TYR B 274 21.08 11.68 -11.80
CA TYR B 274 20.29 10.48 -12.01
C TYR B 274 19.60 10.49 -13.38
N PHE B 275 19.07 11.65 -13.78
CA PHE B 275 18.29 11.71 -15.01
C PHE B 275 19.17 11.64 -16.25
N ILE B 276 20.42 12.08 -16.15
CA ILE B 276 21.35 11.91 -17.26
C ILE B 276 21.59 10.43 -17.52
N LEU B 277 21.80 9.65 -16.47
CA LEU B 277 22.09 8.22 -16.63
C LEU B 277 20.84 7.45 -17.02
N GLN B 278 19.67 7.87 -16.56
CA GLN B 278 18.46 7.07 -16.71
C GLN B 278 17.66 7.42 -17.96
N THR B 279 17.57 8.69 -18.31
CA THR B 279 16.71 9.13 -19.41
C THR B 279 17.47 9.78 -20.56
N TYR B 280 18.36 10.73 -20.25
CA TYR B 280 19.01 11.49 -21.33
C TYR B 280 19.95 10.62 -22.13
N MET B 281 20.83 9.86 -21.47
CA MET B 281 21.78 9.03 -22.20
C MET B 281 21.10 7.96 -23.05
N PRO B 282 20.12 7.20 -22.57
CA PRO B 282 19.46 6.24 -23.46
C PRO B 282 18.81 6.89 -24.67
N SER B 283 18.26 8.10 -24.51
CA SER B 283 17.68 8.81 -25.65
C SER B 283 18.74 9.16 -26.68
N ILE B 284 19.91 9.61 -26.22
CA ILE B 284 21.00 9.92 -27.14
C ILE B 284 21.49 8.67 -27.85
N LEU B 285 21.64 7.57 -27.10
CA LEU B 285 22.15 6.33 -27.69
C LEU B 285 21.21 5.80 -28.77
N ILE B 286 19.90 5.87 -28.52
CA ILE B 286 18.94 5.43 -29.53
C ILE B 286 19.01 6.30 -30.76
N THR B 287 19.16 7.62 -30.57
CA THR B 287 19.30 8.52 -31.71
C THR B 287 20.56 8.21 -32.51
N ILE B 288 21.67 7.95 -31.82
CA ILE B 288 22.90 7.55 -32.51
C ILE B 288 22.70 6.19 -33.16
N LEU B 289 21.94 5.30 -32.52
CA LEU B 289 21.66 3.99 -33.10
C LEU B 289 20.94 4.12 -34.44
N SER B 290 20.04 5.10 -34.56
CA SER B 290 19.32 5.31 -35.81
C SER B 290 20.25 5.79 -36.93
N TRP B 291 21.39 6.39 -36.59
CA TRP B 291 22.33 6.85 -37.60
C TRP B 291 23.12 5.71 -38.24
N VAL B 292 23.10 4.53 -37.62
CA VAL B 292 23.81 3.38 -38.19
C VAL B 292 23.19 2.97 -39.51
N SER B 293 21.88 3.19 -39.67
CA SER B 293 21.20 2.81 -40.91
C SER B 293 21.77 3.56 -42.12
N PHE B 294 22.36 4.74 -41.90
CA PHE B 294 22.91 5.51 -43.00
C PHE B 294 24.07 4.76 -43.67
N TRP B 295 24.91 4.10 -42.89
CA TRP B 295 26.03 3.35 -43.43
C TRP B 295 25.64 1.97 -43.96
N ILE B 296 24.42 1.52 -43.71
CA ILE B 296 23.95 0.25 -44.24
C ILE B 296 23.53 0.44 -45.69
N ASN B 297 23.84 -0.53 -46.54
CA ASN B 297 23.49 -0.45 -47.95
CA ASN B 297 23.49 -0.44 -47.94
C ASN B 297 21.97 -0.40 -48.12
N TYR B 298 21.52 0.36 -49.11
CA TYR B 298 20.08 0.52 -49.33
C TYR B 298 19.40 -0.77 -49.78
N ASP B 299 20.15 -1.76 -50.28
CA ASP B 299 19.54 -3.02 -50.65
C ASP B 299 19.07 -3.81 -49.44
N ALA B 300 19.60 -3.51 -48.25
CA ALA B 300 19.18 -4.17 -47.01
C ALA B 300 17.92 -3.49 -46.48
N SER B 301 16.81 -3.77 -47.17
CA SER B 301 15.54 -3.16 -46.80
C SER B 301 15.08 -3.61 -45.42
N ALA B 302 15.19 -4.91 -45.14
CA ALA B 302 14.77 -5.41 -43.84
C ALA B 302 15.65 -4.87 -42.72
N ALA B 303 16.96 -4.78 -42.96
CA ALA B 303 17.88 -4.32 -41.92
C ALA B 303 17.65 -2.84 -41.58
N ARG B 304 17.49 -2.00 -42.60
CA ARG B 304 17.37 -0.56 -42.35
C ARG B 304 15.99 -0.19 -41.82
N VAL B 305 14.94 -0.87 -42.27
CA VAL B 305 13.61 -0.62 -41.74
C VAL B 305 13.52 -1.10 -40.29
N ALA B 306 14.14 -2.23 -39.97
CA ALA B 306 14.16 -2.71 -38.60
C ALA B 306 14.88 -1.73 -37.68
N LEU B 307 15.97 -1.12 -38.16
CA LEU B 307 16.62 -0.07 -37.40
C LEU B 307 15.69 1.13 -37.20
N GLY B 308 14.95 1.51 -38.25
CA GLY B 308 14.03 2.62 -38.12
C GLY B 308 12.88 2.31 -37.19
N ILE B 309 12.32 1.10 -37.28
CA ILE B 309 11.17 0.75 -36.45
C ILE B 309 11.55 0.70 -34.98
N THR B 310 12.64 0.01 -34.65
CA THR B 310 13.00 -0.18 -33.25
C THR B 310 13.33 1.13 -32.56
N THR B 311 14.07 2.02 -33.24
CA THR B 311 14.42 3.30 -32.65
C THR B 311 13.18 4.16 -32.42
N VAL B 312 12.26 4.17 -33.39
CA VAL B 312 11.04 4.95 -33.24
C VAL B 312 10.19 4.40 -32.10
N LEU B 313 10.03 3.07 -32.04
CA LEU B 313 9.24 2.47 -30.97
C LEU B 313 9.91 2.65 -29.61
N THR B 314 11.24 2.52 -29.56
CA THR B 314 11.94 2.69 -28.29
C THR B 314 11.79 4.10 -27.76
N MET B 315 11.86 5.10 -28.65
CA MET B 315 11.71 6.48 -28.22
C MET B 315 10.34 6.74 -27.63
N THR B 316 9.29 6.18 -28.24
CA THR B 316 7.95 6.34 -27.70
C THR B 316 7.81 5.69 -26.33
N THR B 317 8.39 4.50 -26.16
CA THR B 317 8.30 3.81 -24.87
C THR B 317 9.00 4.59 -23.77
N ILE B 318 10.16 5.17 -24.07
CA ILE B 318 10.88 5.95 -23.07
C ILE B 318 10.08 7.18 -22.66
N ASN B 319 9.49 7.86 -23.64
CA ASN B 319 8.69 9.06 -23.33
C ASN B 319 7.45 8.70 -22.52
N THR B 320 6.78 7.61 -22.88
CA THR B 320 5.53 7.25 -22.18
C THR B 320 5.82 6.69 -20.80
N HIS B 321 6.85 5.86 -20.67
CA HIS B 321 7.13 5.22 -19.38
C HIS B 321 7.52 6.25 -18.32
N LEU B 322 8.34 7.23 -18.70
CA LEU B 322 8.74 8.26 -17.74
C LEU B 322 7.55 9.09 -17.29
N ARG B 323 6.66 9.46 -18.23
CA ARG B 323 5.54 10.32 -17.89
C ARG B 323 4.55 9.63 -16.95
N GLU B 324 4.48 8.30 -16.99
CA GLU B 324 3.59 7.58 -16.10
C GLU B 324 3.99 7.75 -14.64
N THR B 325 5.31 7.78 -14.37
CA THR B 325 5.77 7.95 -13.00
C THR B 325 5.35 9.30 -12.43
N LEU B 326 5.47 10.36 -13.23
CA LEU B 326 5.07 11.68 -12.78
C LEU B 326 3.55 11.81 -12.77
N PRO B 327 3.01 12.76 -12.01
CA PRO B 327 1.56 12.98 -12.02
C PRO B 327 1.09 13.48 -13.36
N LYS B 328 -0.20 13.23 -13.64
CA LYS B 328 -0.81 13.56 -14.93
C LYS B 328 -1.05 15.07 -15.01
N ILE B 329 0.06 15.80 -15.16
CA ILE B 329 0.02 17.25 -15.33
C ILE B 329 -0.40 17.56 -16.76
N PRO B 330 -1.06 18.70 -17.01
CA PRO B 330 -1.53 19.00 -18.37
C PRO B 330 -0.52 19.71 -19.26
N TYR B 331 0.61 20.16 -18.73
CA TYR B 331 1.57 20.93 -19.51
C TYR B 331 2.76 20.05 -19.90
N VAL B 332 3.66 20.63 -20.69
CA VAL B 332 4.83 19.93 -21.22
C VAL B 332 6.03 20.25 -20.34
N LYS B 333 6.77 19.22 -19.96
CA LYS B 333 7.96 19.38 -19.14
C LYS B 333 9.19 19.61 -20.01
N ALA B 334 10.29 20.00 -19.35
CA ALA B 334 11.55 20.17 -20.07
C ALA B 334 12.06 18.86 -20.64
N ILE B 335 11.93 17.78 -19.87
CA ILE B 335 12.37 16.47 -20.36
C ILE B 335 11.50 16.01 -21.52
N ASP B 336 10.20 16.34 -21.50
CA ASP B 336 9.32 15.97 -22.60
C ASP B 336 9.75 16.65 -23.89
N MET B 337 10.21 17.90 -23.80
CA MET B 337 10.70 18.59 -24.99
C MET B 337 11.89 17.87 -25.60
N TYR B 338 12.83 17.40 -24.76
CA TYR B 338 13.98 16.68 -25.27
C TYR B 338 13.59 15.34 -25.87
N LEU B 339 12.66 14.63 -25.21
CA LEU B 339 12.22 13.33 -25.73
C LEU B 339 11.48 13.49 -27.06
N MET B 340 10.63 14.51 -27.18
CA MET B 340 9.94 14.74 -28.44
C MET B 340 10.91 15.16 -29.53
N GLY B 341 11.94 15.94 -29.17
CA GLY B 341 12.95 16.31 -30.15
C GLY B 341 13.73 15.10 -30.67
N CYS B 342 14.08 14.18 -29.76
CA CYS B 342 14.76 12.96 -30.19
C CYS B 342 13.86 12.08 -31.05
N PHE B 343 12.54 12.14 -30.84
CA PHE B 343 11.63 11.37 -31.67
C PHE B 343 11.65 11.86 -33.10
N VAL B 344 11.76 13.18 -33.31
CA VAL B 344 11.79 13.73 -34.66
C VAL B 344 13.00 13.23 -35.42
N PHE B 345 14.17 13.22 -34.77
CA PHE B 345 15.39 12.80 -35.45
C PHE B 345 15.34 11.34 -35.88
N VAL B 346 14.88 10.46 -35.00
CA VAL B 346 14.79 9.05 -35.37
C VAL B 346 13.69 8.82 -36.40
N PHE B 347 12.59 9.55 -36.30
CA PHE B 347 11.52 9.41 -37.28
C PHE B 347 11.96 9.88 -38.66
N LEU B 348 12.70 10.99 -38.72
CA LEU B 348 13.22 11.46 -40.00
C LEU B 348 14.26 10.51 -40.58
N ALA B 349 15.01 9.82 -39.71
CA ALA B 349 15.98 8.84 -40.19
C ALA B 349 15.29 7.70 -40.93
N LEU B 350 14.18 7.21 -40.39
CA LEU B 350 13.42 6.17 -41.09
C LEU B 350 12.80 6.71 -42.38
N LEU B 351 12.29 7.94 -42.33
CA LEU B 351 11.74 8.55 -43.54
C LEU B 351 12.84 8.81 -44.58
N GLU B 352 14.08 9.00 -44.13
CA GLU B 352 15.18 9.20 -45.06
C GLU B 352 15.39 7.97 -45.93
N TYR B 353 15.37 6.78 -45.33
CA TYR B 353 15.53 5.57 -46.12
C TYR B 353 14.31 5.30 -46.99
N ALA B 354 13.12 5.66 -46.51
CA ALA B 354 11.92 5.49 -47.33
C ALA B 354 12.01 6.30 -48.61
N PHE B 355 12.53 7.53 -48.52
CA PHE B 355 12.78 8.31 -49.72
C PHE B 355 13.87 7.69 -50.58
N VAL B 356 14.93 7.19 -49.94
CA VAL B 356 16.01 6.54 -50.70
C VAL B 356 15.51 5.27 -51.36
N ASN B 357 14.77 4.45 -50.60
CA ASN B 357 14.24 3.22 -51.16
C ASN B 357 13.26 3.48 -52.30
N TYR B 358 12.63 4.66 -52.30
CA TYR B 358 11.66 5.02 -53.32
C TYR B 358 12.31 5.43 -54.64
N ILE B 359 13.59 5.80 -54.63
CA ILE B 359 14.23 6.31 -55.84
C ILE B 359 15.55 5.58 -56.10
N PHE B 360 15.85 4.55 -55.31
CA PHE B 360 17.15 3.90 -55.44
C PHE B 360 17.26 3.15 -56.77
N PHE B 361 16.17 2.54 -57.24
CA PHE B 361 16.21 1.83 -58.50
C PHE B 361 16.28 2.79 -59.69
N SER B 362 15.44 3.84 -59.66
CA SER B 362 15.39 4.77 -60.79
C SER B 362 16.61 5.68 -60.80
N GLN B 363 17.02 6.19 -59.64
CA GLN B 363 18.11 7.14 -59.53
C GLN B 363 19.10 6.67 -58.47
N PRO B 364 19.90 5.65 -58.80
CA PRO B 364 20.88 5.15 -57.81
C PRO B 364 21.91 6.19 -57.40
N ALA B 365 22.30 7.08 -58.31
CA ALA B 365 23.30 8.10 -57.97
C ALA B 365 22.75 9.08 -56.95
N ARG B 366 21.50 9.53 -57.12
CA ARG B 366 20.91 10.48 -56.20
C ARG B 366 20.65 9.83 -54.84
N ALA B 367 20.25 8.56 -54.83
CA ALA B 367 19.99 7.86 -53.57
C ALA B 367 21.26 7.72 -52.74
N ALA B 368 22.39 7.44 -53.40
CA ALA B 368 23.66 7.32 -52.69
C ALA B 368 24.08 8.65 -52.07
N ALA B 369 23.80 9.76 -52.77
CA ALA B 369 24.17 11.07 -52.23
C ALA B 369 23.38 11.39 -50.96
N ILE B 370 22.10 11.03 -50.92
CA ILE B 370 21.28 11.31 -49.74
C ILE B 370 21.81 10.56 -48.54
N ASP B 371 22.19 9.30 -48.71
CA ASP B 371 22.78 8.54 -47.61
C ASP B 371 24.10 9.17 -47.16
N ARG B 372 24.93 9.60 -48.12
CA ARG B 372 26.21 10.21 -47.77
C ARG B 372 26.02 11.51 -47.00
N TRP B 373 25.07 12.35 -47.43
CA TRP B 373 24.83 13.60 -46.73
C TRP B 373 24.14 13.38 -45.39
N SER B 374 23.34 12.32 -45.27
CA SER B 374 22.67 12.04 -44.01
C SER B 374 23.65 11.70 -42.91
N ARG B 375 24.82 11.16 -43.27
CA ARG B 375 25.84 10.84 -42.28
C ARG B 375 26.48 12.09 -41.67
N ILE B 376 26.24 13.27 -42.25
CA ILE B 376 26.80 14.52 -41.76
C ILE B 376 25.72 15.42 -41.18
N VAL B 377 24.60 15.56 -41.87
CA VAL B 377 23.55 16.49 -41.43
C VAL B 377 22.93 16.02 -40.12
N PHE B 378 22.57 14.73 -40.04
CA PHE B 378 21.91 14.22 -38.85
C PHE B 378 22.77 14.33 -37.59
N PRO B 379 24.04 13.89 -37.58
CA PRO B 379 24.86 14.12 -36.37
C PRO B 379 25.06 15.58 -36.05
N PHE B 380 25.17 16.44 -37.06
CA PHE B 380 25.42 17.85 -36.82
C PHE B 380 24.18 18.56 -36.30
N THR B 381 23.01 18.25 -36.88
CA THR B 381 21.78 18.89 -36.44
C THR B 381 21.42 18.46 -35.02
N PHE B 382 21.64 17.18 -34.68
CA PHE B 382 21.36 16.71 -33.34
C PHE B 382 22.27 17.39 -32.32
N SER B 383 23.54 17.61 -32.67
CA SER B 383 24.43 18.36 -31.81
C SER B 383 23.95 19.79 -31.62
N LEU B 384 23.45 20.41 -32.70
CA LEU B 384 22.89 21.75 -32.58
CA LEU B 384 22.88 21.75 -32.59
C LEU B 384 21.66 21.76 -31.68
N PHE B 385 20.81 20.74 -31.80
CA PHE B 385 19.61 20.66 -30.97
C PHE B 385 19.96 20.57 -29.50
N ASN B 386 20.99 19.78 -29.16
CA ASN B 386 21.43 19.69 -27.78
C ASN B 386 22.02 21.01 -27.28
N LEU B 387 22.71 21.74 -28.16
CA LEU B 387 23.33 22.99 -27.75
C LEU B 387 22.29 24.02 -27.33
N VAL B 388 21.26 24.23 -28.17
CA VAL B 388 20.24 25.21 -27.84
C VAL B 388 19.40 24.74 -26.65
N TYR B 389 19.14 23.43 -26.56
CA TYR B 389 18.30 22.91 -25.48
C TYR B 389 18.97 23.10 -24.12
N TRP B 390 20.24 22.71 -24.01
CA TRP B 390 20.89 22.73 -22.70
C TRP B 390 21.22 24.15 -22.27
N LEU B 391 21.58 25.02 -23.20
CA LEU B 391 21.87 26.42 -22.84
C LEU B 391 20.62 27.11 -22.30
N TYR B 392 19.46 26.81 -22.88
CA TYR B 392 18.22 27.46 -22.44
C TYR B 392 17.87 27.06 -21.01
N TYR B 393 18.05 25.80 -20.66
CA TYR B 393 17.65 25.30 -19.34
C TYR B 393 18.76 25.35 -18.31
N VAL B 394 19.93 25.88 -18.64
CA VAL B 394 21.01 25.99 -17.67
C VAL B 394 21.16 27.45 -17.22
N ASN C 58 -16.23 39.90 37.88
CA ASN C 58 -16.16 41.35 37.74
C ASN C 58 -15.21 41.73 36.62
N ASP C 59 -13.91 41.71 36.90
CA ASP C 59 -12.91 42.06 35.90
C ASP C 59 -12.83 40.97 34.85
N PRO C 60 -12.88 41.31 33.56
CA PRO C 60 -12.70 40.29 32.52
C PRO C 60 -11.37 39.58 32.60
N GLY C 61 -10.31 40.27 33.03
CA GLY C 61 -9.01 39.67 33.19
C GLY C 61 -8.82 38.85 34.45
N ASN C 62 -9.83 38.80 35.32
CA ASN C 62 -9.77 37.99 36.52
C ASN C 62 -10.11 36.54 36.15
N MET C 63 -9.10 35.68 36.14
CA MET C 63 -9.31 34.31 35.70
C MET C 63 -10.14 33.50 36.69
N SER C 64 -10.11 33.87 37.98
CA SER C 64 -10.92 33.17 38.96
C SER C 64 -12.41 33.39 38.69
N PHE C 65 -12.80 34.60 38.32
CA PHE C 65 -14.20 34.88 37.99
C PHE C 65 -14.62 34.14 36.72
N VAL C 66 -13.74 34.11 35.71
CA VAL C 66 -14.05 33.39 34.48
C VAL C 66 -14.17 31.90 34.74
N LYS C 67 -13.27 31.35 35.55
CA LYS C 67 -13.33 29.92 35.86
C LYS C 67 -14.61 29.57 36.61
N GLU C 68 -15.04 30.42 37.55
CA GLU C 68 -16.28 30.17 38.28
C GLU C 68 -17.48 30.24 37.35
N THR C 69 -17.47 31.19 36.41
CA THR C 69 -18.57 31.30 35.46
C THR C 69 -18.69 30.06 34.58
N VAL C 70 -17.56 29.55 34.09
CA VAL C 70 -17.60 28.36 33.23
C VAL C 70 -18.00 27.14 34.04
N ASP C 71 -17.55 27.05 35.29
CA ASP C 71 -17.94 25.93 36.14
C ASP C 71 -19.44 25.91 36.40
N LYS C 72 -20.05 27.09 36.55
CA LYS C 72 -21.49 27.15 36.76
C LYS C 72 -22.25 26.65 35.53
N LEU C 73 -21.74 26.96 34.33
CA LEU C 73 -22.41 26.52 33.12
C LEU C 73 -22.44 25.00 33.01
N LEU C 74 -21.34 24.34 33.36
CA LEU C 74 -21.24 22.90 33.22
C LEU C 74 -21.80 22.13 34.41
N LYS C 75 -22.17 22.82 35.49
CA LYS C 75 -22.77 22.15 36.64
C LYS C 75 -24.22 21.81 36.34
N GLY C 76 -24.55 20.52 36.39
CA GLY C 76 -25.87 20.06 36.00
C GLY C 76 -26.08 19.95 34.51
N TYR C 77 -25.06 20.19 33.70
CA TYR C 77 -25.18 20.10 32.25
C TYR C 77 -25.22 18.63 31.84
N ASP C 78 -26.21 18.26 31.03
CA ASP C 78 -26.38 16.89 30.56
C ASP C 78 -26.04 16.84 29.07
N ILE C 79 -24.92 16.19 28.75
CA ILE C 79 -24.51 16.07 27.36
C ILE C 79 -25.44 15.14 26.57
N ARG C 80 -26.21 14.30 27.27
CA ARG C 80 -27.09 13.37 26.58
C ARG C 80 -28.30 14.05 25.97
N LEU C 81 -28.61 15.27 26.38
CA LEU C 81 -29.79 16.00 25.92
C LEU C 81 -29.38 17.13 24.99
N ARG C 82 -30.04 17.22 23.84
CA ARG C 82 -29.82 18.31 22.92
C ARG C 82 -30.38 19.61 23.50
N PRO C 83 -29.89 20.76 23.02
CA PRO C 83 -30.50 22.03 23.44
C PRO C 83 -31.97 22.08 23.06
N ASP C 84 -32.77 22.67 23.94
CA ASP C 84 -34.23 22.74 23.75
C ASP C 84 -34.82 21.35 23.55
N PHE C 85 -34.36 20.39 24.35
CA PHE C 85 -34.86 19.03 24.26
C PHE C 85 -36.36 19.00 24.56
N GLY C 86 -37.11 18.30 23.73
CA GLY C 86 -38.56 18.25 23.87
C GLY C 86 -39.29 19.46 23.34
N GLY C 87 -38.59 20.40 22.72
CA GLY C 87 -39.20 21.60 22.18
C GLY C 87 -38.90 21.78 20.71
N PRO C 88 -38.76 23.03 20.28
CA PRO C 88 -38.45 23.29 18.87
C PRO C 88 -37.10 22.73 18.51
N PRO C 89 -36.92 22.31 17.26
CA PRO C 89 -35.62 21.77 16.85
C PRO C 89 -34.53 22.84 16.91
N VAL C 90 -33.32 22.40 17.24
CA VAL C 90 -32.17 23.30 17.27
C VAL C 90 -31.62 23.46 15.86
N CYS C 91 -31.48 24.71 15.42
CA CYS C 91 -30.98 25.01 14.09
C CYS C 91 -29.46 25.08 14.11
N VAL C 92 -28.84 24.35 13.21
CA VAL C 92 -27.38 24.27 13.12
C VAL C 92 -26.95 24.88 11.79
N GLY C 93 -26.15 25.95 11.87
CA GLY C 93 -25.61 26.58 10.68
C GLY C 93 -24.21 26.06 10.40
N MET C 94 -23.93 25.83 9.12
CA MET C 94 -22.68 25.20 8.72
C MET C 94 -21.98 26.01 7.64
N ASN C 95 -20.67 26.16 7.80
N ASN C 95 -20.66 26.15 7.78
CA ASN C 95 -19.79 26.77 6.82
CA ASN C 95 -19.84 26.78 6.75
C ASN C 95 -18.59 25.87 6.58
C ASN C 95 -18.55 25.96 6.60
N ILE C 96 -18.08 25.86 5.36
CA ILE C 96 -16.93 25.05 5.01
C ILE C 96 -15.87 25.94 4.39
N ASP C 97 -14.63 25.83 4.90
CA ASP C 97 -13.46 26.46 4.31
C ASP C 97 -12.61 25.34 3.71
N ILE C 98 -12.70 25.17 2.40
CA ILE C 98 -12.03 24.06 1.72
C ILE C 98 -10.54 24.37 1.64
N ALA C 99 -9.73 23.58 2.36
CA ALA C 99 -8.29 23.76 2.29
C ALA C 99 -7.73 23.33 0.94
N SER C 100 -8.12 22.14 0.47
CA SER C 100 -7.64 21.62 -0.79
C SER C 100 -8.42 20.36 -1.14
N ILE C 101 -8.35 19.98 -2.41
CA ILE C 101 -8.82 18.68 -2.88
C ILE C 101 -7.58 17.90 -3.28
N ASP C 102 -7.27 16.85 -2.50
CA ASP C 102 -5.99 16.17 -2.64
C ASP C 102 -5.87 15.46 -3.97
N MET C 103 -6.88 14.65 -4.33
CA MET C 103 -6.81 13.84 -5.53
C MET C 103 -8.21 13.41 -5.93
N VAL C 104 -8.34 13.06 -7.21
CA VAL C 104 -9.58 12.53 -7.77
C VAL C 104 -9.23 11.21 -8.44
N SER C 105 -9.81 10.12 -7.92
CA SER C 105 -9.45 8.77 -8.34
C SER C 105 -10.59 8.18 -9.17
N GLU C 106 -10.32 7.90 -10.44
CA GLU C 106 -11.28 7.20 -11.28
C GLU C 106 -11.32 5.72 -10.93
N VAL C 107 -10.20 5.15 -10.50
CA VAL C 107 -10.15 3.73 -10.16
C VAL C 107 -11.04 3.42 -8.96
N ASN C 108 -10.93 4.23 -7.92
CA ASN C 108 -11.70 4.03 -6.70
C ASN C 108 -13.01 4.81 -6.67
N MET C 109 -13.26 5.64 -7.68
CA MET C 109 -14.48 6.45 -7.77
C MET C 109 -14.68 7.29 -6.50
N ASP C 110 -13.66 8.05 -6.14
CA ASP C 110 -13.71 8.86 -4.93
C ASP C 110 -12.72 10.01 -5.06
N TYR C 111 -12.88 10.99 -4.18
CA TYR C 111 -11.98 12.13 -4.10
C TYR C 111 -11.68 12.43 -2.64
N THR C 112 -10.51 13.02 -2.39
CA THR C 112 -10.06 13.35 -1.04
C THR C 112 -10.20 14.85 -0.82
N LEU C 113 -10.85 15.23 0.27
CA LEU C 113 -11.15 16.62 0.57
C LEU C 113 -10.66 16.97 1.97
N THR C 114 -9.91 18.06 2.07
CA THR C 114 -9.49 18.62 3.35
C THR C 114 -10.14 19.99 3.51
N MET C 115 -10.76 20.21 4.67
CA MET C 115 -11.57 21.40 4.85
C MET C 115 -11.66 21.78 6.32
N TYR C 116 -12.07 23.02 6.56
CA TYR C 116 -12.40 23.50 7.90
C TYR C 116 -13.91 23.45 8.04
N PHE C 117 -14.41 22.55 8.88
CA PHE C 117 -15.84 22.34 9.06
C PHE C 117 -16.29 23.03 10.33
N GLN C 118 -17.18 24.00 10.19
CA GLN C 118 -17.66 24.80 11.32
C GLN C 118 -19.17 24.62 11.48
N GLN C 119 -19.60 24.48 12.73
CA GLN C 119 -21.01 24.33 13.06
C GLN C 119 -21.43 25.42 14.04
N TYR C 120 -22.60 25.99 13.79
CA TYR C 120 -23.11 27.14 14.55
CA TYR C 120 -23.11 27.13 14.55
C TYR C 120 -24.48 26.77 15.12
N TRP C 121 -24.62 26.86 16.43
CA TRP C 121 -25.91 26.60 17.07
C TRP C 121 -25.93 27.29 18.42
N ARG C 122 -27.14 27.46 18.96
CA ARG C 122 -27.35 28.16 20.21
C ARG C 122 -27.80 27.17 21.29
N ASP C 123 -27.11 27.20 22.43
CA ASP C 123 -27.45 26.38 23.59
C ASP C 123 -27.66 27.33 24.77
N LYS C 124 -28.92 27.52 25.16
CA LYS C 124 -29.24 28.46 26.23
C LYS C 124 -28.66 28.02 27.57
N ARG C 125 -28.35 26.74 27.74
CA ARG C 125 -27.70 26.28 28.97
C ARG C 125 -26.30 26.87 29.14
N LEU C 126 -25.69 27.32 28.05
CA LEU C 126 -24.34 27.86 28.08
C LEU C 126 -24.31 29.38 28.08
N ALA C 127 -25.47 30.03 28.20
CA ALA C 127 -25.50 31.48 28.26
C ALA C 127 -24.89 31.99 29.55
N TYR C 128 -24.09 33.05 29.46
CA TYR C 128 -23.43 33.64 30.61
C TYR C 128 -23.56 35.15 30.56
N SER C 129 -23.53 35.78 31.73
CA SER C 129 -23.66 37.22 31.84
C SER C 129 -22.53 37.78 32.69
N GLY C 130 -22.26 39.07 32.51
CA GLY C 130 -21.21 39.75 33.23
C GLY C 130 -19.86 39.75 32.55
N ILE C 131 -19.69 38.99 31.47
CA ILE C 131 -18.46 38.96 30.70
C ILE C 131 -18.77 39.41 29.28
N PRO C 132 -18.48 40.67 28.94
CA PRO C 132 -18.75 41.20 27.60
C PRO C 132 -17.74 40.77 26.54
N LEU C 133 -17.44 39.47 26.51
CA LEU C 133 -16.47 38.93 25.58
C LEU C 133 -16.91 37.53 25.14
N ASN C 134 -16.39 37.11 24.00
CA ASN C 134 -16.61 35.75 23.51
C ASN C 134 -15.51 34.85 24.06
N LEU C 135 -15.92 33.74 24.69
CA LEU C 135 -14.99 32.86 25.38
C LEU C 135 -14.47 31.81 24.41
N THR C 136 -13.20 31.95 24.02
CA THR C 136 -12.50 30.93 23.25
C THR C 136 -11.84 29.99 24.23
N LEU C 137 -12.37 28.78 24.36
CA LEU C 137 -11.90 27.81 25.34
C LEU C 137 -11.00 26.78 24.70
N ASP C 138 -10.31 26.02 25.55
CA ASP C 138 -9.50 24.92 25.07
C ASP C 138 -10.38 23.86 24.41
N ASN C 139 -9.83 23.22 23.37
CA ASN C 139 -10.64 22.30 22.57
C ASN C 139 -11.15 21.11 23.37
N ARG C 140 -10.49 20.77 24.48
CA ARG C 140 -10.93 19.63 25.28
C ARG C 140 -12.26 19.86 25.98
N VAL C 141 -12.75 21.10 26.03
CA VAL C 141 -14.07 21.37 26.61
C VAL C 141 -15.19 20.86 25.72
N ALA C 142 -14.90 20.54 24.46
CA ALA C 142 -15.95 20.03 23.57
C ALA C 142 -16.46 18.67 24.02
N ASP C 143 -15.62 17.88 24.68
CA ASP C 143 -16.05 16.57 25.15
C ASP C 143 -17.02 16.67 26.32
N GLN C 144 -17.14 17.84 26.94
CA GLN C 144 -18.07 18.08 28.03
C GLN C 144 -19.33 18.80 27.57
N LEU C 145 -19.52 18.97 26.27
CA LEU C 145 -20.65 19.70 25.72
C LEU C 145 -21.36 18.84 24.69
N TRP C 146 -22.66 19.07 24.55
CA TRP C 146 -23.42 18.46 23.47
C TRP C 146 -22.99 19.06 22.14
N VAL C 147 -22.77 18.20 21.15
CA VAL C 147 -22.45 18.64 19.79
C VAL C 147 -23.37 17.90 18.82
N PRO C 148 -23.69 18.48 17.67
CA PRO C 148 -24.52 17.76 16.70
C PRO C 148 -23.82 16.50 16.20
N ASP C 149 -24.62 15.47 15.94
CA ASP C 149 -24.11 14.20 15.41
C ASP C 149 -23.97 14.25 13.89
N THR C 150 -23.26 15.27 13.42
CA THR C 150 -23.09 15.46 11.98
C THR C 150 -22.14 14.42 11.41
N TYR C 151 -22.52 13.84 10.27
CA TYR C 151 -21.67 12.89 9.57
C TYR C 151 -21.86 13.08 8.08
N PHE C 152 -20.90 12.59 7.30
CA PHE C 152 -20.91 12.72 5.85
C PHE C 152 -21.45 11.43 5.24
N LEU C 153 -22.53 11.56 4.48
CA LEU C 153 -23.28 10.39 4.02
C LEU C 153 -22.45 9.52 3.07
N ASN C 154 -21.74 10.14 2.14
CA ASN C 154 -21.07 9.41 1.06
C ASN C 154 -19.58 9.24 1.30
N ASP C 155 -19.08 9.53 2.50
CA ASP C 155 -17.66 9.39 2.75
C ASP C 155 -17.28 7.92 2.90
N LYS C 156 -16.02 7.62 2.58
CA LYS C 156 -15.47 6.28 2.73
C LYS C 156 -14.51 6.16 3.89
N LYS C 157 -13.66 7.15 4.09
CA LYS C 157 -12.77 7.21 5.25
C LYS C 157 -12.47 8.67 5.53
N SER C 158 -12.55 9.05 6.81
CA SER C 158 -12.28 10.43 7.20
C SER C 158 -11.69 10.46 8.60
N PHE C 159 -10.99 11.55 8.91
CA PHE C 159 -10.38 11.70 10.21
C PHE C 159 -10.22 13.18 10.53
N VAL C 160 -10.01 13.47 11.80
CA VAL C 160 -9.73 14.82 12.29
C VAL C 160 -8.25 14.88 12.64
N HIS C 161 -7.57 15.90 12.12
CA HIS C 161 -6.13 16.05 12.39
C HIS C 161 -5.91 16.27 13.88
N GLY C 162 -4.82 15.70 14.40
CA GLY C 162 -4.56 15.75 15.83
C GLY C 162 -3.15 16.15 16.22
N VAL C 163 -2.50 16.96 15.38
CA VAL C 163 -1.15 17.47 15.66
C VAL C 163 -1.18 18.98 15.53
N THR C 164 -0.67 19.69 16.54
CA THR C 164 -0.09 19.10 17.75
C THR C 164 -1.17 18.65 18.73
N VAL C 165 -2.31 19.35 18.73
CA VAL C 165 -3.48 18.93 19.48
C VAL C 165 -4.56 18.59 18.46
N LYS C 166 -5.70 18.11 18.95
CA LYS C 166 -6.82 17.85 18.05
C LYS C 166 -7.25 19.14 17.37
N ASN C 167 -7.35 19.10 16.04
CA ASN C 167 -7.66 20.28 15.24
C ASN C 167 -9.13 20.62 15.44
N ARG C 168 -9.41 21.27 16.57
CA ARG C 168 -10.76 21.52 17.02
C ARG C 168 -10.76 22.82 17.80
N MET C 169 -11.85 23.59 17.70
CA MET C 169 -11.98 24.83 18.43
C MET C 169 -13.40 25.00 18.94
N ILE C 170 -13.51 25.61 20.11
CA ILE C 170 -14.80 25.91 20.74
C ILE C 170 -14.81 27.38 21.11
N ARG C 171 -15.83 28.09 20.68
CA ARG C 171 -16.01 29.51 21.01
C ARG C 171 -17.42 29.71 21.53
N LEU C 172 -17.53 30.25 22.74
CA LEU C 172 -18.83 30.52 23.35
C LEU C 172 -19.16 32.01 23.23
N HIS C 173 -20.46 32.30 23.31
CA HIS C 173 -20.98 33.65 23.22
C HIS C 173 -21.94 33.89 24.37
N PRO C 174 -22.12 35.15 24.79
CA PRO C 174 -22.96 35.42 25.97
C PRO C 174 -24.38 34.91 25.85
N ASP C 175 -24.97 34.92 24.64
CA ASP C 175 -26.33 34.43 24.48
C ASP C 175 -26.44 32.91 24.48
N GLY C 176 -25.31 32.20 24.51
CA GLY C 176 -25.31 30.76 24.52
C GLY C 176 -24.95 30.12 23.19
N THR C 177 -24.59 30.92 22.18
CA THR C 177 -24.22 30.36 20.89
C THR C 177 -22.85 29.69 20.96
N VAL C 178 -22.71 28.58 20.25
CA VAL C 178 -21.49 27.79 20.25
C VAL C 178 -20.95 27.74 18.83
N LEU C 179 -19.66 28.06 18.68
CA LEU C 179 -18.94 27.88 17.43
C LEU C 179 -18.03 26.68 17.58
N TYR C 180 -18.22 25.69 16.71
CA TYR C 180 -17.52 24.41 16.79
C TYR C 180 -16.85 24.13 15.45
N GLY C 181 -15.54 24.13 15.42
CA GLY C 181 -14.78 23.97 14.18
C GLY C 181 -13.93 22.72 14.22
N LEU C 182 -13.84 22.04 13.07
CA LEU C 182 -13.03 20.84 12.92
C LEU C 182 -12.31 20.87 11.58
N ARG C 183 -11.04 20.48 11.58
CA ARG C 183 -10.26 20.32 10.36
C ARG C 183 -10.30 18.84 9.99
N ILE C 184 -10.98 18.52 8.90
CA ILE C 184 -11.28 17.15 8.53
C ILE C 184 -10.72 16.86 7.14
N THR C 185 -10.04 15.73 7.01
CA THR C 185 -9.69 15.18 5.71
C THR C 185 -10.60 13.98 5.45
N THR C 186 -11.39 14.06 4.39
CA THR C 186 -12.39 13.04 4.08
C THR C 186 -12.19 12.51 2.66
N THR C 187 -12.40 11.21 2.49
CA THR C 187 -12.44 10.56 1.19
C THR C 187 -13.89 10.21 0.91
N ALA C 188 -14.50 10.90 -0.05
CA ALA C 188 -15.92 10.75 -0.35
C ALA C 188 -16.09 10.03 -1.68
N ALA C 189 -16.98 9.05 -1.71
CA ALA C 189 -17.25 8.30 -2.93
C ALA C 189 -17.90 9.19 -3.97
N CYS C 190 -17.54 8.98 -5.23
CA CYS C 190 -18.11 9.75 -6.33
C CYS C 190 -18.18 8.85 -7.56
N MET C 191 -19.39 8.42 -7.91
CA MET C 191 -19.58 7.65 -9.13
C MET C 191 -19.35 8.54 -10.34
N MET C 192 -18.51 8.08 -11.26
CA MET C 192 -18.13 8.85 -12.43
CA MET C 192 -18.13 8.85 -12.43
C MET C 192 -18.52 8.09 -13.70
N ASP C 193 -19.16 8.79 -14.64
CA ASP C 193 -19.54 8.22 -15.91
C ASP C 193 -18.39 8.47 -16.89
N LEU C 194 -17.72 7.40 -17.32
CA LEU C 194 -16.52 7.49 -18.14
C LEU C 194 -16.78 7.19 -19.60
N ARG C 195 -18.03 7.34 -20.06
CA ARG C 195 -18.32 7.08 -21.47
C ARG C 195 -17.61 8.09 -22.38
N ARG C 196 -17.51 9.34 -21.96
CA ARG C 196 -16.82 10.37 -22.71
C ARG C 196 -15.39 10.58 -22.25
N TYR C 197 -14.85 9.68 -21.43
CA TYR C 197 -13.49 9.80 -20.96
C TYR C 197 -12.52 9.79 -22.14
N PRO C 198 -11.49 10.66 -22.14
CA PRO C 198 -11.13 11.64 -21.11
C PRO C 198 -11.76 13.01 -21.31
N LEU C 199 -12.74 13.16 -22.20
CA LEU C 199 -13.42 14.43 -22.42
C LEU C 199 -14.71 14.55 -21.62
N ASP C 200 -14.78 13.91 -20.45
CA ASP C 200 -15.99 13.86 -19.65
C ASP C 200 -16.01 14.98 -18.62
N GLU C 201 -17.21 15.26 -18.12
CA GLU C 201 -17.44 16.23 -17.05
C GLU C 201 -18.08 15.50 -15.88
N GLN C 202 -17.57 15.71 -14.67
CA GLN C 202 -17.99 14.95 -13.51
C GLN C 202 -18.58 15.87 -12.44
N ASN C 203 -19.49 15.31 -11.66
CA ASN C 203 -20.19 16.04 -10.59
C ASN C 203 -20.06 15.22 -9.31
N CYS C 204 -19.18 15.65 -8.42
CA CYS C 204 -18.95 15.00 -7.14
C CYS C 204 -19.53 15.84 -6.03
N THR C 205 -20.23 15.20 -5.10
CA THR C 205 -20.97 15.86 -4.04
C THR C 205 -20.40 15.48 -2.68
N LEU C 206 -20.81 16.24 -1.66
CA LEU C 206 -20.51 15.95 -0.26
C LEU C 206 -21.81 16.08 0.52
N GLU C 207 -22.41 14.95 0.88
CA GLU C 207 -23.69 14.94 1.55
C GLU C 207 -23.49 15.01 3.06
N ILE C 208 -24.20 15.94 3.70
CA ILE C 208 -24.08 16.21 5.13
C ILE C 208 -25.43 15.94 5.77
N GLU C 209 -25.44 15.12 6.83
CA GLU C 209 -26.69 14.70 7.44
C GLU C 209 -26.48 14.46 8.93
N SER C 210 -27.59 14.49 9.67
CA SER C 210 -27.59 14.14 11.08
C SER C 210 -27.86 12.64 11.22
N TYR C 211 -27.05 11.97 12.04
CA TYR C 211 -27.14 10.52 12.11
C TYR C 211 -28.35 10.05 12.91
N GLY C 212 -28.64 10.68 14.03
CA GLY C 212 -29.65 10.15 14.92
C GLY C 212 -30.88 11.01 15.14
N TYR C 213 -30.77 12.31 14.87
CA TYR C 213 -31.85 13.25 15.13
C TYR C 213 -32.61 13.53 13.84
N THR C 214 -33.94 13.49 13.93
CA THR C 214 -34.80 13.82 12.79
C THR C 214 -34.96 15.33 12.69
N THR C 215 -35.81 15.77 11.74
CA THR C 215 -36.05 17.18 11.57
C THR C 215 -36.83 17.79 12.73
N ASP C 216 -37.50 16.96 13.53
CA ASP C 216 -38.18 17.47 14.72
C ASP C 216 -37.21 17.83 15.83
N ASP C 217 -35.95 17.43 15.73
CA ASP C 217 -34.95 17.73 16.75
C ASP C 217 -33.83 18.63 16.25
N ILE C 218 -33.39 18.47 15.00
CA ILE C 218 -32.28 19.25 14.47
CA ILE C 218 -32.28 19.24 14.46
C ILE C 218 -32.63 19.68 13.05
N GLU C 219 -32.24 20.91 12.71
CA GLU C 219 -32.41 21.46 11.37
C GLU C 219 -31.07 21.98 10.87
N PHE C 220 -30.83 21.83 9.57
CA PHE C 220 -29.59 22.27 8.95
C PHE C 220 -29.86 23.45 8.02
N TYR C 221 -28.87 24.32 7.90
CA TYR C 221 -28.91 25.39 6.91
C TYR C 221 -27.49 25.86 6.64
N TRP C 222 -27.27 26.35 5.42
CA TRP C 222 -25.99 26.94 5.06
C TRP C 222 -25.91 28.35 5.62
N ARG C 223 -24.97 28.56 6.54
CA ARG C 223 -24.81 29.86 7.19
C ARG C 223 -24.10 30.80 6.22
N GLY C 224 -24.80 31.85 5.79
CA GLY C 224 -24.28 32.76 4.79
C GLY C 224 -24.81 32.53 3.38
N GLY C 225 -25.74 31.61 3.21
CA GLY C 225 -26.30 31.37 1.88
C GLY C 225 -25.27 30.74 0.95
N ASP C 226 -25.14 31.31 -0.24
CA ASP C 226 -24.19 30.81 -1.23
C ASP C 226 -22.74 31.09 -0.85
N LYS C 227 -22.50 31.90 0.17
CA LYS C 227 -21.16 32.21 0.63
C LYS C 227 -20.72 31.32 1.79
N ALA C 228 -21.48 30.27 2.09
CA ALA C 228 -21.13 29.39 3.21
C ALA C 228 -19.84 28.62 2.95
N VAL C 229 -19.59 28.24 1.69
CA VAL C 229 -18.40 27.47 1.33
C VAL C 229 -17.42 28.40 0.63
N THR C 230 -16.20 28.45 1.14
CA THR C 230 -15.14 29.29 0.59
C THR C 230 -13.94 28.43 0.21
N GLY C 231 -13.00 29.05 -0.50
CA GLY C 231 -11.78 28.39 -0.91
C GLY C 231 -11.88 27.55 -2.17
N VAL C 232 -13.02 27.55 -2.85
CA VAL C 232 -13.17 26.76 -4.07
C VAL C 232 -12.24 27.28 -5.16
N GLU C 233 -12.12 28.61 -5.28
CA GLU C 233 -11.27 29.20 -6.31
C GLU C 233 -9.80 28.88 -6.09
N ARG C 234 -9.39 28.57 -4.86
CA ARG C 234 -8.00 28.26 -4.55
C ARG C 234 -7.65 26.80 -4.76
N ILE C 235 -8.61 25.97 -5.17
CA ILE C 235 -8.34 24.55 -5.38
C ILE C 235 -7.56 24.37 -6.67
N GLU C 236 -6.45 23.63 -6.59
CA GLU C 236 -5.55 23.42 -7.72
C GLU C 236 -5.54 21.93 -8.06
N LEU C 237 -6.31 21.55 -9.07
CA LEU C 237 -6.33 20.18 -9.57
C LEU C 237 -5.61 20.12 -10.90
N PRO C 238 -4.48 19.42 -11.01
CA PRO C 238 -3.77 19.35 -12.30
C PRO C 238 -4.60 18.75 -13.42
N GLN C 239 -5.48 17.79 -13.11
CA GLN C 239 -6.23 17.09 -14.14
C GLN C 239 -7.64 17.64 -14.34
N PHE C 240 -8.16 18.43 -13.41
CA PHE C 240 -9.53 18.90 -13.47
C PHE C 240 -9.59 20.40 -13.22
N SER C 241 -10.66 21.02 -13.72
CA SER C 241 -10.99 22.40 -13.43
C SER C 241 -12.39 22.47 -12.85
N ILE C 242 -12.56 23.28 -11.81
CA ILE C 242 -13.84 23.38 -11.11
C ILE C 242 -14.68 24.42 -11.82
N VAL C 243 -15.64 23.95 -12.61
CA VAL C 243 -16.51 24.86 -13.36
C VAL C 243 -17.45 25.61 -12.44
N GLU C 244 -18.07 24.90 -11.48
CA GLU C 244 -19.09 25.50 -10.64
C GLU C 244 -19.26 24.64 -9.39
N HIS C 245 -19.72 25.28 -8.31
CA HIS C 245 -20.12 24.59 -7.10
C HIS C 245 -21.47 25.10 -6.65
N ARG C 246 -22.26 24.22 -6.04
CA ARG C 246 -23.62 24.55 -5.63
C ARG C 246 -23.85 24.08 -4.20
N LEU C 247 -24.76 24.77 -3.51
CA LEU C 247 -25.17 24.43 -2.15
C LEU C 247 -26.66 24.12 -2.16
N VAL C 248 -27.02 22.97 -1.60
CA VAL C 248 -28.41 22.51 -1.58
C VAL C 248 -28.79 22.18 -0.14
N SER C 249 -29.95 22.68 0.30
CA SER C 249 -30.51 22.37 1.60
C SER C 249 -31.89 21.74 1.40
N ARG C 250 -32.10 20.57 1.99
CA ARG C 250 -33.37 19.87 1.83
C ARG C 250 -33.52 18.85 2.95
N ASN C 251 -34.71 18.27 3.04
CA ASN C 251 -35.01 17.22 3.99
C ASN C 251 -35.26 15.91 3.26
N VAL C 252 -34.69 14.83 3.77
CA VAL C 252 -34.79 13.50 3.17
C VAL C 252 -35.59 12.61 4.11
N VAL C 253 -36.59 11.93 3.56
CA VAL C 253 -37.49 11.10 4.35
C VAL C 253 -36.94 9.68 4.41
N PHE C 254 -36.84 9.15 5.63
CA PHE C 254 -36.42 7.77 5.87
C PHE C 254 -37.53 7.03 6.61
N ALA C 255 -37.24 5.76 6.95
CA ALA C 255 -38.22 4.96 7.69
C ALA C 255 -38.47 5.54 9.08
N THR C 256 -37.42 5.98 9.76
CA THR C 256 -37.57 6.54 11.10
C THR C 256 -38.06 7.98 11.10
N GLY C 257 -38.02 8.65 9.96
CA GLY C 257 -38.50 10.03 9.88
C GLY C 257 -37.68 10.80 8.87
N ALA C 258 -38.01 12.09 8.77
CA ALA C 258 -37.30 13.00 7.89
C ALA C 258 -36.03 13.51 8.56
N TYR C 259 -34.96 13.64 7.78
CA TYR C 259 -33.67 14.07 8.30
C TYR C 259 -33.17 15.28 7.54
N PRO C 260 -32.49 16.21 8.21
CA PRO C 260 -31.89 17.35 7.51
C PRO C 260 -30.74 16.90 6.62
N ARG C 261 -30.55 17.62 5.52
CA ARG C 261 -29.53 17.28 4.55
C ARG C 261 -28.95 18.55 3.94
N LEU C 262 -27.62 18.63 3.92
CA LEU C 262 -26.89 19.68 3.22
C LEU C 262 -26.01 19.03 2.16
N SER C 263 -26.05 19.56 0.95
CA SER C 263 -25.28 19.02 -0.17
C SER C 263 -24.35 20.08 -0.72
N LEU C 264 -23.08 19.73 -0.86
CA LEU C 264 -22.08 20.55 -1.54
C LEU C 264 -21.56 19.76 -2.72
N SER C 265 -21.74 20.30 -3.93
CA SER C 265 -21.38 19.59 -5.15
C SER C 265 -20.45 20.46 -6.00
N PHE C 266 -19.54 19.80 -6.70
CA PHE C 266 -18.62 20.45 -7.62
C PHE C 266 -18.78 19.83 -9.00
N ARG C 267 -18.71 20.68 -10.03
CA ARG C 267 -18.69 20.21 -11.42
C ARG C 267 -17.27 20.30 -11.92
N LEU C 268 -16.66 19.14 -12.19
CA LEU C 268 -15.27 19.05 -12.60
C LEU C 268 -15.18 18.76 -14.09
N LYS C 269 -14.35 19.52 -14.79
CA LYS C 269 -14.09 19.30 -16.21
C LYS C 269 -12.64 18.85 -16.36
N ARG C 270 -12.44 17.70 -16.98
CA ARG C 270 -11.11 17.12 -17.09
C ARG C 270 -10.29 17.86 -18.14
N ASN C 271 -9.00 18.02 -17.86
CA ASN C 271 -8.06 18.64 -18.79
C ASN C 271 -7.55 17.60 -19.78
N ILE C 272 -7.67 17.90 -21.08
CA ILE C 272 -7.29 16.95 -22.11
C ILE C 272 -5.82 17.08 -22.51
N GLY C 273 -5.10 18.08 -21.98
CA GLY C 273 -3.73 18.30 -22.40
C GLY C 273 -2.82 17.11 -22.13
N TYR C 274 -2.99 16.46 -20.98
CA TYR C 274 -2.18 15.30 -20.66
C TYR C 274 -2.46 14.14 -21.61
N PHE C 275 -3.72 13.91 -21.95
CA PHE C 275 -4.09 12.75 -22.75
C PHE C 275 -3.70 12.92 -24.21
N ILE C 276 -3.63 14.16 -24.70
CA ILE C 276 -3.13 14.40 -26.04
C ILE C 276 -1.68 13.97 -26.15
N LEU C 277 -0.87 14.36 -25.15
CA LEU C 277 0.55 14.04 -25.19
C LEU C 277 0.81 12.56 -24.92
N GLN C 278 -0.01 11.92 -24.10
CA GLN C 278 0.27 10.57 -23.61
C GLN C 278 -0.36 9.49 -24.48
N THR C 279 -1.59 9.69 -24.97
CA THR C 279 -2.32 8.65 -25.67
C THR C 279 -2.64 9.00 -27.10
N TYR C 280 -3.18 10.20 -27.35
CA TYR C 280 -3.65 10.53 -28.69
C TYR C 280 -2.50 10.69 -29.67
N MET C 281 -1.47 11.44 -29.31
CA MET C 281 -0.33 11.63 -30.22
C MET C 281 0.39 10.34 -30.55
N PRO C 282 0.73 9.46 -29.58
CA PRO C 282 1.36 8.19 -29.98
C PRO C 282 0.51 7.35 -30.91
N SER C 283 -0.81 7.38 -30.73
CA SER C 283 -1.70 6.64 -31.64
C SER C 283 -1.64 7.21 -33.04
N ILE C 284 -1.60 8.53 -33.18
CA ILE C 284 -1.50 9.15 -34.50
C ILE C 284 -0.16 8.83 -35.13
N LEU C 285 0.92 8.90 -34.35
CA LEU C 285 2.25 8.65 -34.90
C LEU C 285 2.39 7.22 -35.40
N ILE C 286 1.84 6.25 -34.66
CA ILE C 286 1.88 4.86 -35.11
C ILE C 286 1.09 4.68 -36.39
N THR C 287 -0.08 5.34 -36.48
CA THR C 287 -0.86 5.27 -37.71
C THR C 287 -0.11 5.87 -38.88
N ILE C 288 0.55 7.02 -38.67
CA ILE C 288 1.39 7.59 -39.71
C ILE C 288 2.57 6.69 -40.03
N LEU C 289 3.11 6.02 -39.00
CA LEU C 289 4.21 5.10 -39.20
C LEU C 289 3.81 3.95 -40.14
N SER C 290 2.57 3.48 -40.03
CA SER C 290 2.09 2.42 -40.91
C SER C 290 1.99 2.87 -42.36
N TRP C 291 1.86 4.17 -42.61
CA TRP C 291 1.78 4.68 -43.98
C TRP C 291 3.12 4.66 -44.69
N VAL C 292 4.22 4.52 -43.94
CA VAL C 292 5.55 4.47 -44.56
C VAL C 292 5.69 3.24 -45.43
N SER C 293 5.00 2.15 -45.09
CA SER C 293 5.08 0.93 -45.87
C SER C 293 4.59 1.13 -47.30
N PHE C 294 3.72 2.12 -47.53
CA PHE C 294 3.21 2.36 -48.87
C PHE C 294 4.33 2.78 -49.82
N TRP C 295 5.26 3.60 -49.34
CA TRP C 295 6.38 4.04 -50.18
C TRP C 295 7.50 3.03 -50.29
N ILE C 296 7.47 1.95 -49.49
CA ILE C 296 8.47 0.91 -49.59
C ILE C 296 8.11 -0.02 -50.74
N ASN C 297 9.13 -0.45 -51.49
CA ASN C 297 8.89 -1.32 -52.63
CA ASN C 297 8.89 -1.33 -52.63
C ASN C 297 8.30 -2.65 -52.17
N TYR C 298 7.41 -3.21 -53.00
CA TYR C 298 6.72 -4.44 -52.65
C TYR C 298 7.66 -5.64 -52.57
N ASP C 299 8.85 -5.57 -53.17
CA ASP C 299 9.80 -6.67 -53.06
C ASP C 299 10.35 -6.81 -51.65
N ALA C 300 10.28 -5.75 -50.84
CA ALA C 300 10.75 -5.78 -49.46
C ALA C 300 9.66 -6.38 -48.58
N SER C 301 9.48 -7.69 -48.71
CA SER C 301 8.44 -8.38 -47.96
C SER C 301 8.70 -8.32 -46.46
N ALA C 302 9.95 -8.56 -46.04
CA ALA C 302 10.27 -8.52 -44.61
C ALA C 302 10.09 -7.12 -44.06
N ALA C 303 10.51 -6.09 -44.81
CA ALA C 303 10.43 -4.72 -44.31
C ALA C 303 8.98 -4.27 -44.14
N ARG C 304 8.13 -4.54 -45.14
CA ARG C 304 6.76 -4.05 -45.09
C ARG C 304 5.90 -4.84 -44.10
N VAL C 305 6.14 -6.15 -43.99
CA VAL C 305 5.40 -6.94 -43.00
C VAL C 305 5.82 -6.55 -41.59
N ALA C 306 7.11 -6.28 -41.38
CA ALA C 306 7.57 -5.83 -40.07
C ALA C 306 6.93 -4.50 -39.69
N LEU C 307 6.78 -3.59 -40.66
CA LEU C 307 6.04 -2.36 -40.41
C LEU C 307 4.60 -2.65 -40.04
N GLY C 308 3.97 -3.58 -40.75
CA GLY C 308 2.59 -3.92 -40.43
C GLY C 308 2.44 -4.58 -39.07
N ILE C 309 3.35 -5.49 -38.73
CA ILE C 309 3.26 -6.22 -37.47
C ILE C 309 3.45 -5.28 -36.29
N THR C 310 4.50 -4.46 -36.33
CA THR C 310 4.83 -3.63 -35.19
C THR C 310 3.74 -2.60 -34.91
N THR C 311 3.19 -1.98 -35.96
CA THR C 311 2.14 -0.99 -35.76
C THR C 311 0.88 -1.64 -35.19
N VAL C 312 0.52 -2.82 -35.70
CA VAL C 312 -0.67 -3.50 -35.18
C VAL C 312 -0.47 -3.91 -33.73
N LEU C 313 0.70 -4.46 -33.40
CA LEU C 313 0.97 -4.87 -32.02
C LEU C 313 1.06 -3.66 -31.10
N THR C 314 1.69 -2.57 -31.57
CA THR C 314 1.81 -1.37 -30.74
C THR C 314 0.44 -0.78 -30.42
N MET C 315 -0.46 -0.78 -31.40
CA MET C 315 -1.80 -0.24 -31.18
C MET C 315 -2.56 -1.05 -30.13
N THR C 316 -2.43 -2.38 -30.16
CA THR C 316 -3.08 -3.21 -29.16
C THR C 316 -2.51 -2.94 -27.77
N THR C 317 -1.20 -2.80 -27.67
CA THR C 317 -0.58 -2.55 -26.36
C THR C 317 -1.03 -1.22 -25.78
N ILE C 318 -1.13 -0.19 -26.60
CA ILE C 318 -1.58 1.12 -26.12
C ILE C 318 -3.02 1.03 -25.62
N ASN C 319 -3.88 0.36 -26.36
CA ASN C 319 -5.28 0.24 -25.95
C ASN C 319 -5.42 -0.57 -24.67
N THR C 320 -4.66 -1.66 -24.55
CA THR C 320 -4.79 -2.51 -23.36
C THR C 320 -4.15 -1.87 -22.13
N HIS C 321 -2.99 -1.24 -22.30
CA HIS C 321 -2.29 -0.66 -21.16
C HIS C 321 -3.09 0.47 -20.53
N LEU C 322 -3.70 1.32 -21.34
CA LEU C 322 -4.49 2.42 -20.81
C LEU C 322 -5.71 1.91 -20.05
N ARG C 323 -6.38 0.89 -20.60
CA ARG C 323 -7.61 0.39 -19.97
C ARG C 323 -7.33 -0.26 -18.63
N GLU C 324 -6.12 -0.78 -18.42
CA GLU C 324 -5.78 -1.40 -17.14
C GLU C 324 -5.79 -0.36 -16.02
N THR C 325 -5.31 0.85 -16.31
CA THR C 325 -5.29 1.90 -15.29
C THR C 325 -6.70 2.26 -14.82
N LEU C 326 -7.64 2.37 -15.75
CA LEU C 326 -9.01 2.68 -15.39
C LEU C 326 -9.71 1.46 -14.79
N PRO C 327 -10.78 1.67 -14.03
CA PRO C 327 -11.53 0.54 -13.49
C PRO C 327 -12.18 -0.28 -14.60
N LYS C 328 -12.42 -1.56 -14.28
CA LYS C 328 -12.97 -2.51 -15.25
C LYS C 328 -14.46 -2.24 -15.47
N ILE C 329 -14.72 -1.13 -16.16
CA ILE C 329 -16.08 -0.74 -16.52
C ILE C 329 -16.54 -1.60 -17.69
N PRO C 330 -17.84 -1.88 -17.83
CA PRO C 330 -18.30 -2.75 -18.91
C PRO C 330 -18.58 -2.05 -20.24
N TYR C 331 -18.58 -0.73 -20.29
CA TYR C 331 -18.93 0.00 -21.50
C TYR C 331 -17.68 0.52 -22.19
N VAL C 332 -17.88 1.13 -23.37
CA VAL C 332 -16.80 1.63 -24.21
C VAL C 332 -16.65 3.13 -23.94
N LYS C 333 -15.40 3.56 -23.73
CA LYS C 333 -15.10 4.97 -23.50
C LYS C 333 -14.86 5.69 -24.82
N ALA C 334 -14.79 7.02 -24.74
CA ALA C 334 -14.50 7.82 -25.92
C ALA C 334 -13.09 7.54 -26.43
N ILE C 335 -12.13 7.41 -25.51
CA ILE C 335 -10.76 7.12 -25.93
C ILE C 335 -10.66 5.73 -26.55
N ASP C 336 -11.46 4.77 -26.05
CA ASP C 336 -11.45 3.43 -26.63
C ASP C 336 -11.93 3.46 -28.08
N MET C 337 -12.91 4.31 -28.38
CA MET C 337 -13.38 4.45 -29.77
C MET C 337 -12.27 4.93 -30.67
N TYR C 338 -11.49 5.91 -30.22
CA TYR C 338 -10.38 6.41 -31.04
C TYR C 338 -9.29 5.36 -31.20
N LEU C 339 -8.97 4.63 -30.12
CA LEU C 339 -7.94 3.59 -30.21
C LEU C 339 -8.37 2.46 -31.13
N MET C 340 -9.63 2.04 -31.06
CA MET C 340 -10.12 1.00 -31.95
C MET C 340 -10.16 1.47 -33.39
N GLY C 341 -10.48 2.76 -33.61
CA GLY C 341 -10.45 3.30 -34.95
C GLY C 341 -9.06 3.32 -35.55
N CYS C 342 -8.06 3.68 -34.73
CA CYS C 342 -6.68 3.65 -35.20
C CYS C 342 -6.20 2.23 -35.48
N PHE C 343 -6.74 1.25 -34.76
CA PHE C 343 -6.38 -0.15 -35.01
C PHE C 343 -6.85 -0.59 -36.40
N VAL C 344 -8.02 -0.12 -36.83
CA VAL C 344 -8.53 -0.51 -38.14
C VAL C 344 -7.62 0.02 -39.25
N PHE C 345 -7.16 1.27 -39.12
CA PHE C 345 -6.33 1.85 -40.17
C PHE C 345 -4.99 1.12 -40.31
N VAL C 346 -4.34 0.81 -39.19
CA VAL C 346 -3.06 0.11 -39.26
C VAL C 346 -3.27 -1.34 -39.71
N PHE C 347 -4.38 -1.97 -39.29
CA PHE C 347 -4.64 -3.34 -39.72
C PHE C 347 -4.93 -3.41 -41.22
N LEU C 348 -5.68 -2.43 -41.74
CA LEU C 348 -5.93 -2.39 -43.18
C LEU C 348 -4.66 -2.10 -43.97
N ALA C 349 -3.72 -1.33 -43.38
CA ALA C 349 -2.47 -1.06 -44.06
C ALA C 349 -1.67 -2.35 -44.27
N LEU C 350 -1.62 -3.21 -43.25
CA LEU C 350 -0.96 -4.50 -43.41
C LEU C 350 -1.69 -5.39 -44.40
N LEU C 351 -3.03 -5.39 -44.35
CA LEU C 351 -3.81 -6.15 -45.32
C LEU C 351 -3.64 -5.60 -46.73
N GLU C 352 -3.35 -4.30 -46.86
CA GLU C 352 -3.14 -3.72 -48.18
C GLU C 352 -1.91 -4.34 -48.86
N TYR C 353 -0.82 -4.50 -48.12
CA TYR C 353 0.37 -5.12 -48.71
C TYR C 353 0.15 -6.61 -48.96
N ALA C 354 -0.63 -7.28 -48.10
CA ALA C 354 -0.92 -8.68 -48.32
C ALA C 354 -1.66 -8.88 -49.65
N PHE C 355 -2.60 -8.00 -49.96
CA PHE C 355 -3.24 -8.04 -51.27
C PHE C 355 -2.26 -7.72 -52.39
N VAL C 356 -1.39 -6.73 -52.16
CA VAL C 356 -0.40 -6.37 -53.18
C VAL C 356 0.59 -7.51 -53.37
N ASN C 357 1.09 -8.08 -52.26
CA ASN C 357 2.02 -9.19 -52.36
C ASN C 357 1.40 -10.41 -53.03
N TYR C 358 0.07 -10.53 -52.96
CA TYR C 358 -0.63 -11.66 -53.54
C TYR C 358 -0.78 -11.55 -55.06
N ILE C 359 -0.65 -10.36 -55.63
CA ILE C 359 -0.88 -10.17 -57.05
C ILE C 359 0.29 -9.43 -57.71
N PHE C 360 1.36 -9.18 -56.96
CA PHE C 360 2.46 -8.39 -57.50
C PHE C 360 3.18 -9.12 -58.62
N PHE C 361 3.32 -10.44 -58.51
CA PHE C 361 4.00 -11.20 -59.55
C PHE C 361 3.12 -11.33 -60.79
N SER C 362 1.84 -11.66 -60.60
CA SER C 362 0.96 -11.87 -61.75
C SER C 362 0.56 -10.55 -62.39
N GLN C 363 0.25 -9.54 -61.59
CA GLN C 363 -0.23 -8.24 -62.08
C GLN C 363 0.60 -7.13 -61.45
N PRO C 364 1.84 -6.94 -61.91
CA PRO C 364 2.68 -5.87 -61.34
C PRO C 364 2.10 -4.48 -61.54
N ALA C 365 1.41 -4.24 -62.66
CA ALA C 365 0.86 -2.92 -62.92
C ALA C 365 -0.27 -2.60 -61.93
N ARG C 366 -1.14 -3.57 -61.66
CA ARG C 366 -2.24 -3.33 -60.73
C ARG C 366 -1.73 -3.18 -59.30
N ALA C 367 -0.70 -3.95 -58.93
CA ALA C 367 -0.15 -3.85 -57.58
C ALA C 367 0.46 -2.48 -57.33
N ALA C 368 1.15 -1.92 -58.34
CA ALA C 368 1.74 -0.60 -58.19
C ALA C 368 0.67 0.47 -58.01
N ALA C 369 -0.46 0.32 -58.70
CA ALA C 369 -1.54 1.30 -58.56
C ALA C 369 -2.12 1.31 -57.15
N ILE C 370 -2.27 0.14 -56.55
CA ILE C 370 -2.82 0.05 -55.20
C ILE C 370 -1.93 0.77 -54.20
N ASP C 371 -0.61 0.58 -54.31
CA ASP C 371 0.32 1.30 -53.44
C ASP C 371 0.23 2.79 -53.67
N ARG C 372 0.13 3.22 -54.94
CA ARG C 372 0.06 4.65 -55.23
C ARG C 372 -1.21 5.27 -54.67
N TRP C 373 -2.35 4.58 -54.80
CA TRP C 373 -3.60 5.11 -54.28
C TRP C 373 -3.65 5.04 -52.75
N SER C 374 -2.96 4.06 -52.16
CA SER C 374 -2.95 3.94 -50.71
C SER C 374 -2.24 5.12 -50.05
N ARG C 375 -1.31 5.76 -50.76
CA ARG C 375 -0.64 6.94 -50.24
C ARG C 375 -1.55 8.15 -50.14
N ILE C 376 -2.73 8.11 -50.75
CA ILE C 376 -3.67 9.21 -50.73
C ILE C 376 -4.91 8.88 -49.91
N VAL C 377 -5.48 7.69 -50.10
CA VAL C 377 -6.72 7.33 -49.43
C VAL C 377 -6.51 7.21 -47.93
N PHE C 378 -5.45 6.51 -47.52
CA PHE C 378 -5.22 6.30 -46.09
C PHE C 378 -4.98 7.60 -45.32
N PRO C 379 -4.10 8.51 -45.75
CA PRO C 379 -4.00 9.80 -45.02
C PRO C 379 -5.28 10.61 -45.05
N PHE C 380 -6.04 10.55 -46.14
CA PHE C 380 -7.25 11.35 -46.25
C PHE C 380 -8.37 10.77 -45.39
N THR C 381 -8.52 9.44 -45.40
CA THR C 381 -9.57 8.83 -44.59
C THR C 381 -9.30 9.00 -43.10
N PHE C 382 -8.04 8.88 -42.70
CA PHE C 382 -7.70 9.08 -41.29
C PHE C 382 -7.98 10.51 -40.84
N SER C 383 -7.70 11.48 -41.71
CA SER C 383 -8.06 12.87 -41.41
C SER C 383 -9.56 13.02 -41.27
N LEU C 384 -10.33 12.35 -42.14
CA LEU C 384 -11.79 12.40 -42.02
CA LEU C 384 -11.79 12.40 -42.02
C LEU C 384 -12.25 11.76 -40.71
N PHE C 385 -11.63 10.65 -40.32
CA PHE C 385 -11.99 9.99 -39.07
C PHE C 385 -11.77 10.89 -37.87
N ASN C 386 -10.65 11.62 -37.86
CA ASN C 386 -10.39 12.56 -36.77
C ASN C 386 -11.39 13.72 -36.77
N LEU C 387 -11.82 14.15 -37.96
CA LEU C 387 -12.74 15.29 -38.03
C LEU C 387 -14.08 14.95 -37.40
N VAL C 388 -14.65 13.80 -37.77
CA VAL C 388 -15.95 13.41 -37.21
C VAL C 388 -15.83 13.07 -35.73
N TYR C 389 -14.72 12.44 -35.34
CA TYR C 389 -14.53 12.05 -33.95
C TYR C 389 -14.45 13.26 -33.02
N TRP C 390 -13.61 14.23 -33.37
CA TRP C 390 -13.37 15.35 -32.47
C TRP C 390 -14.57 16.30 -32.42
N LEU C 391 -15.25 16.49 -33.55
CA LEU C 391 -16.43 17.36 -33.56
C LEU C 391 -17.54 16.79 -32.69
N TYR C 392 -17.70 15.46 -32.69
CA TYR C 392 -18.76 14.84 -31.90
C TYR C 392 -18.52 15.04 -30.40
N TYR C 393 -17.27 14.91 -29.95
CA TYR C 393 -16.96 14.97 -28.53
C TYR C 393 -16.57 16.37 -28.05
N VAL C 394 -16.64 17.38 -28.91
CA VAL C 394 -16.32 18.74 -28.49
C VAL C 394 -17.60 19.56 -28.38
N ASN D 58 -42.78 16.48 34.46
CA ASN D 58 -44.10 16.97 34.07
C ASN D 58 -44.12 17.41 32.62
N ASP D 59 -43.61 18.61 32.37
CA ASP D 59 -43.57 19.13 31.01
C ASP D 59 -42.53 18.36 30.18
N PRO D 60 -42.88 17.89 28.99
CA PRO D 60 -41.86 17.23 28.14
C PRO D 60 -40.71 18.15 27.79
N GLY D 61 -40.94 19.45 27.64
CA GLY D 61 -39.91 20.40 27.36
C GLY D 61 -39.06 20.82 28.54
N ASN D 62 -39.39 20.35 29.74
CA ASN D 62 -38.60 20.64 30.93
C ASN D 62 -37.41 19.70 30.96
N MET D 63 -36.21 20.24 30.67
CA MET D 63 -35.02 19.41 30.58
C MET D 63 -34.59 18.87 31.93
N SER D 64 -34.90 19.58 33.01
CA SER D 64 -34.56 19.09 34.34
C SER D 64 -35.31 17.80 34.67
N PHE D 65 -36.59 17.73 34.30
CA PHE D 65 -37.37 16.51 34.53
C PHE D 65 -36.85 15.37 33.66
N VAL D 66 -36.50 15.65 32.40
CA VAL D 66 -35.97 14.61 31.53
C VAL D 66 -34.62 14.11 32.05
N LYS D 67 -33.76 15.03 32.51
CA LYS D 67 -32.47 14.63 33.03
C LYS D 67 -32.62 13.76 34.28
N GLU D 68 -33.55 14.11 35.16
CA GLU D 68 -33.78 13.30 36.36
C GLU D 68 -34.31 11.92 36.00
N THR D 69 -35.18 11.84 34.99
CA THR D 69 -35.72 10.54 34.57
C THR D 69 -34.61 9.64 34.02
N VAL D 70 -33.72 10.20 33.19
CA VAL D 70 -32.65 9.40 32.63
C VAL D 70 -31.66 8.99 33.71
N ASP D 71 -31.39 9.88 34.68
CA ASP D 71 -30.48 9.54 35.76
C ASP D 71 -31.03 8.40 36.60
N LYS D 72 -32.34 8.36 36.81
CA LYS D 72 -32.94 7.26 37.57
C LYS D 72 -32.78 5.93 36.85
N LEU D 73 -32.88 5.94 35.52
CA LEU D 73 -32.73 4.70 34.75
C LEU D 73 -31.34 4.11 34.91
N LEU D 74 -30.31 4.97 34.89
CA LEU D 74 -28.94 4.50 34.95
C LEU D 74 -28.43 4.28 36.37
N LYS D 75 -29.20 4.67 37.38
CA LYS D 75 -28.79 4.45 38.76
C LYS D 75 -29.02 2.98 39.12
N GLY D 76 -27.95 2.29 39.50
CA GLY D 76 -28.02 0.87 39.77
C GLY D 76 -28.01 0.00 38.52
N TYR D 77 -27.86 0.59 37.35
CA TYR D 77 -27.83 -0.18 36.10
C TYR D 77 -26.49 -0.88 35.97
N ASP D 78 -26.52 -2.18 35.70
CA ASP D 78 -25.32 -2.99 35.57
C ASP D 78 -25.16 -3.37 34.10
N ILE D 79 -24.14 -2.80 33.44
CA ILE D 79 -23.88 -3.11 32.05
C ILE D 79 -23.38 -4.53 31.86
N ARG D 80 -22.88 -5.16 32.93
CA ARG D 80 -22.34 -6.52 32.83
C ARG D 80 -23.44 -7.56 32.64
N LEU D 81 -24.68 -7.22 32.94
CA LEU D 81 -25.80 -8.16 32.90
C LEU D 81 -26.71 -7.83 31.72
N ARG D 82 -27.05 -8.85 30.93
CA ARG D 82 -27.99 -8.69 29.85
C ARG D 82 -29.39 -8.47 30.39
N PRO D 83 -30.27 -7.87 29.59
CA PRO D 83 -31.68 -7.76 30.01
C PRO D 83 -32.29 -9.15 30.24
N ASP D 84 -33.12 -9.24 31.28
CA ASP D 84 -33.73 -10.50 31.69
C ASP D 84 -32.67 -11.56 31.96
N PHE D 85 -31.60 -11.15 32.63
CA PHE D 85 -30.53 -12.09 32.97
C PHE D 85 -31.06 -13.20 33.86
N GLY D 86 -30.70 -14.44 33.53
CA GLY D 86 -31.19 -15.59 34.24
C GLY D 86 -32.60 -16.02 33.88
N GLY D 87 -33.21 -15.38 32.88
CA GLY D 87 -34.55 -15.73 32.45
C GLY D 87 -34.62 -16.05 30.98
N PRO D 88 -35.73 -15.69 30.35
CA PRO D 88 -35.86 -15.96 28.91
C PRO D 88 -34.84 -15.17 28.12
N PRO D 89 -34.38 -15.71 27.00
CA PRO D 89 -33.41 -14.97 26.18
C PRO D 89 -33.98 -13.69 25.62
N VAL D 90 -33.12 -12.68 25.49
CA VAL D 90 -33.53 -11.40 24.93
C VAL D 90 -33.49 -11.51 23.41
N CYS D 91 -34.60 -11.15 22.76
CA CYS D 91 -34.70 -11.20 21.31
C CYS D 91 -34.19 -9.91 20.71
N VAL D 92 -33.28 -10.02 19.75
CA VAL D 92 -32.66 -8.87 19.10
C VAL D 92 -33.07 -8.88 17.63
N GLY D 93 -33.76 -7.82 17.21
CA GLY D 93 -34.16 -7.67 15.82
C GLY D 93 -33.15 -6.80 15.08
N MET D 94 -32.85 -7.20 13.85
CA MET D 94 -31.80 -6.54 13.08
C MET D 94 -32.30 -6.15 11.70
N ASN D 95 -31.93 -4.93 11.29
N ASN D 95 -31.92 -4.94 11.28
CA ASN D 95 -32.19 -4.42 9.95
CA ASN D 95 -32.20 -4.48 9.92
C ASN D 95 -30.90 -3.83 9.41
C ASN D 95 -30.97 -3.76 9.39
N ILE D 96 -30.72 -3.93 8.09
CA ILE D 96 -29.53 -3.40 7.44
C ILE D 96 -29.96 -2.47 6.31
N ASP D 97 -29.39 -1.27 6.29
CA ASP D 97 -29.55 -0.33 5.19
C ASP D 97 -28.19 -0.26 4.48
N ILE D 98 -28.07 -0.96 3.35
CA ILE D 98 -26.80 -1.08 2.65
C ILE D 98 -26.53 0.23 1.93
N ALA D 99 -25.49 0.95 2.36
CA ALA D 99 -25.11 2.19 1.70
C ALA D 99 -24.52 1.92 0.33
N SER D 100 -23.57 0.99 0.25
CA SER D 100 -22.90 0.67 -1.01
C SER D 100 -22.04 -0.57 -0.81
N ILE D 101 -21.66 -1.18 -1.92
CA ILE D 101 -20.65 -2.22 -1.97
C ILE D 101 -19.45 -1.63 -2.69
N ASP D 102 -18.36 -1.39 -1.95
CA ASP D 102 -17.25 -0.61 -2.49
C ASP D 102 -16.56 -1.35 -3.63
N MET D 103 -16.19 -2.61 -3.41
CA MET D 103 -15.43 -3.35 -4.41
C MET D 103 -15.55 -4.84 -4.13
N VAL D 104 -15.30 -5.61 -5.17
CA VAL D 104 -15.26 -7.08 -5.10
C VAL D 104 -13.90 -7.52 -5.62
N SER D 105 -13.11 -8.15 -4.77
CA SER D 105 -11.74 -8.50 -5.08
C SER D 105 -11.61 -10.00 -5.26
N GLU D 106 -11.28 -10.42 -6.48
CA GLU D 106 -10.98 -11.83 -6.74
C GLU D 106 -9.62 -12.22 -6.18
N VAL D 107 -8.67 -11.28 -6.15
CA VAL D 107 -7.33 -11.59 -5.65
C VAL D 107 -7.37 -11.91 -4.16
N ASN D 108 -8.08 -11.09 -3.39
CA ASN D 108 -8.17 -11.28 -1.95
C ASN D 108 -9.37 -12.10 -1.51
N MET D 109 -10.26 -12.45 -2.45
CA MET D 109 -11.46 -13.23 -2.15
C MET D 109 -12.30 -12.57 -1.07
N ASP D 110 -12.63 -11.29 -1.28
CA ASP D 110 -13.39 -10.54 -0.30
C ASP D 110 -14.08 -9.38 -0.99
N TYR D 111 -15.05 -8.79 -0.29
CA TYR D 111 -15.77 -7.62 -0.76
C TYR D 111 -15.92 -6.64 0.40
N THR D 112 -16.03 -5.36 0.06
CA THR D 112 -16.15 -4.29 1.04
C THR D 112 -17.59 -3.79 1.06
N LEU D 113 -18.18 -3.73 2.25
CA LEU D 113 -19.58 -3.38 2.42
C LEU D 113 -19.71 -2.24 3.42
N THR D 114 -20.44 -1.20 3.05
CA THR D 114 -20.79 -0.11 3.94
C THR D 114 -22.30 -0.12 4.14
N MET D 115 -22.74 -0.06 5.39
CA MET D 115 -24.15 -0.25 5.70
C MET D 115 -24.51 0.45 6.99
N TYR D 116 -25.81 0.64 7.19
CA TYR D 116 -26.37 1.10 8.45
C TYR D 116 -26.90 -0.12 9.20
N PHE D 117 -26.24 -0.48 10.30
CA PHE D 117 -26.57 -1.66 11.07
C PHE D 117 -27.37 -1.25 12.30
N GLN D 118 -28.62 -1.72 12.38
CA GLN D 118 -29.52 -1.37 13.46
C GLN D 118 -29.92 -2.61 14.24
N GLN D 119 -29.94 -2.49 15.57
CA GLN D 119 -30.33 -3.56 16.46
C GLN D 119 -31.50 -3.11 17.33
N TYR D 120 -32.46 -4.01 17.50
CA TYR D 120 -33.71 -3.72 18.21
CA TYR D 120 -33.71 -3.72 18.21
C TYR D 120 -33.89 -4.73 19.33
N TRP D 121 -34.00 -4.25 20.56
CA TRP D 121 -34.24 -5.14 21.69
C TRP D 121 -34.88 -4.34 22.81
N ARG D 122 -35.48 -5.05 23.76
CA ARG D 122 -36.20 -4.46 24.87
C ARG D 122 -35.45 -4.69 26.17
N ASP D 123 -35.21 -3.62 26.91
CA ASP D 123 -34.57 -3.68 28.23
C ASP D 123 -35.52 -3.02 29.23
N LYS D 124 -36.16 -3.83 30.07
CA LYS D 124 -37.14 -3.31 31.01
C LYS D 124 -36.51 -2.40 32.06
N ARG D 125 -35.21 -2.51 32.28
CA ARG D 125 -34.53 -1.59 33.20
C ARG D 125 -34.55 -0.15 32.69
N LEU D 126 -34.74 0.05 31.39
CA LEU D 126 -34.74 1.38 30.78
C LEU D 126 -36.14 1.91 30.54
N ALA D 127 -37.17 1.23 31.01
CA ALA D 127 -38.54 1.71 30.85
C ALA D 127 -38.76 2.96 31.69
N TYR D 128 -39.44 3.94 31.12
CA TYR D 128 -39.74 5.19 31.80
C TYR D 128 -41.20 5.57 31.56
N SER D 129 -41.75 6.32 32.51
CA SER D 129 -43.14 6.75 32.45
C SER D 129 -43.22 8.26 32.66
N GLY D 130 -44.32 8.85 32.18
CA GLY D 130 -44.55 10.27 32.30
C GLY D 130 -44.05 11.10 31.14
N ILE D 131 -43.29 10.51 30.23
CA ILE D 131 -42.80 11.20 29.03
C ILE D 131 -43.36 10.47 27.82
N PRO D 132 -44.41 11.00 27.19
CA PRO D 132 -45.02 10.37 26.01
C PRO D 132 -44.24 10.61 24.72
N LEU D 133 -42.93 10.40 24.77
CA LEU D 133 -42.06 10.63 23.62
C LEU D 133 -40.95 9.59 23.63
N ASN D 134 -40.36 9.38 22.45
CA ASN D 134 -39.19 8.53 22.31
C ASN D 134 -37.94 9.37 22.50
N LEU D 135 -37.06 8.93 23.41
CA LEU D 135 -35.89 9.70 23.80
C LEU D 135 -34.73 9.37 22.87
N THR D 136 -34.39 10.30 21.98
CA THR D 136 -33.18 10.19 21.17
C THR D 136 -32.05 10.86 21.93
N LEU D 137 -31.14 10.05 22.46
CA LEU D 137 -30.06 10.54 23.30
C LEU D 137 -28.76 10.65 22.52
N ASP D 138 -27.80 11.35 23.11
CA ASP D 138 -26.47 11.45 22.54
C ASP D 138 -25.82 10.07 22.47
N ASN D 139 -25.03 9.85 21.41
CA ASN D 139 -24.49 8.52 21.15
C ASN D 139 -23.57 8.04 22.26
N ARG D 140 -23.01 8.94 23.06
CA ARG D 140 -22.11 8.54 24.13
C ARG D 140 -22.82 7.81 25.26
N VAL D 141 -24.15 7.85 25.30
CA VAL D 141 -24.88 7.09 26.32
C VAL D 141 -24.84 5.59 26.06
N ALA D 142 -24.44 5.17 24.86
CA ALA D 142 -24.38 3.75 24.55
C ALA D 142 -23.30 3.05 25.37
N ASP D 143 -22.24 3.77 25.75
CA ASP D 143 -21.19 3.17 26.57
C ASP D 143 -21.64 2.90 27.99
N GLN D 144 -22.77 3.47 28.41
CA GLN D 144 -23.33 3.24 29.73
C GLN D 144 -24.48 2.24 29.72
N LEU D 145 -24.71 1.58 28.59
CA LEU D 145 -25.81 0.64 28.44
C LEU D 145 -25.29 -0.70 27.94
N TRP D 146 -25.99 -1.76 28.30
CA TRP D 146 -25.72 -3.07 27.72
C TRP D 146 -26.11 -3.08 26.26
N VAL D 147 -25.24 -3.62 25.41
CA VAL D 147 -25.55 -3.79 24.00
C VAL D 147 -25.22 -5.22 23.61
N PRO D 148 -25.88 -5.80 22.61
CA PRO D 148 -25.53 -7.16 22.18
C PRO D 148 -24.10 -7.22 21.64
N ASP D 149 -23.46 -8.35 21.90
CA ASP D 149 -22.09 -8.59 21.42
C ASP D 149 -22.09 -9.11 19.98
N THR D 150 -22.77 -8.37 19.10
CA THR D 150 -22.90 -8.79 17.71
C THR D 150 -21.58 -8.60 16.97
N TYR D 151 -21.20 -9.61 16.20
CA TYR D 151 -20.00 -9.53 15.37
C TYR D 151 -20.26 -10.27 14.06
N PHE D 152 -19.44 -9.97 13.06
CA PHE D 152 -19.58 -10.56 11.73
C PHE D 152 -18.59 -11.72 11.60
N LEU D 153 -19.13 -12.90 11.33
CA LEU D 153 -18.33 -14.13 11.40
C LEU D 153 -17.22 -14.15 10.35
N ASN D 154 -17.53 -13.75 9.12
CA ASN D 154 -16.61 -13.90 8.00
C ASN D 154 -15.88 -12.61 7.64
N ASP D 155 -15.97 -11.57 8.47
CA ASP D 155 -15.30 -10.32 8.14
C ASP D 155 -13.80 -10.45 8.36
N LYS D 156 -13.05 -9.64 7.61
CA LYS D 156 -11.60 -9.57 7.73
C LYS D 156 -11.11 -8.30 8.41
N LYS D 157 -11.73 -7.17 8.09
CA LYS D 157 -11.43 -5.91 8.77
C LYS D 157 -12.67 -5.04 8.68
N SER D 158 -13.04 -4.42 9.79
CA SER D 158 -14.21 -3.56 9.81
C SER D 158 -14.00 -2.45 10.83
N PHE D 159 -14.76 -1.37 10.67
CA PHE D 159 -14.65 -0.23 11.57
C PHE D 159 -15.97 0.53 11.55
N VAL D 160 -16.16 1.36 12.58
CA VAL D 160 -17.29 2.27 12.68
C VAL D 160 -16.79 3.67 12.39
N HIS D 161 -17.48 4.37 11.49
CA HIS D 161 -17.09 5.73 11.14
C HIS D 161 -17.20 6.65 12.35
N GLY D 162 -16.26 7.58 12.47
CA GLY D 162 -16.20 8.44 13.64
C GLY D 162 -16.04 9.92 13.37
N VAL D 163 -16.55 10.38 12.23
CA VAL D 163 -16.50 11.79 11.85
C VAL D 163 -17.92 12.23 11.51
N THR D 164 -18.38 13.33 12.10
CA THR D 164 -17.62 14.14 13.05
C THR D 164 -17.58 13.50 14.45
N VAL D 165 -18.65 12.80 14.78
CA VAL D 165 -18.71 12.00 16.00
C VAL D 165 -18.80 10.54 15.58
N LYS D 166 -18.79 9.63 16.54
CA LYS D 166 -18.97 8.23 16.24
C LYS D 166 -20.33 8.01 15.58
N ASN D 167 -20.33 7.34 14.43
CA ASN D 167 -21.56 7.14 13.66
C ASN D 167 -22.42 6.12 14.37
N ARG D 168 -23.11 6.59 15.40
CA ARG D 168 -23.86 5.74 16.32
C ARG D 168 -25.06 6.53 16.83
N MET D 169 -26.17 5.83 17.05
CA MET D 169 -27.38 6.47 17.56
C MET D 169 -28.05 5.56 18.58
N ILE D 170 -28.66 6.18 19.58
CA ILE D 170 -29.41 5.49 20.62
C ILE D 170 -30.78 6.14 20.73
N ARG D 171 -31.82 5.34 20.64
CA ARG D 171 -33.20 5.81 20.79
C ARG D 171 -33.91 4.93 21.80
N LEU D 172 -34.45 5.54 22.85
CA LEU D 172 -35.18 4.83 23.88
C LEU D 172 -36.68 5.00 23.67
N HIS D 173 -37.44 4.05 24.22
CA HIS D 173 -38.88 4.05 24.14
C HIS D 173 -39.47 3.82 25.53
N PRO D 174 -40.69 4.28 25.78
CA PRO D 174 -41.24 4.18 27.14
C PRO D 174 -41.31 2.76 27.69
N ASP D 175 -41.54 1.76 26.85
CA ASP D 175 -41.61 0.39 27.32
C ASP D 175 -40.24 -0.22 27.60
N GLY D 176 -39.16 0.49 27.28
CA GLY D 176 -37.82 0.00 27.51
C GLY D 176 -37.10 -0.49 26.27
N THR D 177 -37.71 -0.35 25.10
CA THR D 177 -37.07 -0.80 23.87
C THR D 177 -35.94 0.14 23.49
N VAL D 178 -34.86 -0.42 22.97
CA VAL D 178 -33.66 0.33 22.59
C VAL D 178 -33.43 0.15 21.10
N LEU D 179 -33.24 1.27 20.39
CA LEU D 179 -32.82 1.26 19.00
C LEU D 179 -31.35 1.68 18.95
N TYR D 180 -30.51 0.81 18.40
CA TYR D 180 -29.07 0.99 18.40
C TYR D 180 -28.57 0.87 16.96
N GLY D 181 -28.08 1.96 16.40
CA GLY D 181 -27.65 2.00 15.01
C GLY D 181 -26.16 2.29 14.89
N LEU D 182 -25.53 1.64 13.92
CA LEU D 182 -24.10 1.84 13.65
C LEU D 182 -23.88 1.88 12.14
N ARG D 183 -23.04 2.81 11.70
CA ARG D 183 -22.60 2.87 10.31
C ARG D 183 -21.25 2.17 10.22
N ILE D 184 -21.21 1.02 9.55
CA ILE D 184 -20.05 0.14 9.56
C ILE D 184 -19.59 -0.09 8.14
N THR D 185 -18.29 0.03 7.91
CA THR D 185 -17.65 -0.43 6.69
C THR D 185 -16.89 -1.71 7.00
N THR D 186 -17.28 -2.80 6.35
CA THR D 186 -16.70 -4.12 6.63
C THR D 186 -16.15 -4.74 5.37
N THR D 187 -15.02 -5.43 5.51
CA THR D 187 -14.45 -6.25 4.44
C THR D 187 -14.67 -7.71 4.84
N ALA D 188 -15.54 -8.39 4.11
CA ALA D 188 -15.93 -9.75 4.43
C ALA D 188 -15.35 -10.72 3.41
N ALA D 189 -14.76 -11.81 3.91
CA ALA D 189 -14.18 -12.82 3.04
C ALA D 189 -15.26 -13.51 2.23
N CYS D 190 -14.93 -13.83 0.97
CA CYS D 190 -15.87 -14.51 0.08
C CYS D 190 -15.07 -15.42 -0.84
N MET D 191 -15.13 -16.73 -0.61
CA MET D 191 -14.49 -17.67 -1.52
C MET D 191 -15.25 -17.71 -2.84
N MET D 192 -14.52 -17.56 -3.94
CA MET D 192 -15.09 -17.48 -5.27
CA MET D 192 -15.09 -17.48 -5.27
C MET D 192 -14.55 -18.62 -6.13
N ASP D 193 -15.44 -19.31 -6.82
CA ASP D 193 -15.06 -20.38 -7.74
C ASP D 193 -14.87 -19.77 -9.13
N LEU D 194 -13.63 -19.75 -9.60
CA LEU D 194 -13.27 -19.07 -10.83
C LEU D 194 -13.10 -20.04 -12.01
N ARG D 195 -13.71 -21.22 -11.95
CA ARG D 195 -13.60 -22.17 -13.05
C ARG D 195 -14.26 -21.62 -14.32
N ARG D 196 -15.38 -20.92 -14.17
CA ARG D 196 -16.09 -20.33 -15.30
C ARG D 196 -15.75 -18.85 -15.49
N TYR D 197 -14.70 -18.37 -14.83
CA TYR D 197 -14.29 -16.98 -14.97
C TYR D 197 -13.93 -16.69 -16.43
N PRO D 198 -14.35 -15.53 -16.98
CA PRO D 198 -15.11 -14.45 -16.34
C PRO D 198 -16.63 -14.60 -16.48
N LEU D 199 -17.13 -15.75 -16.91
CA LEU D 199 -18.57 -15.98 -17.04
C LEU D 199 -19.16 -16.67 -15.81
N ASP D 200 -18.59 -16.43 -14.64
CA ASP D 200 -18.99 -17.11 -13.42
C ASP D 200 -20.03 -16.30 -12.65
N GLU D 201 -20.73 -16.99 -11.76
CA GLU D 201 -21.70 -16.39 -10.85
C GLU D 201 -21.26 -16.67 -9.43
N GLN D 202 -21.26 -15.65 -8.59
CA GLN D 202 -20.70 -15.75 -7.24
C GLN D 202 -21.77 -15.47 -6.20
N ASN D 203 -21.58 -16.08 -5.02
CA ASN D 203 -22.51 -15.96 -3.90
C ASN D 203 -21.70 -15.57 -2.67
N CYS D 204 -21.76 -14.29 -2.29
CA CYS D 204 -21.05 -13.77 -1.13
C CYS D 204 -22.05 -13.50 -0.01
N THR D 205 -21.71 -13.90 1.20
CA THR D 205 -22.60 -13.81 2.35
C THR D 205 -22.02 -12.89 3.41
N LEU D 206 -22.86 -12.54 4.38
CA LEU D 206 -22.46 -11.77 5.56
C LEU D 206 -23.07 -12.48 6.77
N GLU D 207 -22.24 -13.21 7.50
CA GLU D 207 -22.71 -14.00 8.64
C GLU D 207 -22.70 -13.14 9.91
N ILE D 208 -23.82 -13.14 10.62
CA ILE D 208 -24.01 -12.34 11.82
C ILE D 208 -24.26 -13.27 12.99
N GLU D 209 -23.50 -13.10 14.07
CA GLU D 209 -23.57 -14.02 15.19
C GLU D 209 -23.27 -13.28 16.49
N SER D 210 -23.70 -13.87 17.59
CA SER D 210 -23.37 -13.39 18.93
C SER D 210 -22.08 -14.05 19.40
N TYR D 211 -21.14 -13.26 19.91
CA TYR D 211 -19.83 -13.79 20.23
C TYR D 211 -19.84 -14.62 21.51
N GLY D 212 -20.54 -14.17 22.55
CA GLY D 212 -20.42 -14.80 23.85
C GLY D 212 -21.68 -15.44 24.40
N TYR D 213 -22.84 -15.02 23.91
CA TYR D 213 -24.12 -15.48 24.43
C TYR D 213 -24.66 -16.58 23.54
N THR D 214 -25.13 -17.67 24.16
CA THR D 214 -25.75 -18.77 23.43
C THR D 214 -27.22 -18.43 23.16
N THR D 215 -27.94 -19.40 22.59
CA THR D 215 -29.36 -19.20 22.30
C THR D 215 -30.20 -19.14 23.57
N ASP D 216 -29.68 -19.63 24.69
CA ASP D 216 -30.39 -19.52 25.96
C ASP D 216 -30.36 -18.10 26.52
N ASP D 217 -29.51 -17.22 25.98
CA ASP D 217 -29.40 -15.85 26.44
C ASP D 217 -29.82 -14.82 25.40
N ILE D 218 -29.53 -15.04 24.13
CA ILE D 218 -29.83 -14.08 23.08
CA ILE D 218 -29.82 -14.09 23.07
C ILE D 218 -30.39 -14.84 21.87
N GLU D 219 -31.38 -14.25 21.21
CA GLU D 219 -31.96 -14.79 19.99
C GLU D 219 -31.94 -13.71 18.92
N PHE D 220 -31.72 -14.11 17.68
CA PHE D 220 -31.67 -13.21 16.54
C PHE D 220 -32.87 -13.44 15.62
N TYR D 221 -33.31 -12.35 14.98
CA TYR D 221 -34.33 -12.46 13.94
C TYR D 221 -34.23 -11.23 13.05
N TRP D 222 -34.62 -11.41 11.79
CA TRP D 222 -34.67 -10.29 10.85
C TRP D 222 -35.95 -9.50 11.10
N ARG D 223 -35.79 -8.25 11.52
CA ARG D 223 -36.93 -7.40 11.84
C ARG D 223 -37.54 -6.90 10.53
N GLY D 224 -38.77 -7.31 10.26
CA GLY D 224 -39.43 -7.01 9.01
C GLY D 224 -39.43 -8.13 7.99
N GLY D 225 -38.92 -9.31 8.35
CA GLY D 225 -38.92 -10.42 7.41
C GLY D 225 -37.96 -10.18 6.28
N ASP D 226 -38.45 -10.39 5.05
CA ASP D 226 -37.63 -10.20 3.85
C ASP D 226 -37.35 -8.73 3.56
N LYS D 227 -38.01 -7.82 4.26
CA LYS D 227 -37.78 -6.38 4.09
C LYS D 227 -36.79 -5.82 5.09
N ALA D 228 -36.09 -6.68 5.83
CA ALA D 228 -35.14 -6.20 6.83
C ALA D 228 -33.94 -5.51 6.20
N VAL D 229 -33.50 -5.96 5.03
CA VAL D 229 -32.35 -5.40 4.34
C VAL D 229 -32.85 -4.57 3.17
N THR D 230 -32.43 -3.31 3.12
CA THR D 230 -32.82 -2.38 2.07
C THR D 230 -31.58 -1.83 1.38
N GLY D 231 -31.81 -1.16 0.26
CA GLY D 231 -30.74 -0.53 -0.50
C GLY D 231 -30.01 -1.44 -1.46
N VAL D 232 -30.44 -2.70 -1.61
CA VAL D 232 -29.77 -3.62 -2.53
C VAL D 232 -29.92 -3.13 -3.97
N GLU D 233 -31.10 -2.64 -4.33
CA GLU D 233 -31.34 -2.17 -5.69
C GLU D 233 -30.49 -0.95 -6.05
N ARG D 234 -30.04 -0.19 -5.06
CA ARG D 234 -29.24 1.00 -5.28
C ARG D 234 -27.74 0.70 -5.39
N ILE D 235 -27.33 -0.56 -5.24
CA ILE D 235 -25.92 -0.91 -5.31
C ILE D 235 -25.47 -0.87 -6.77
N GLU D 236 -24.38 -0.17 -7.03
CA GLU D 236 -23.85 0.01 -8.38
C GLU D 236 -22.47 -0.63 -8.46
N LEU D 237 -22.41 -1.84 -9.00
CA LEU D 237 -21.15 -2.55 -9.22
C LEU D 237 -20.83 -2.54 -10.70
N PRO D 238 -19.76 -1.88 -11.15
CA PRO D 238 -19.44 -1.87 -12.59
C PRO D 238 -19.20 -3.25 -13.17
N GLN D 239 -18.64 -4.18 -12.39
CA GLN D 239 -18.28 -5.50 -12.89
C GLN D 239 -19.32 -6.56 -12.60
N PHE D 240 -20.25 -6.32 -11.67
CA PHE D 240 -21.19 -7.33 -11.24
C PHE D 240 -22.61 -6.76 -11.23
N SER D 241 -23.58 -7.67 -11.35
CA SER D 241 -24.99 -7.34 -11.17
C SER D 241 -25.57 -8.24 -10.09
N ILE D 242 -26.37 -7.65 -9.21
CA ILE D 242 -26.94 -8.37 -8.07
C ILE D 242 -28.23 -9.03 -8.55
N VAL D 243 -28.16 -10.34 -8.79
CA VAL D 243 -29.33 -11.07 -9.26
C VAL D 243 -30.37 -11.21 -8.15
N GLU D 244 -29.94 -11.55 -6.94
CA GLU D 244 -30.87 -11.83 -5.86
C GLU D 244 -30.13 -11.73 -4.53
N HIS D 245 -30.88 -11.42 -3.47
CA HIS D 245 -30.38 -11.46 -2.11
C HIS D 245 -31.37 -12.22 -1.24
N ARG D 246 -30.84 -12.93 -0.24
CA ARG D 246 -31.65 -13.76 0.64
C ARG D 246 -31.29 -13.50 2.09
N LEU D 247 -32.27 -13.72 2.97
CA LEU D 247 -32.10 -13.59 4.41
C LEU D 247 -32.37 -14.94 5.06
N VAL D 248 -31.43 -15.40 5.89
CA VAL D 248 -31.52 -16.70 6.54
C VAL D 248 -31.36 -16.50 8.04
N SER D 249 -32.25 -17.11 8.82
CA SER D 249 -32.16 -17.13 10.27
C SER D 249 -32.10 -18.57 10.75
N ARG D 250 -31.09 -18.90 11.55
CA ARG D 250 -30.91 -20.26 12.03
C ARG D 250 -30.02 -20.25 13.25
N ASN D 251 -29.92 -21.40 13.90
CA ASN D 251 -29.05 -21.60 15.06
C ASN D 251 -27.94 -22.57 14.69
N VAL D 252 -26.72 -22.23 15.09
CA VAL D 252 -25.54 -23.03 14.81
C VAL D 252 -25.00 -23.60 16.11
N VAL D 253 -24.75 -24.91 16.14
CA VAL D 253 -24.31 -25.60 17.34
C VAL D 253 -22.78 -25.59 17.40
N PHE D 254 -22.24 -25.17 18.53
CA PHE D 254 -20.81 -25.18 18.79
C PHE D 254 -20.53 -26.04 20.03
N ALA D 255 -19.25 -26.08 20.41
CA ALA D 255 -18.87 -26.85 21.59
C ALA D 255 -19.48 -26.27 22.86
N THR D 256 -19.49 -24.94 22.98
CA THR D 256 -20.06 -24.28 24.16
C THR D 256 -21.58 -24.21 24.13
N GLY D 257 -22.20 -24.44 22.98
CA GLY D 257 -23.65 -24.41 22.89
C GLY D 257 -24.08 -23.89 21.54
N ALA D 258 -25.39 -23.78 21.38
CA ALA D 258 -25.97 -23.25 20.15
C ALA D 258 -25.97 -21.73 20.17
N TYR D 259 -25.70 -21.13 19.01
CA TYR D 259 -25.61 -19.69 18.90
C TYR D 259 -26.54 -19.18 17.81
N PRO D 260 -27.14 -18.01 17.99
CA PRO D 260 -27.97 -17.43 16.94
C PRO D 260 -27.13 -17.00 15.75
N ARG D 261 -27.75 -17.08 14.57
CA ARG D 261 -27.05 -16.77 13.33
C ARG D 261 -28.01 -16.11 12.35
N LEU D 262 -27.59 -14.98 11.79
CA LEU D 262 -28.30 -14.33 10.70
C LEU D 262 -27.37 -14.26 9.49
N SER D 263 -27.88 -14.65 8.33
CA SER D 263 -27.11 -14.68 7.09
C SER D 263 -27.75 -13.77 6.05
N LEU D 264 -26.95 -12.89 5.47
CA LEU D 264 -27.34 -12.08 4.33
C LEU D 264 -26.41 -12.42 3.17
N SER D 265 -26.99 -12.92 2.08
CA SER D 265 -26.22 -13.38 0.93
C SER D 265 -26.68 -12.67 -0.34
N PHE D 266 -25.73 -12.45 -1.24
CA PHE D 266 -25.99 -11.85 -2.55
C PHE D 266 -25.49 -12.79 -3.63
N ARG D 267 -26.26 -12.89 -4.71
CA ARG D 267 -25.82 -13.64 -5.90
C ARG D 267 -25.37 -12.64 -6.95
N LEU D 268 -24.08 -12.65 -7.25
CA LEU D 268 -23.47 -11.69 -8.16
C LEU D 268 -23.17 -12.37 -9.50
N LYS D 269 -23.58 -11.72 -10.58
CA LYS D 269 -23.30 -12.19 -11.94
C LYS D 269 -22.34 -11.19 -12.59
N ARG D 270 -21.20 -11.70 -13.04
CA ARG D 270 -20.16 -10.83 -13.59
C ARG D 270 -20.55 -10.34 -14.99
N ASN D 271 -20.20 -9.09 -15.28
CA ASN D 271 -20.44 -8.50 -16.59
C ASN D 271 -19.29 -8.85 -17.53
N ILE D 272 -19.62 -9.41 -18.70
CA ILE D 272 -18.61 -9.87 -19.64
C ILE D 272 -18.18 -8.77 -20.61
N GLY D 273 -18.82 -7.60 -20.57
CA GLY D 273 -18.52 -6.57 -21.54
C GLY D 273 -17.08 -6.10 -21.48
N TYR D 274 -16.54 -5.96 -20.27
CA TYR D 274 -15.14 -5.54 -20.13
C TYR D 274 -14.18 -6.58 -20.70
N PHE D 275 -14.46 -7.86 -20.45
CA PHE D 275 -13.51 -8.91 -20.84
C PHE D 275 -13.55 -9.16 -22.35
N ILE D 276 -14.67 -8.89 -23.00
CA ILE D 276 -14.72 -8.98 -24.46
C ILE D 276 -13.78 -7.95 -25.07
N LEU D 277 -13.82 -6.72 -24.57
CA LEU D 277 -12.98 -5.66 -25.12
C LEU D 277 -11.51 -5.83 -24.76
N GLN D 278 -11.23 -6.37 -23.57
CA GLN D 278 -9.87 -6.39 -23.05
C GLN D 278 -9.10 -7.66 -23.40
N THR D 279 -9.76 -8.82 -23.37
CA THR D 279 -9.07 -10.09 -23.55
C THR D 279 -9.54 -10.87 -24.77
N TYR D 280 -10.85 -11.01 -24.96
CA TYR D 280 -11.35 -11.88 -26.03
C TYR D 280 -11.06 -11.29 -27.41
N MET D 281 -11.38 -10.01 -27.61
CA MET D 281 -11.14 -9.40 -28.92
C MET D 281 -9.66 -9.37 -29.30
N PRO D 282 -8.72 -8.97 -28.44
CA PRO D 282 -7.30 -9.05 -28.85
C PRO D 282 -6.85 -10.45 -29.21
N SER D 283 -7.37 -11.46 -28.52
CA SER D 283 -7.02 -12.84 -28.86
C SER D 283 -7.53 -13.21 -30.25
N ILE D 284 -8.75 -12.79 -30.59
CA ILE D 284 -9.30 -13.06 -31.92
C ILE D 284 -8.49 -12.34 -32.98
N LEU D 285 -8.15 -11.06 -32.72
CA LEU D 285 -7.43 -10.27 -33.71
C LEU D 285 -6.05 -10.86 -34.00
N ILE D 286 -5.36 -11.33 -32.97
CA ILE D 286 -4.06 -11.96 -33.16
C ILE D 286 -4.20 -13.24 -33.97
N THR D 287 -5.25 -14.03 -33.69
CA THR D 287 -5.49 -15.25 -34.46
C THR D 287 -5.77 -14.93 -35.93
N ILE D 288 -6.58 -13.89 -36.18
CA ILE D 288 -6.82 -13.46 -37.55
C ILE D 288 -5.53 -12.90 -38.15
N LEU D 289 -4.71 -12.24 -37.34
CA LEU D 289 -3.42 -11.73 -37.83
C LEU D 289 -2.53 -12.85 -38.33
N SER D 290 -2.56 -14.01 -37.66
CA SER D 290 -1.76 -15.14 -38.10
C SER D 290 -2.22 -15.71 -39.43
N TRP D 291 -3.48 -15.48 -39.81
CA TRP D 291 -3.99 -15.97 -41.09
C TRP D 291 -3.48 -15.15 -42.27
N VAL D 292 -2.93 -13.96 -42.02
CA VAL D 292 -2.39 -13.14 -43.10
C VAL D 292 -1.21 -13.83 -43.76
N SER D 293 -0.45 -14.62 -42.99
CA SER D 293 0.71 -15.31 -43.54
C SER D 293 0.32 -16.26 -44.67
N PHE D 294 -0.92 -16.75 -44.67
CA PHE D 294 -1.35 -17.68 -45.72
C PHE D 294 -1.32 -17.02 -47.08
N TRP D 295 -1.73 -15.75 -47.17
CA TRP D 295 -1.73 -15.03 -48.43
C TRP D 295 -0.36 -14.49 -48.82
N ILE D 296 0.62 -14.54 -47.93
CA ILE D 296 1.97 -14.10 -48.26
C ILE D 296 2.69 -15.21 -49.01
N ASN D 297 3.46 -14.84 -50.02
CA ASN D 297 4.18 -15.82 -50.82
CA ASN D 297 4.18 -15.82 -50.82
C ASN D 297 5.19 -16.57 -49.96
N TYR D 298 5.36 -17.86 -50.26
CA TYR D 298 6.26 -18.70 -49.48
C TYR D 298 7.72 -18.29 -49.60
N ASP D 299 8.09 -17.54 -50.63
CA ASP D 299 9.47 -17.07 -50.74
C ASP D 299 9.81 -16.04 -49.67
N ALA D 300 8.81 -15.40 -49.08
CA ALA D 300 9.03 -14.42 -48.01
C ALA D 300 9.17 -15.15 -46.69
N SER D 301 10.34 -15.80 -46.53
CA SER D 301 10.59 -16.58 -45.32
C SER D 301 10.64 -15.69 -44.09
N ALA D 302 11.33 -14.55 -44.18
CA ALA D 302 11.42 -13.66 -43.04
C ALA D 302 10.05 -13.07 -42.68
N ALA D 303 9.26 -12.71 -43.68
CA ALA D 303 7.96 -12.09 -43.42
C ALA D 303 7.00 -13.07 -42.75
N ARG D 304 6.93 -14.31 -43.27
CA ARG D 304 5.96 -15.27 -42.74
C ARG D 304 6.38 -15.82 -41.38
N VAL D 305 7.67 -16.02 -41.17
CA VAL D 305 8.14 -16.48 -39.86
C VAL D 305 7.94 -15.39 -38.82
N ALA D 306 8.18 -14.12 -39.19
CA ALA D 306 7.95 -13.02 -38.27
C ALA D 306 6.48 -12.94 -37.87
N LEU D 307 5.58 -13.17 -38.83
CA LEU D 307 4.16 -13.25 -38.50
C LEU D 307 3.88 -14.40 -37.54
N GLY D 308 4.50 -15.55 -37.77
CA GLY D 308 4.31 -16.68 -36.87
C GLY D 308 4.88 -16.44 -35.48
N ILE D 309 6.07 -15.84 -35.41
CA ILE D 309 6.71 -15.63 -34.12
C ILE D 309 5.92 -14.63 -33.28
N THR D 310 5.56 -13.50 -33.87
CA THR D 310 4.91 -12.43 -33.10
C THR D 310 3.55 -12.88 -32.57
N THR D 311 2.77 -13.57 -33.39
CA THR D 311 1.45 -14.04 -32.94
C THR D 311 1.58 -15.06 -31.82
N VAL D 312 2.54 -15.98 -31.94
CA VAL D 312 2.74 -16.98 -30.89
C VAL D 312 3.20 -16.32 -29.60
N LEU D 313 4.15 -15.40 -29.70
CA LEU D 313 4.64 -14.71 -28.49
C LEU D 313 3.56 -13.82 -27.89
N THR D 314 2.79 -13.13 -28.74
CA THR D 314 1.73 -12.26 -28.22
C THR D 314 0.68 -13.06 -27.47
N MET D 315 0.32 -14.25 -28.00
CA MET D 315 -0.69 -15.07 -27.33
C MET D 315 -0.21 -15.53 -25.96
N THR D 316 1.08 -15.89 -25.84
CA THR D 316 1.61 -16.28 -24.54
C THR D 316 1.59 -15.12 -23.55
N THR D 317 1.94 -13.92 -24.02
CA THR D 317 1.96 -12.76 -23.13
C THR D 317 0.56 -12.44 -22.62
N ILE D 318 -0.45 -12.52 -23.49
CA ILE D 318 -1.82 -12.24 -23.08
C ILE D 318 -2.28 -13.25 -22.03
N ASN D 319 -1.98 -14.54 -22.25
CA ASN D 319 -2.39 -15.55 -21.30
C ASN D 319 -1.69 -15.39 -19.96
N THR D 320 -0.39 -15.08 -19.98
CA THR D 320 0.36 -14.97 -18.73
C THR D 320 0.02 -13.68 -17.99
N HIS D 321 -0.13 -12.57 -18.70
CA HIS D 321 -0.40 -11.29 -18.05
C HIS D 321 -1.74 -11.30 -17.33
N LEU D 322 -2.77 -11.87 -17.95
CA LEU D 322 -4.08 -11.92 -17.32
C LEU D 322 -4.06 -12.78 -16.06
N ARG D 323 -3.36 -13.93 -16.13
CA ARG D 323 -3.36 -14.85 -14.99
C ARG D 323 -2.64 -14.27 -13.79
N GLU D 324 -1.70 -13.35 -14.01
CA GLU D 324 -1.00 -12.72 -12.90
C GLU D 324 -1.95 -11.88 -12.05
N THR D 325 -2.91 -11.19 -12.69
CA THR D 325 -3.85 -10.38 -11.95
C THR D 325 -4.70 -11.22 -11.01
N LEU D 326 -5.18 -12.37 -11.48
CA LEU D 326 -5.98 -13.25 -10.66
C LEU D 326 -5.10 -13.99 -9.64
N PRO D 327 -5.69 -14.48 -8.56
CA PRO D 327 -4.91 -15.26 -7.59
C PRO D 327 -4.41 -16.57 -8.19
N LYS D 328 -3.31 -17.07 -7.61
CA LYS D 328 -2.64 -18.27 -8.11
C LYS D 328 -3.46 -19.51 -7.75
N ILE D 329 -4.59 -19.65 -8.44
CA ILE D 329 -5.46 -20.81 -8.28
C ILE D 329 -4.85 -21.99 -9.02
N PRO D 330 -5.08 -23.23 -8.57
CA PRO D 330 -4.45 -24.39 -9.22
C PRO D 330 -5.21 -24.96 -10.41
N TYR D 331 -6.44 -24.54 -10.66
CA TYR D 331 -7.24 -25.10 -11.73
C TYR D 331 -7.28 -24.17 -12.94
N VAL D 332 -7.91 -24.65 -14.01
CA VAL D 332 -7.99 -23.93 -15.28
C VAL D 332 -9.31 -23.18 -15.34
N LYS D 333 -9.25 -21.91 -15.73
CA LYS D 333 -10.43 -21.08 -15.85
C LYS D 333 -11.02 -21.20 -17.26
N ALA D 334 -12.24 -20.65 -17.41
CA ALA D 334 -12.87 -20.65 -18.73
C ALA D 334 -12.10 -19.79 -19.70
N ILE D 335 -11.60 -18.64 -19.26
CA ILE D 335 -10.82 -17.77 -20.13
C ILE D 335 -9.50 -18.44 -20.51
N ASP D 336 -8.90 -19.20 -19.60
CA ASP D 336 -7.67 -19.91 -19.92
C ASP D 336 -7.88 -20.92 -21.03
N MET D 337 -9.04 -21.58 -21.04
CA MET D 337 -9.35 -22.53 -22.11
C MET D 337 -9.40 -21.83 -23.47
N TYR D 338 -10.00 -20.65 -23.52
CA TYR D 338 -10.07 -19.91 -24.77
C TYR D 338 -8.68 -19.43 -25.20
N LEU D 339 -7.87 -18.95 -24.25
CA LEU D 339 -6.53 -18.48 -24.58
C LEU D 339 -5.65 -19.62 -25.07
N MET D 340 -5.73 -20.78 -24.42
CA MET D 340 -4.95 -21.93 -24.87
C MET D 340 -5.42 -22.43 -26.23
N GLY D 341 -6.73 -22.35 -26.49
CA GLY D 341 -7.23 -22.73 -27.80
C GLY D 341 -6.73 -21.80 -28.90
N CYS D 342 -6.68 -20.50 -28.62
CA CYS D 342 -6.15 -19.56 -29.60
C CYS D 342 -4.65 -19.77 -29.81
N PHE D 343 -3.94 -20.25 -28.79
CA PHE D 343 -2.51 -20.53 -28.96
C PHE D 343 -2.29 -21.66 -29.95
N VAL D 344 -3.16 -22.67 -29.94
CA VAL D 344 -3.01 -23.80 -30.86
C VAL D 344 -3.16 -23.34 -32.30
N PHE D 345 -4.14 -22.48 -32.57
CA PHE D 345 -4.38 -22.04 -33.94
C PHE D 345 -3.20 -21.24 -34.49
N VAL D 346 -2.66 -20.31 -33.69
CA VAL D 346 -1.53 -19.52 -34.17
C VAL D 346 -0.28 -20.37 -34.26
N PHE D 347 -0.10 -21.33 -33.34
CA PHE D 347 1.05 -22.21 -33.40
C PHE D 347 1.00 -23.12 -34.63
N LEU D 348 -0.18 -23.63 -34.95
CA LEU D 348 -0.32 -24.45 -36.16
C LEU D 348 -0.13 -23.63 -37.42
N ALA D 349 -0.48 -22.35 -37.39
CA ALA D 349 -0.26 -21.50 -38.55
C ALA D 349 1.23 -21.36 -38.86
N LEU D 350 2.05 -21.18 -37.83
CA LEU D 350 3.49 -21.12 -38.04
C LEU D 350 4.03 -22.48 -38.49
N LEU D 351 3.53 -23.57 -37.91
CA LEU D 351 3.94 -24.89 -38.35
C LEU D 351 3.48 -25.19 -39.78
N GLU D 352 2.39 -24.55 -40.21
CA GLU D 352 1.92 -24.74 -41.58
C GLU D 352 2.95 -24.24 -42.58
N TYR D 353 3.52 -23.05 -42.34
CA TYR D 353 4.53 -22.54 -43.25
C TYR D 353 5.83 -23.32 -43.15
N ALA D 354 6.16 -23.83 -41.96
CA ALA D 354 7.35 -24.66 -41.82
C ALA D 354 7.26 -25.91 -42.68
N PHE D 355 6.07 -26.53 -42.73
CA PHE D 355 5.86 -27.65 -43.64
C PHE D 355 5.92 -27.19 -45.10
N VAL D 356 5.33 -26.04 -45.41
CA VAL D 356 5.37 -25.52 -46.78
C VAL D 356 6.79 -25.17 -47.17
N ASN D 357 7.51 -24.48 -46.28
CA ASN D 357 8.90 -24.12 -46.57
C ASN D 357 9.79 -25.35 -46.73
N TYR D 358 9.39 -26.46 -46.12
CA TYR D 358 10.18 -27.69 -46.18
C TYR D 358 10.01 -28.43 -47.50
N ILE D 359 8.95 -28.16 -48.26
CA ILE D 359 8.68 -28.91 -49.48
C ILE D 359 8.43 -27.97 -50.66
N PHE D 360 8.61 -26.66 -50.45
CA PHE D 360 8.27 -25.70 -51.51
C PHE D 360 9.22 -25.84 -52.69
N PHE D 361 10.49 -26.12 -52.45
CA PHE D 361 11.44 -26.26 -53.54
C PHE D 361 11.23 -27.59 -54.29
N SER D 362 11.05 -28.68 -53.54
CA SER D 362 10.91 -29.99 -54.18
C SER D 362 9.53 -30.14 -54.81
N GLN D 363 8.48 -29.71 -54.12
CA GLN D 363 7.10 -29.88 -54.58
C GLN D 363 6.38 -28.54 -54.52
N PRO D 364 6.68 -27.64 -55.46
CA PRO D 364 5.99 -26.33 -55.44
C PRO D 364 4.49 -26.43 -55.62
N ALA D 365 4.01 -27.40 -56.39
CA ALA D 365 2.56 -27.53 -56.59
C ALA D 365 1.85 -27.92 -55.30
N ARG D 366 2.43 -28.87 -54.55
CA ARG D 366 1.80 -29.30 -53.31
C ARG D 366 1.87 -28.21 -52.25
N ALA D 367 2.97 -27.45 -52.22
CA ALA D 367 3.09 -26.37 -51.24
C ALA D 367 2.05 -25.28 -51.48
N ALA D 368 1.78 -24.97 -52.74
CA ALA D 368 0.78 -23.95 -53.06
C ALA D 368 -0.61 -24.40 -52.62
N ALA D 369 -0.91 -25.70 -52.76
CA ALA D 369 -2.21 -26.20 -52.37
C ALA D 369 -2.43 -26.06 -50.86
N ILE D 370 -1.39 -26.33 -50.06
CA ILE D 370 -1.52 -26.24 -48.62
C ILE D 370 -1.83 -24.81 -48.19
N ASP D 371 -1.16 -23.84 -48.80
CA ASP D 371 -1.47 -22.44 -48.50
C ASP D 371 -2.89 -22.09 -48.91
N ARG D 372 -3.34 -22.58 -50.07
CA ARG D 372 -4.69 -22.28 -50.54
C ARG D 372 -5.74 -22.88 -49.60
N TRP D 373 -5.53 -24.13 -49.16
CA TRP D 373 -6.49 -24.76 -48.26
C TRP D 373 -6.42 -24.17 -46.86
N SER D 374 -5.26 -23.67 -46.45
CA SER D 374 -5.14 -23.07 -45.12
C SER D 374 -5.96 -21.80 -45.01
N ARG D 375 -6.21 -21.12 -46.12
CA ARG D 375 -7.04 -19.92 -46.11
C ARG D 375 -8.51 -20.22 -45.84
N ILE D 376 -8.91 -21.49 -45.91
CA ILE D 376 -10.28 -21.89 -45.68
C ILE D 376 -10.44 -22.68 -44.40
N VAL D 377 -9.54 -23.65 -44.14
CA VAL D 377 -9.67 -24.51 -42.98
C VAL D 377 -9.47 -23.72 -41.69
N PHE D 378 -8.42 -22.90 -41.64
CA PHE D 378 -8.13 -22.16 -40.41
C PHE D 378 -9.24 -21.19 -40.03
N PRO D 379 -9.77 -20.32 -40.91
CA PRO D 379 -10.91 -19.49 -40.50
C PRO D 379 -12.14 -20.29 -40.13
N PHE D 380 -12.38 -21.42 -40.81
CA PHE D 380 -13.57 -22.20 -40.53
C PHE D 380 -13.46 -22.96 -39.22
N THR D 381 -12.28 -23.55 -38.95
CA THR D 381 -12.09 -24.28 -37.71
C THR D 381 -12.14 -23.35 -36.49
N PHE D 382 -11.56 -22.16 -36.62
CA PHE D 382 -11.60 -21.20 -35.52
C PHE D 382 -13.03 -20.76 -35.24
N SER D 383 -13.84 -20.57 -36.29
CA SER D 383 -15.25 -20.26 -36.08
C SER D 383 -15.96 -21.41 -35.37
N LEU D 384 -15.64 -22.65 -35.73
CA LEU D 384 -16.22 -23.80 -35.04
CA LEU D 384 -16.22 -23.80 -35.04
C LEU D 384 -15.80 -23.84 -33.59
N PHE D 385 -14.53 -23.52 -33.30
CA PHE D 385 -14.04 -23.52 -31.93
C PHE D 385 -14.79 -22.50 -31.08
N ASN D 386 -15.05 -21.32 -31.64
CA ASN D 386 -15.81 -20.31 -30.90
C ASN D 386 -17.25 -20.74 -30.69
N LEU D 387 -17.83 -21.46 -31.65
CA LEU D 387 -19.22 -21.89 -31.52
C LEU D 387 -19.41 -22.84 -30.35
N VAL D 388 -18.57 -23.88 -30.27
CA VAL D 388 -18.69 -24.85 -29.19
C VAL D 388 -18.31 -24.22 -27.86
N TYR D 389 -17.32 -23.34 -27.85
CA TYR D 389 -16.87 -22.72 -26.60
C TYR D 389 -17.95 -21.83 -25.99
N TRP D 390 -18.54 -20.95 -26.81
CA TRP D 390 -19.48 -19.98 -26.26
C TRP D 390 -20.81 -20.63 -25.88
N LEU D 391 -21.25 -21.63 -26.65
CA LEU D 391 -22.50 -22.32 -26.33
C LEU D 391 -22.38 -23.06 -25.00
N TYR D 392 -21.21 -23.64 -24.73
CA TYR D 392 -21.03 -24.40 -23.49
C TYR D 392 -21.11 -23.48 -22.27
N TYR D 393 -20.52 -22.29 -22.35
CA TYR D 393 -20.45 -21.40 -21.21
C TYR D 393 -21.60 -20.39 -21.14
N VAL D 394 -22.56 -20.47 -22.05
CA VAL D 394 -23.70 -19.56 -22.01
C VAL D 394 -24.94 -20.30 -21.52
N ASN E 58 -31.12 -15.16 45.73
CA ASN E 58 -32.07 -16.27 45.84
C ASN E 58 -32.49 -16.76 44.47
N ASP E 59 -33.41 -16.03 43.85
CA ASP E 59 -33.88 -16.41 42.53
C ASP E 59 -32.80 -16.16 41.49
N PRO E 60 -32.49 -17.13 40.62
CA PRO E 60 -31.51 -16.88 39.55
C PRO E 60 -31.92 -15.75 38.62
N GLY E 61 -33.22 -15.57 38.39
CA GLY E 61 -33.72 -14.50 37.56
C GLY E 61 -33.78 -13.14 38.22
N ASN E 62 -33.45 -13.06 39.50
CA ASN E 62 -33.42 -11.79 40.22
C ASN E 62 -32.10 -11.09 39.91
N MET E 63 -32.16 -10.04 39.09
CA MET E 63 -30.94 -9.38 38.64
C MET E 63 -30.26 -8.60 39.77
N SER E 64 -31.04 -8.16 40.76
CA SER E 64 -30.44 -7.46 41.90
C SER E 64 -29.53 -8.39 42.69
N PHE E 65 -29.95 -9.64 42.90
CA PHE E 65 -29.11 -10.60 43.60
C PHE E 65 -27.86 -10.94 42.80
N VAL E 66 -28.01 -11.09 41.48
CA VAL E 66 -26.85 -11.38 40.64
C VAL E 66 -25.88 -10.20 40.65
N LYS E 67 -26.40 -8.97 40.56
CA LYS E 67 -25.53 -7.80 40.58
C LYS E 67 -24.78 -7.69 41.90
N GLU E 68 -25.45 -7.97 43.01
CA GLU E 68 -24.78 -7.91 44.31
C GLU E 68 -23.70 -8.98 44.42
N THR E 69 -23.96 -10.18 43.88
CA THR E 69 -22.96 -11.24 43.92
C THR E 69 -21.72 -10.87 43.12
N VAL E 70 -21.91 -10.29 41.92
CA VAL E 70 -20.76 -9.91 41.11
C VAL E 70 -20.00 -8.75 41.75
N ASP E 71 -20.72 -7.81 42.37
CA ASP E 71 -20.06 -6.70 43.04
C ASP E 71 -19.20 -7.18 44.19
N LYS E 72 -19.66 -8.20 44.91
CA LYS E 72 -18.87 -8.75 46.02
C LYS E 72 -17.57 -9.38 45.51
N LEU E 73 -17.62 -10.04 44.35
CA LEU E 73 -16.42 -10.67 43.80
C LEU E 73 -15.36 -9.63 43.47
N LEU E 74 -15.76 -8.50 42.90
CA LEU E 74 -14.81 -7.48 42.47
C LEU E 74 -14.41 -6.52 43.58
N LYS E 75 -15.05 -6.58 44.74
CA LYS E 75 -14.69 -5.73 45.86
C LYS E 75 -13.41 -6.26 46.51
N GLY E 76 -12.36 -5.44 46.53
CA GLY E 76 -11.07 -5.87 47.00
C GLY E 76 -10.27 -6.70 46.03
N TYR E 77 -10.77 -6.88 44.81
CA TYR E 77 -10.05 -7.65 43.80
C TYR E 77 -8.90 -6.82 43.25
N ASP E 78 -7.70 -7.42 43.22
CA ASP E 78 -6.50 -6.74 42.75
C ASP E 78 -6.10 -7.38 41.41
N ILE E 79 -6.25 -6.62 40.33
CA ILE E 79 -5.88 -7.10 39.01
C ILE E 79 -4.37 -7.26 38.87
N ARG E 80 -3.59 -6.59 39.72
CA ARG E 80 -2.14 -6.65 39.63
C ARG E 80 -1.59 -8.00 40.07
N LEU E 81 -2.37 -8.79 40.78
CA LEU E 81 -1.91 -10.06 41.34
C LEU E 81 -2.56 -11.22 40.60
N ARG E 82 -1.75 -12.18 40.19
CA ARG E 82 -2.26 -13.39 39.55
C ARG E 82 -2.99 -14.25 40.58
N PRO E 83 -3.88 -15.13 40.13
CA PRO E 83 -4.50 -16.09 41.05
C PRO E 83 -3.44 -16.96 41.73
N ASP E 84 -3.67 -17.24 43.01
CA ASP E 84 -2.72 -18.00 43.83
C ASP E 84 -1.35 -17.36 43.81
N PHE E 85 -1.31 -16.03 43.92
CA PHE E 85 -0.05 -15.31 43.94
C PHE E 85 0.79 -15.75 45.13
N GLY E 86 2.07 -16.01 44.88
CA GLY E 86 2.96 -16.51 45.91
C GLY E 86 2.83 -17.99 46.21
N GLY E 87 2.01 -18.72 45.45
CA GLY E 87 1.82 -20.13 45.67
C GLY E 87 2.08 -20.93 44.42
N PRO E 88 1.33 -22.02 44.24
CA PRO E 88 1.52 -22.84 43.04
C PRO E 88 1.16 -22.06 41.79
N PRO E 89 1.82 -22.36 40.67
CA PRO E 89 1.51 -21.64 39.43
C PRO E 89 0.09 -21.93 38.96
N VAL E 90 -0.52 -20.92 38.34
CA VAL E 90 -1.86 -21.07 37.78
C VAL E 90 -1.76 -21.74 36.42
N CYS E 91 -2.51 -22.81 36.23
CA CYS E 91 -2.51 -23.55 34.97
C CYS E 91 -3.52 -22.93 34.02
N VAL E 92 -3.08 -22.62 32.80
CA VAL E 92 -3.92 -22.01 31.78
C VAL E 92 -4.07 -23.00 30.63
N GLY E 93 -5.31 -23.39 30.36
CA GLY E 93 -5.62 -24.27 29.25
C GLY E 93 -6.04 -23.45 28.05
N MET E 94 -5.58 -23.86 26.86
CA MET E 94 -5.79 -23.10 25.65
C MET E 94 -6.36 -23.98 24.54
N ASN E 95 -7.35 -23.44 23.84
N ASN E 95 -7.34 -23.45 23.82
CA ASN E 95 -7.92 -24.06 22.66
CA ASN E 95 -7.87 -24.11 22.64
C ASN E 95 -7.99 -23.02 21.55
C ASN E 95 -8.09 -23.06 21.55
N ILE E 96 -7.84 -23.46 20.31
CA ILE E 96 -7.89 -22.58 19.16
C ILE E 96 -8.92 -23.11 18.17
N ASP E 97 -9.81 -22.24 17.73
CA ASP E 97 -10.75 -22.53 16.65
C ASP E 97 -10.31 -21.67 15.46
N ILE E 98 -9.63 -22.30 14.50
CA ILE E 98 -9.05 -21.59 13.38
C ILE E 98 -10.17 -21.22 12.41
N ALA E 99 -10.44 -19.92 12.27
CA ALA E 99 -11.45 -19.48 11.32
C ALA E 99 -10.99 -19.67 9.89
N SER E 100 -9.77 -19.23 9.58
CA SER E 100 -9.23 -19.32 8.23
C SER E 100 -7.75 -18.94 8.25
N ILE E 101 -7.05 -19.32 7.19
CA ILE E 101 -5.71 -18.84 6.92
C ILE E 101 -5.81 -17.95 5.68
N ASP E 102 -5.63 -16.65 5.87
CA ASP E 102 -5.93 -15.69 4.81
C ASP E 102 -4.99 -15.85 3.62
N MET E 103 -3.69 -15.88 3.87
CA MET E 103 -2.73 -15.93 2.79
C MET E 103 -1.39 -16.42 3.32
N VAL E 104 -0.57 -16.92 2.39
CA VAL E 104 0.79 -17.36 2.68
C VAL E 104 1.71 -16.61 1.72
N SER E 105 2.60 -15.79 2.28
CA SER E 105 3.44 -14.89 1.50
C SER E 105 4.87 -15.39 1.51
N GLU E 106 5.38 -15.77 0.34
CA GLU E 106 6.79 -16.11 0.22
C GLU E 106 7.67 -14.87 0.23
N VAL E 107 7.17 -13.74 -0.27
CA VAL E 107 7.94 -12.51 -0.31
C VAL E 107 8.23 -12.02 1.10
N ASN E 108 7.22 -11.99 1.95
CA ASN E 108 7.37 -11.50 3.31
C ASN E 108 7.68 -12.61 4.32
N MET E 109 7.67 -13.87 3.89
CA MET E 109 7.95 -15.01 4.76
C MET E 109 7.02 -15.02 5.98
N ASP E 110 5.71 -14.94 5.72
CA ASP E 110 4.74 -14.89 6.80
C ASP E 110 3.39 -15.38 6.26
N TYR E 111 2.49 -15.68 7.20
CA TYR E 111 1.13 -16.08 6.88
C TYR E 111 0.17 -15.38 7.82
N THR E 112 -1.05 -15.18 7.36
CA THR E 112 -2.09 -14.49 8.13
C THR E 112 -3.09 -15.51 8.64
N LEU E 113 -3.36 -15.47 9.94
CA LEU E 113 -4.21 -16.45 10.61
C LEU E 113 -5.31 -15.72 11.39
N THR E 114 -6.55 -16.15 11.18
CA THR E 114 -7.69 -15.68 11.97
C THR E 114 -8.24 -16.86 12.75
N MET E 115 -8.46 -16.66 14.04
CA MET E 115 -8.80 -17.77 14.92
C MET E 115 -9.58 -17.27 16.13
N TYR E 116 -10.24 -18.21 16.80
CA TYR E 116 -10.87 -17.97 18.09
C TYR E 116 -9.93 -18.50 19.16
N PHE E 117 -9.35 -17.59 19.95
CA PHE E 117 -8.36 -17.95 20.96
C PHE E 117 -9.04 -17.95 22.33
N GLN E 118 -9.07 -19.10 22.97
CA GLN E 118 -9.73 -19.28 24.26
C GLN E 118 -8.72 -19.70 25.32
N GLN E 119 -8.84 -19.09 26.50
CA GLN E 119 -7.98 -19.40 27.63
C GLN E 119 -8.82 -19.84 28.82
N TYR E 120 -8.36 -20.87 29.51
CA TYR E 120 -9.09 -21.51 30.60
CA TYR E 120 -9.09 -21.50 30.60
C TYR E 120 -8.21 -21.51 31.84
N TRP E 121 -8.70 -20.92 32.93
CA TRP E 121 -7.96 -20.93 34.18
C TRP E 121 -8.93 -20.71 35.33
N ARG E 122 -8.48 -21.04 36.53
CA ARG E 122 -9.31 -20.96 37.73
C ARG E 122 -8.78 -19.84 38.63
N ASP E 123 -9.69 -18.96 39.04
CA ASP E 123 -9.39 -17.88 39.97
C ASP E 123 -10.35 -18.01 41.15
N LYS E 124 -9.82 -18.46 42.29
CA LYS E 124 -10.67 -18.69 43.46
C LYS E 124 -11.27 -17.41 44.00
N ARG E 125 -10.69 -16.25 43.69
CA ARG E 125 -11.27 -14.98 44.11
C ARG E 125 -12.62 -14.73 43.44
N LEU E 126 -12.89 -15.38 42.31
CA LEU E 126 -14.12 -15.18 41.55
C LEU E 126 -15.14 -16.28 41.81
N ALA E 127 -14.89 -17.18 42.76
CA ALA E 127 -15.85 -18.22 43.09
C ALA E 127 -17.08 -17.61 43.75
N TYR E 128 -18.26 -18.10 43.35
CA TYR E 128 -19.52 -17.62 43.88
C TYR E 128 -20.43 -18.80 44.20
N SER E 129 -21.33 -18.60 45.16
CA SER E 129 -22.24 -19.65 45.59
C SER E 129 -23.67 -19.11 45.58
N GLY E 130 -24.63 -20.03 45.51
CA GLY E 130 -26.03 -19.68 45.48
C GLY E 130 -26.62 -19.49 44.10
N ILE E 131 -25.80 -19.45 43.06
CA ILE E 131 -26.26 -19.33 41.69
C ILE E 131 -25.80 -20.57 40.92
N PRO E 132 -26.69 -21.53 40.70
CA PRO E 132 -26.34 -22.76 39.99
C PRO E 132 -26.28 -22.60 38.47
N LEU E 133 -25.60 -21.55 38.02
CA LEU E 133 -25.49 -21.26 36.60
C LEU E 133 -24.11 -20.67 36.32
N ASN E 134 -23.71 -20.76 35.06
CA ASN E 134 -22.48 -20.14 34.59
C ASN E 134 -22.78 -18.72 34.12
N LEU E 135 -22.04 -17.75 34.65
CA LEU E 135 -22.32 -16.34 34.40
C LEU E 135 -21.57 -15.89 33.16
N THR E 136 -22.31 -15.67 32.07
CA THR E 136 -21.77 -15.05 30.86
C THR E 136 -21.96 -13.54 31.00
N LEU E 137 -20.87 -12.83 31.23
CA LEU E 137 -20.91 -11.40 31.48
C LEU E 137 -20.53 -10.61 30.23
N ASP E 138 -20.81 -9.31 30.27
CA ASP E 138 -20.41 -8.42 29.20
C ASP E 138 -18.89 -8.39 29.09
N ASN E 139 -18.39 -8.27 27.85
CA ASN E 139 -16.96 -8.38 27.60
C ASN E 139 -16.15 -7.30 28.31
N ARG E 140 -16.78 -6.17 28.66
CA ARG E 140 -16.06 -5.09 29.33
C ARG E 140 -15.65 -5.44 30.75
N VAL E 141 -16.18 -6.51 31.33
CA VAL E 141 -15.75 -6.95 32.65
C VAL E 141 -14.34 -7.54 32.64
N ALA E 142 -13.81 -7.87 31.45
CA ALA E 142 -12.47 -8.43 31.37
C ALA E 142 -11.41 -7.42 31.80
N ASP E 143 -11.68 -6.13 31.59
CA ASP E 143 -10.72 -5.10 31.99
C ASP E 143 -10.63 -4.95 33.50
N GLN E 144 -11.58 -5.52 34.25
CA GLN E 144 -11.58 -5.48 35.71
C GLN E 144 -11.08 -6.78 36.31
N LEU E 145 -10.55 -7.69 35.50
CA LEU E 145 -10.10 -9.00 35.95
C LEU E 145 -8.67 -9.24 35.49
N TRP E 146 -7.95 -10.04 36.28
CA TRP E 146 -6.64 -10.50 35.86
C TRP E 146 -6.79 -11.47 34.69
N VAL E 147 -5.96 -11.30 33.66
CA VAL E 147 -5.93 -12.22 32.53
C VAL E 147 -4.47 -12.60 32.27
N PRO E 148 -4.20 -13.78 31.73
CA PRO E 148 -2.81 -14.14 31.42
C PRO E 148 -2.22 -13.20 30.37
N ASP E 149 -0.92 -12.94 30.51
CA ASP E 149 -0.20 -12.09 29.57
C ASP E 149 0.27 -12.89 28.36
N THR E 150 -0.67 -13.59 27.72
CA THR E 150 -0.35 -14.44 26.59
C THR E 150 -0.02 -13.59 25.35
N TYR E 151 1.05 -13.95 24.66
CA TYR E 151 1.43 -13.28 23.42
C TYR E 151 2.00 -14.32 22.47
N PHE E 152 2.03 -13.97 21.18
CA PHE E 152 2.51 -14.86 20.13
C PHE E 152 3.94 -14.49 19.80
N LEU E 153 4.85 -15.46 19.96
CA LEU E 153 6.28 -15.17 19.89
C LEU E 153 6.71 -14.71 18.50
N ASN E 154 6.21 -15.37 17.46
CA ASN E 154 6.69 -15.13 16.09
C ASN E 154 5.76 -14.24 15.27
N ASP E 155 4.78 -13.60 15.89
CA ASP E 155 3.87 -12.76 15.13
C ASP E 155 4.55 -11.45 14.74
N LYS E 156 4.07 -10.88 13.64
CA LYS E 156 4.56 -9.60 13.15
C LYS E 156 3.57 -8.47 13.36
N LYS E 157 2.29 -8.72 13.15
CA LYS E 157 1.24 -7.76 13.44
C LYS E 157 -0.04 -8.54 13.71
N SER E 158 -0.75 -8.16 14.78
CA SER E 158 -1.98 -8.83 15.14
C SER E 158 -2.92 -7.84 15.80
N PHE E 159 -4.21 -8.16 15.78
CA PHE E 159 -5.22 -7.30 16.38
C PHE E 159 -6.42 -8.14 16.78
N VAL E 160 -7.25 -7.57 17.64
CA VAL E 160 -8.52 -8.16 18.05
C VAL E 160 -9.64 -7.39 17.37
N HIS E 161 -10.55 -8.12 16.73
CA HIS E 161 -11.66 -7.48 16.03
C HIS E 161 -12.55 -6.74 17.03
N GLY E 162 -13.05 -5.58 16.60
CA GLY E 162 -13.82 -4.74 17.50
C GLY E 162 -15.14 -4.21 16.96
N VAL E 163 -15.77 -4.98 16.06
CA VAL E 163 -17.05 -4.63 15.48
C VAL E 163 -17.99 -5.82 15.68
N THR E 164 -19.19 -5.55 16.23
CA THR E 164 -19.64 -4.23 16.65
C THR E 164 -19.03 -3.82 17.99
N VAL E 165 -18.78 -4.81 18.83
CA VAL E 165 -18.05 -4.59 20.08
C VAL E 165 -16.73 -5.36 19.97
N LYS E 166 -15.88 -5.23 20.98
CA LYS E 166 -14.65 -6.00 20.99
C LYS E 166 -14.96 -7.49 20.99
N ASN E 167 -14.36 -8.22 20.07
CA ASN E 167 -14.63 -9.65 19.89
C ASN E 167 -14.00 -10.40 21.04
N ARG E 168 -14.69 -10.37 22.17
CA ARG E 168 -14.18 -10.88 23.44
C ARG E 168 -15.35 -11.40 24.26
N MET E 169 -15.13 -12.47 25.01
CA MET E 169 -16.16 -13.03 25.87
C MET E 169 -15.57 -13.47 27.19
N ILE E 170 -16.36 -13.33 28.24
CA ILE E 170 -16.00 -13.74 29.60
C ILE E 170 -17.11 -14.62 30.14
N ARG E 171 -16.76 -15.81 30.61
CA ARG E 171 -17.72 -16.72 31.23
C ARG E 171 -17.16 -17.18 32.56
N LEU E 172 -17.92 -16.96 33.62
CA LEU E 172 -17.54 -17.37 34.96
C LEU E 172 -18.25 -18.65 35.36
N HIS E 173 -17.66 -19.37 36.30
CA HIS E 173 -18.19 -20.61 36.82
C HIS E 173 -18.19 -20.57 38.34
N PRO E 174 -19.08 -21.33 38.99
CA PRO E 174 -19.18 -21.24 40.45
C PRO E 174 -17.90 -21.53 41.19
N ASP E 175 -17.05 -22.44 40.69
CA ASP E 175 -15.81 -22.75 41.36
C ASP E 175 -14.73 -21.70 41.15
N GLY E 176 -14.98 -20.69 40.32
CA GLY E 176 -14.03 -19.65 40.06
C GLY E 176 -13.30 -19.75 38.73
N THR E 177 -13.67 -20.73 37.90
CA THR E 177 -13.02 -20.87 36.60
C THR E 177 -13.47 -19.77 35.65
N VAL E 178 -12.55 -19.29 34.83
CA VAL E 178 -12.79 -18.20 33.89
C VAL E 178 -12.56 -18.71 32.48
N LEU E 179 -13.52 -18.48 31.60
CA LEU E 179 -13.37 -18.72 30.17
C LEU E 179 -13.21 -17.38 29.48
N TYR E 180 -12.09 -17.22 28.78
CA TYR E 180 -11.72 -15.94 28.15
C TYR E 180 -11.43 -16.20 26.68
N GLY E 181 -12.26 -15.67 25.80
CA GLY E 181 -12.14 -15.90 24.37
C GLY E 181 -11.86 -14.61 23.62
N LEU E 182 -11.02 -14.71 22.59
CA LEU E 182 -10.67 -13.58 21.74
C LEU E 182 -10.63 -14.02 20.29
N ARG E 183 -11.18 -13.20 19.40
CA ARG E 183 -11.08 -13.42 17.96
C ARG E 183 -9.93 -12.57 17.44
N ILE E 184 -8.85 -13.22 17.02
CA ILE E 184 -7.60 -12.55 16.70
C ILE E 184 -7.22 -12.87 15.26
N THR E 185 -6.86 -11.83 14.51
CA THR E 185 -6.19 -11.99 13.21
C THR E 185 -4.72 -11.65 13.40
N THR E 186 -3.85 -12.62 13.13
CA THR E 186 -2.43 -12.46 13.37
C THR E 186 -1.64 -12.77 12.09
N THR E 187 -0.58 -12.00 11.87
CA THR E 187 0.39 -12.26 10.82
C THR E 187 1.66 -12.77 11.49
N ALA E 188 1.96 -14.05 11.29
CA ALA E 188 3.08 -14.70 11.95
C ALA E 188 4.19 -14.98 10.95
N ALA E 189 5.42 -14.65 11.33
CA ALA E 189 6.57 -14.89 10.46
C ALA E 189 6.80 -16.38 10.28
N CYS E 190 7.21 -16.76 9.08
CA CYS E 190 7.49 -18.16 8.76
C CYS E 190 8.61 -18.20 7.74
N MET E 191 9.81 -18.59 8.18
CA MET E 191 10.92 -18.78 7.26
C MET E 191 10.66 -19.99 6.37
N MET E 192 10.80 -19.80 5.07
CA MET E 192 10.50 -20.84 4.09
CA MET E 192 10.50 -20.84 4.09
C MET E 192 11.74 -21.14 3.27
N ASP E 193 12.05 -22.43 3.12
CA ASP E 193 13.18 -22.87 2.30
C ASP E 193 12.67 -23.10 0.88
N LEU E 194 13.13 -22.26 -0.05
CA LEU E 194 12.63 -22.27 -1.41
C LEU E 194 13.57 -22.96 -2.39
N ARG E 195 14.44 -23.85 -1.91
CA ARG E 195 15.34 -24.55 -2.80
C ARG E 195 14.59 -25.47 -3.76
N ARG E 196 13.52 -26.10 -3.28
CA ARG E 196 12.70 -26.97 -4.10
C ARG E 196 11.46 -26.27 -4.64
N TYR E 197 11.40 -24.95 -4.56
CA TYR E 197 10.26 -24.20 -5.06
C TYR E 197 10.12 -24.44 -6.57
N PRO E 198 8.89 -24.62 -7.07
CA PRO E 198 7.61 -24.62 -6.36
C PRO E 198 7.17 -25.99 -5.86
N LEU E 199 8.06 -27.00 -5.86
CA LEU E 199 7.72 -28.32 -5.36
C LEU E 199 8.15 -28.52 -3.91
N ASP E 200 8.16 -27.45 -3.12
CA ASP E 200 8.64 -27.49 -1.74
C ASP E 200 7.50 -27.75 -0.76
N GLU E 201 7.89 -28.19 0.43
CA GLU E 201 6.97 -28.40 1.55
C GLU E 201 7.41 -27.51 2.71
N GLN E 202 6.46 -26.79 3.30
CA GLN E 202 6.77 -25.79 4.30
C GLN E 202 6.12 -26.13 5.64
N ASN E 203 6.76 -25.67 6.71
CA ASN E 203 6.31 -25.92 8.08
C ASN E 203 6.27 -24.57 8.80
N CYS E 204 5.06 -24.03 8.97
CA CYS E 204 4.85 -22.76 9.64
C CYS E 204 4.22 -23.01 11.01
N THR E 205 4.74 -22.33 12.03
CA THR E 205 4.34 -22.55 13.41
C THR E 205 3.69 -21.29 13.99
N LEU E 206 3.06 -21.46 15.14
CA LEU E 206 2.51 -20.36 15.92
C LEU E 206 2.94 -20.58 17.37
N GLU E 207 3.94 -19.81 17.82
CA GLU E 207 4.50 -19.98 19.16
C GLU E 207 3.73 -19.13 20.16
N ILE E 208 3.30 -19.76 21.26
CA ILE E 208 2.49 -19.12 22.28
C ILE E 208 3.27 -19.15 23.59
N GLU E 209 3.40 -17.98 24.22
CA GLU E 209 4.25 -17.86 25.41
C GLU E 209 3.68 -16.79 26.33
N SER E 210 4.07 -16.88 27.60
CA SER E 210 3.76 -15.86 28.60
C SER E 210 4.86 -14.82 28.60
N TYR E 211 4.47 -13.54 28.55
CA TYR E 211 5.46 -12.48 28.40
C TYR E 211 6.24 -12.22 29.69
N GLY E 212 5.56 -12.20 30.83
CA GLY E 212 6.21 -11.75 32.06
C GLY E 212 6.33 -12.78 33.16
N TYR E 213 5.50 -13.82 33.12
CA TYR E 213 5.46 -14.82 34.19
C TYR E 213 6.26 -16.04 33.78
N THR E 214 7.10 -16.53 34.69
CA THR E 214 7.87 -17.74 34.45
C THR E 214 7.01 -18.97 34.76
N THR E 215 7.64 -20.15 34.68
CA THR E 215 6.92 -21.38 34.97
C THR E 215 6.56 -21.51 36.44
N ASP E 216 7.22 -20.76 37.32
CA ASP E 216 6.85 -20.77 38.73
C ASP E 216 5.55 -20.02 38.99
N ASP E 217 5.05 -19.25 38.03
CA ASP E 217 3.82 -18.49 38.19
C ASP E 217 2.71 -18.93 37.26
N ILE E 218 3.01 -19.31 36.02
CA ILE E 218 2.01 -19.71 35.05
CA ILE E 218 2.01 -19.70 35.03
C ILE E 218 2.49 -20.94 34.31
N GLU E 219 1.57 -21.86 34.02
CA GLU E 219 1.84 -23.05 33.23
C GLU E 219 0.84 -23.14 32.09
N PHE E 220 1.29 -23.63 30.95
CA PHE E 220 0.46 -23.77 29.76
C PHE E 220 0.21 -25.23 29.46
N TYR E 221 -0.95 -25.52 28.89
CA TYR E 221 -1.25 -26.85 28.38
C TYR E 221 -2.36 -26.75 27.34
N TRP E 222 -2.34 -27.67 26.39
CA TRP E 222 -3.40 -27.75 25.39
C TRP E 222 -4.62 -28.43 26.00
N ARG E 223 -5.72 -27.69 26.12
CA ARG E 223 -6.93 -28.22 26.73
C ARG E 223 -7.63 -29.12 25.73
N GLY E 224 -7.71 -30.41 26.04
CA GLY E 224 -8.25 -31.39 25.13
C GLY E 224 -7.22 -32.21 24.39
N GLY E 225 -5.94 -32.04 24.70
CA GLY E 225 -4.91 -32.82 24.03
C GLY E 225 -4.78 -32.43 22.57
N ASP E 226 -4.77 -33.44 21.70
CA ASP E 226 -4.64 -33.21 20.26
C ASP E 226 -5.90 -32.60 19.66
N LYS E 227 -7.00 -32.54 20.41
CA LYS E 227 -8.24 -31.94 19.93
C LYS E 227 -8.38 -30.48 20.35
N ALA E 228 -7.32 -29.87 20.88
CA ALA E 228 -7.40 -28.49 21.32
C ALA E 228 -7.60 -27.52 20.15
N VAL E 229 -7.01 -27.82 18.99
CA VAL E 229 -7.11 -26.95 17.82
C VAL E 229 -8.08 -27.60 16.83
N THR E 230 -9.10 -26.84 16.42
CA THR E 230 -10.11 -27.30 15.49
C THR E 230 -10.15 -26.38 14.28
N GLY E 231 -10.87 -26.83 13.25
CA GLY E 231 -11.05 -26.05 12.04
C GLY E 231 -9.94 -26.17 11.02
N VAL E 232 -8.94 -27.02 11.25
CA VAL E 232 -7.84 -27.18 10.31
C VAL E 232 -8.36 -27.75 8.99
N GLU E 233 -9.26 -28.74 9.06
CA GLU E 233 -9.79 -29.36 7.85
C GLU E 233 -10.60 -28.39 7.01
N ARG E 234 -11.13 -27.33 7.60
CA ARG E 234 -11.94 -26.35 6.87
C ARG E 234 -11.10 -25.25 6.23
N ILE E 235 -9.79 -25.28 6.39
CA ILE E 235 -8.93 -24.25 5.81
C ILE E 235 -8.80 -24.49 4.32
N GLU E 236 -9.05 -23.44 3.52
CA GLU E 236 -9.02 -23.53 2.07
C GLU E 236 -7.91 -22.62 1.54
N LEU E 237 -6.77 -23.22 1.22
CA LEU E 237 -5.64 -22.51 0.62
C LEU E 237 -5.54 -22.89 -0.84
N PRO E 238 -5.75 -21.96 -1.78
CA PRO E 238 -5.66 -22.32 -3.21
C PRO E 238 -4.29 -22.83 -3.61
N GLN E 239 -3.22 -22.35 -2.99
CA GLN E 239 -1.86 -22.71 -3.39
C GLN E 239 -1.26 -23.83 -2.53
N PHE E 240 -1.82 -24.10 -1.35
CA PHE E 240 -1.24 -25.06 -0.43
C PHE E 240 -2.29 -26.04 0.06
N SER E 241 -1.82 -27.21 0.49
CA SER E 241 -2.65 -28.20 1.17
C SER E 241 -2.03 -28.51 2.52
N ILE E 242 -2.87 -28.60 3.55
CA ILE E 242 -2.41 -28.83 4.91
C ILE E 242 -2.29 -30.34 5.11
N VAL E 243 -1.04 -30.83 5.07
CA VAL E 243 -0.81 -32.26 5.23
C VAL E 243 -1.07 -32.70 6.67
N GLU E 244 -0.59 -31.93 7.64
CA GLU E 244 -0.67 -32.33 9.03
C GLU E 244 -0.46 -31.11 9.93
N HIS E 245 -1.04 -31.17 11.12
CA HIS E 245 -0.79 -30.17 12.16
C HIS E 245 -0.45 -30.88 13.46
N ARG E 246 0.40 -30.25 14.26
CA ARG E 246 0.88 -30.83 15.51
C ARG E 246 0.78 -29.81 16.64
N LEU E 247 0.62 -30.32 17.85
CA LEU E 247 0.57 -29.51 19.06
C LEU E 247 1.73 -29.91 19.97
N VAL E 248 2.51 -28.93 20.41
CA VAL E 248 3.68 -29.17 21.25
C VAL E 248 3.58 -28.31 22.50
N SER E 249 3.81 -28.92 23.65
CA SER E 249 3.86 -28.22 24.93
C SER E 249 5.23 -28.46 25.56
N ARG E 250 5.91 -27.38 25.93
CA ARG E 250 7.25 -27.50 26.49
C ARG E 250 7.58 -26.20 27.24
N ASN E 251 8.69 -26.24 27.96
CA ASN E 251 9.20 -25.09 28.69
C ASN E 251 10.53 -24.65 28.07
N VAL E 252 10.67 -23.34 27.89
CA VAL E 252 11.86 -22.74 27.27
C VAL E 252 12.59 -21.93 28.33
N VAL E 253 13.90 -22.15 28.44
CA VAL E 253 14.72 -21.50 29.46
C VAL E 253 15.28 -20.21 28.89
N PHE E 254 15.09 -19.12 29.62
CA PHE E 254 15.65 -17.81 29.29
C PHE E 254 16.55 -17.33 30.42
N ALA E 255 17.07 -16.12 30.27
CA ALA E 255 17.93 -15.54 31.30
C ALA E 255 17.17 -15.31 32.60
N THR E 256 15.94 -14.81 32.50
CA THR E 256 15.14 -14.55 33.68
C THR E 256 14.50 -15.81 34.27
N GLY E 257 14.46 -16.89 33.52
CA GLY E 257 13.90 -18.14 34.01
C GLY E 257 13.25 -18.91 32.88
N ALA E 258 12.64 -20.03 33.25
CA ALA E 258 11.94 -20.87 32.30
C ALA E 258 10.52 -20.34 32.07
N TYR E 259 10.07 -20.41 30.82
CA TYR E 259 8.76 -19.89 30.46
C TYR E 259 7.93 -20.97 29.77
N PRO E 260 6.62 -20.99 30.00
CA PRO E 260 5.76 -21.94 29.29
C PRO E 260 5.67 -21.62 27.81
N ARG E 261 5.51 -22.66 27.01
CA ARG E 261 5.47 -22.52 25.56
C ARG E 261 4.49 -23.51 24.96
N LEU E 262 3.60 -23.03 24.12
CA LEU E 262 2.72 -23.87 23.31
C LEU E 262 3.00 -23.59 21.84
N SER E 263 3.16 -24.66 21.05
CA SER E 263 3.47 -24.54 19.64
C SER E 263 2.39 -25.23 18.81
N LEU E 264 1.88 -24.51 17.82
CA LEU E 264 0.96 -25.06 16.82
C LEU E 264 1.61 -24.91 15.46
N SER E 265 1.85 -26.03 14.79
CA SER E 265 2.56 -26.03 13.52
C SER E 265 1.73 -26.72 12.46
N PHE E 266 1.87 -26.25 11.23
CA PHE E 266 1.21 -26.83 10.06
C PHE E 266 2.26 -27.21 9.03
N ARG E 267 2.06 -28.35 8.37
CA ARG E 267 2.91 -28.76 7.26
C ARG E 267 2.14 -28.49 5.97
N LEU E 268 2.64 -27.55 5.17
CA LEU E 268 1.97 -27.11 3.96
C LEU E 268 2.69 -27.67 2.73
N LYS E 269 1.94 -28.26 1.82
CA LYS E 269 2.46 -28.76 0.55
C LYS E 269 1.91 -27.91 -0.58
N ARG E 270 2.80 -27.32 -1.37
CA ARG E 270 2.37 -26.40 -2.41
C ARG E 270 1.77 -27.17 -3.59
N ASN E 271 0.73 -26.58 -4.19
CA ASN E 271 0.10 -27.15 -5.37
C ASN E 271 0.85 -26.71 -6.62
N ILE E 272 1.23 -27.68 -7.45
CA ILE E 272 2.02 -27.40 -8.64
C ILE E 272 1.16 -27.09 -9.86
N GLY E 273 -0.16 -27.22 -9.75
CA GLY E 273 -1.01 -27.03 -10.91
C GLY E 273 -0.90 -25.64 -11.51
N TYR E 274 -0.82 -24.61 -10.66
CA TYR E 274 -0.69 -23.25 -11.16
C TYR E 274 0.63 -23.05 -11.89
N PHE E 275 1.72 -23.61 -11.36
CA PHE E 275 3.04 -23.34 -11.94
C PHE E 275 3.26 -24.11 -13.24
N ILE E 276 2.57 -25.24 -13.42
CA ILE E 276 2.64 -25.94 -14.69
C ILE E 276 2.03 -25.07 -15.79
N LEU E 277 0.87 -24.46 -15.51
CA LEU E 277 0.20 -23.65 -16.51
C LEU E 277 0.91 -22.32 -16.74
N GLN E 278 1.53 -21.76 -15.72
CA GLN E 278 2.06 -20.41 -15.79
C GLN E 278 3.52 -20.35 -16.22
N THR E 279 4.35 -21.29 -15.74
CA THR E 279 5.79 -21.21 -15.98
C THR E 279 6.32 -22.40 -16.77
N TYR E 280 5.96 -23.62 -16.39
CA TYR E 280 6.57 -24.80 -17.02
C TYR E 280 6.13 -24.95 -18.46
N MET E 281 4.83 -24.87 -18.73
CA MET E 281 4.34 -25.02 -20.10
C MET E 281 4.86 -23.95 -21.04
N PRO E 282 4.85 -22.65 -20.70
CA PRO E 282 5.45 -21.68 -21.64
C PRO E 282 6.91 -21.94 -21.93
N SER E 283 7.67 -22.41 -20.94
CA SER E 283 9.07 -22.74 -21.17
C SER E 283 9.21 -23.89 -22.15
N ILE E 284 8.36 -24.92 -22.03
CA ILE E 284 8.41 -26.04 -22.96
C ILE E 284 8.01 -25.58 -24.36
N LEU E 285 6.97 -24.75 -24.47
CA LEU E 285 6.50 -24.31 -25.78
C LEU E 285 7.57 -23.49 -26.50
N ILE E 286 8.27 -22.62 -25.76
CA ILE E 286 9.35 -21.84 -26.38
C ILE E 286 10.47 -22.75 -26.84
N THR E 287 10.81 -23.76 -26.04
CA THR E 287 11.85 -24.71 -26.46
C THR E 287 11.43 -25.46 -27.71
N ILE E 288 10.16 -25.89 -27.77
CA ILE E 288 9.66 -26.54 -28.98
C ILE E 288 9.63 -25.54 -30.14
N LEU E 289 9.32 -24.28 -29.84
CA LEU E 289 9.33 -23.25 -30.87
C LEU E 289 10.70 -23.10 -31.52
N SER E 290 11.77 -23.23 -30.72
CA SER E 290 13.11 -23.13 -31.25
C SER E 290 13.46 -24.30 -32.18
N TRP E 291 12.78 -25.43 -32.05
CA TRP E 291 13.02 -26.57 -32.92
C TRP E 291 12.46 -26.38 -34.32
N VAL E 292 11.56 -25.40 -34.50
CA VAL E 292 10.99 -25.15 -35.82
C VAL E 292 12.07 -24.67 -36.78
N SER E 293 13.09 -23.99 -36.27
CA SER E 293 14.17 -23.49 -37.13
C SER E 293 14.89 -24.61 -37.84
N PHE E 294 14.89 -25.83 -37.26
CA PHE E 294 15.58 -26.95 -37.88
C PHE E 294 14.96 -27.30 -39.24
N TRP E 295 13.64 -27.24 -39.34
CA TRP E 295 12.96 -27.55 -40.60
C TRP E 295 12.96 -26.39 -41.59
N ILE E 296 13.39 -25.21 -41.17
CA ILE E 296 13.49 -24.07 -42.07
C ILE E 296 14.78 -24.17 -42.87
N ASN E 297 14.71 -23.84 -44.16
CA ASN E 297 15.89 -23.92 -45.01
CA ASN E 297 15.89 -23.92 -45.01
C ASN E 297 16.97 -22.97 -44.52
N TYR E 298 18.23 -23.39 -44.66
CA TYR E 298 19.35 -22.59 -44.18
C TYR E 298 19.52 -21.28 -44.95
N ASP E 299 18.95 -21.16 -46.15
CA ASP E 299 19.04 -19.90 -46.88
C ASP E 299 18.22 -18.80 -46.21
N ALA E 300 17.25 -19.16 -45.38
CA ALA E 300 16.43 -18.19 -44.67
C ALA E 300 17.17 -17.73 -43.41
N SER E 301 18.21 -16.92 -43.63
CA SER E 301 19.03 -16.45 -42.52
C SER E 301 18.24 -15.57 -41.57
N ALA E 302 17.44 -14.64 -42.11
CA ALA E 302 16.65 -13.77 -41.26
C ALA E 302 15.60 -14.55 -40.48
N ALA E 303 14.96 -15.53 -41.12
CA ALA E 303 13.91 -16.29 -40.45
C ALA E 303 14.45 -17.14 -39.32
N ARG E 304 15.57 -17.84 -39.55
CA ARG E 304 16.10 -18.75 -38.53
C ARG E 304 16.78 -18.00 -37.39
N VAL E 305 17.45 -16.89 -37.69
CA VAL E 305 18.06 -16.09 -36.63
C VAL E 305 16.98 -15.42 -35.78
N ALA E 306 15.90 -14.97 -36.41
CA ALA E 306 14.79 -14.39 -35.66
C ALA E 306 14.16 -15.41 -34.73
N LEU E 307 14.04 -16.66 -35.18
CA LEU E 307 13.58 -17.72 -34.30
C LEU E 307 14.55 -17.94 -33.14
N GLY E 308 15.85 -17.91 -33.42
CA GLY E 308 16.83 -18.07 -32.35
C GLY E 308 16.83 -16.91 -31.37
N ILE E 309 16.72 -15.68 -31.88
CA ILE E 309 16.77 -14.51 -31.01
C ILE E 309 15.56 -14.46 -30.09
N THR E 310 14.36 -14.63 -30.66
CA THR E 310 13.14 -14.48 -29.87
C THR E 310 13.05 -15.53 -28.77
N THR E 311 13.39 -16.78 -29.09
CA THR E 311 13.34 -17.84 -28.08
C THR E 311 14.33 -17.60 -26.96
N VAL E 312 15.55 -17.17 -27.31
CA VAL E 312 16.56 -16.89 -26.28
C VAL E 312 16.13 -15.72 -25.41
N LEU E 313 15.62 -14.65 -26.03
CA LEU E 313 15.18 -13.49 -25.25
C LEU E 313 13.96 -13.82 -24.41
N THR E 314 13.01 -14.60 -24.97
CA THR E 314 11.82 -14.96 -24.21
C THR E 314 12.18 -15.79 -22.98
N MET E 315 13.13 -16.72 -23.13
CA MET E 315 13.53 -17.55 -22.00
C MET E 315 14.14 -16.71 -20.88
N THR E 316 14.95 -15.72 -21.23
CA THR E 316 15.53 -14.84 -20.21
C THR E 316 14.45 -14.04 -19.50
N THR E 317 13.46 -13.53 -20.25
CA THR E 317 12.40 -12.74 -19.64
C THR E 317 11.57 -13.58 -18.67
N ILE E 318 11.28 -14.82 -19.03
CA ILE E 318 10.50 -15.69 -18.15
C ILE E 318 11.27 -15.96 -16.86
N ASN E 319 12.57 -16.24 -16.98
CA ASN E 319 13.38 -16.53 -15.79
C ASN E 319 13.49 -15.30 -14.89
N THR E 320 13.69 -14.12 -15.49
CA THR E 320 13.88 -12.92 -14.68
C THR E 320 12.56 -12.44 -14.07
N HIS E 321 11.46 -12.50 -14.84
CA HIS E 321 10.19 -12.00 -14.34
C HIS E 321 9.70 -12.81 -13.15
N LEU E 322 9.83 -14.14 -13.20
CA LEU E 322 9.39 -14.97 -12.09
C LEU E 322 10.22 -14.71 -10.83
N ARG E 323 11.53 -14.55 -10.99
CA ARG E 323 12.39 -14.36 -9.83
C ARG E 323 12.13 -13.04 -9.12
N GLU E 324 11.63 -12.04 -9.85
CA GLU E 324 11.31 -10.76 -9.23
C GLU E 324 10.19 -10.89 -8.21
N THR E 325 9.20 -11.74 -8.51
CA THR E 325 8.08 -11.93 -7.59
C THR E 325 8.55 -12.52 -6.26
N LEU E 326 9.44 -13.51 -6.32
CA LEU E 326 9.97 -14.12 -5.11
C LEU E 326 10.98 -13.21 -4.44
N PRO E 327 11.23 -13.40 -3.14
CA PRO E 327 12.25 -12.59 -2.46
C PRO E 327 13.64 -12.88 -3.01
N LYS E 328 14.52 -11.88 -2.84
CA LYS E 328 15.88 -11.94 -3.37
C LYS E 328 16.72 -12.90 -2.53
N ILE E 329 16.43 -14.19 -2.67
CA ILE E 329 17.18 -15.24 -1.99
C ILE E 329 18.51 -15.45 -2.72
N PRO E 330 19.56 -15.87 -2.03
CA PRO E 330 20.86 -16.02 -2.68
C PRO E 330 21.10 -17.36 -3.36
N TYR E 331 20.24 -18.36 -3.17
CA TYR E 331 20.46 -19.68 -3.70
C TYR E 331 19.58 -19.91 -4.94
N VAL E 332 19.77 -21.07 -5.56
CA VAL E 332 19.08 -21.44 -6.79
C VAL E 332 17.88 -22.31 -6.44
N LYS E 333 16.73 -22.00 -7.00
CA LYS E 333 15.51 -22.76 -6.77
C LYS E 333 15.39 -23.90 -7.78
N ALA E 334 14.43 -24.80 -7.51
CA ALA E 334 14.17 -25.89 -8.44
C ALA E 334 13.66 -25.37 -9.77
N ILE E 335 12.79 -24.37 -9.75
CA ILE E 335 12.26 -23.80 -10.98
C ILE E 335 13.38 -23.10 -11.76
N ASP E 336 14.32 -22.48 -11.06
CA ASP E 336 15.44 -21.82 -11.73
C ASP E 336 16.29 -22.82 -12.49
N MET E 337 16.47 -24.02 -11.92
CA MET E 337 17.22 -25.07 -12.61
C MET E 337 16.55 -25.44 -13.93
N TYR E 338 15.22 -25.58 -13.92
CA TYR E 338 14.51 -25.91 -15.15
C TYR E 338 14.58 -24.79 -16.17
N LEU E 339 14.44 -23.54 -15.70
CA LEU E 339 14.51 -22.40 -16.62
C LEU E 339 15.90 -22.26 -17.23
N MET E 340 16.94 -22.45 -16.43
CA MET E 340 18.30 -22.38 -16.97
C MET E 340 18.58 -23.54 -17.93
N GLY E 341 18.01 -24.71 -17.65
CA GLY E 341 18.16 -25.82 -18.57
C GLY E 341 17.49 -25.57 -19.90
N CYS E 342 16.30 -24.97 -19.88
CA CYS E 342 15.62 -24.62 -21.13
C CYS E 342 16.38 -23.54 -21.88
N PHE E 343 17.09 -22.67 -21.18
CA PHE E 343 17.88 -21.64 -21.86
C PHE E 343 19.01 -22.27 -22.67
N VAL E 344 19.63 -23.34 -22.15
CA VAL E 344 20.72 -23.99 -22.86
C VAL E 344 20.23 -24.59 -24.17
N PHE E 345 19.06 -25.22 -24.16
CA PHE E 345 18.56 -25.87 -25.36
C PHE E 345 18.25 -24.85 -26.46
N VAL E 346 17.59 -23.74 -26.11
CA VAL E 346 17.28 -22.73 -27.12
C VAL E 346 18.55 -22.02 -27.57
N PHE E 347 19.51 -21.80 -26.66
CA PHE E 347 20.75 -21.15 -27.05
C PHE E 347 21.57 -22.04 -27.99
N LEU E 348 21.60 -23.35 -27.72
CA LEU E 348 22.31 -24.27 -28.62
C LEU E 348 21.61 -24.37 -29.96
N ALA E 349 20.28 -24.21 -30.00
CA ALA E 349 19.56 -24.25 -31.27
C ALA E 349 20.00 -23.10 -32.17
N LEU E 350 20.14 -21.90 -31.60
CA LEU E 350 20.64 -20.77 -32.38
C LEU E 350 22.09 -20.97 -32.80
N LEU E 351 22.92 -21.51 -31.90
CA LEU E 351 24.30 -21.81 -32.25
C LEU E 351 24.38 -22.91 -33.31
N GLU E 352 23.38 -23.80 -33.36
CA GLU E 352 23.38 -24.84 -34.37
C GLU E 352 23.28 -24.25 -35.77
N TYR E 353 22.40 -23.27 -35.96
CA TYR E 353 22.29 -22.64 -37.28
C TYR E 353 23.52 -21.79 -37.58
N ALA E 354 24.12 -21.17 -36.56
CA ALA E 354 25.33 -20.38 -36.80
C ALA E 354 26.45 -21.27 -37.34
N PHE E 355 26.58 -22.49 -36.80
CA PHE E 355 27.54 -23.44 -37.36
C PHE E 355 27.13 -23.86 -38.76
N VAL E 356 25.83 -24.09 -38.99
CA VAL E 356 25.36 -24.48 -40.32
C VAL E 356 25.57 -23.35 -41.31
N ASN E 357 25.21 -22.12 -40.90
CA ASN E 357 25.38 -20.97 -41.78
C ASN E 357 26.85 -20.72 -42.08
N TYR E 358 27.75 -21.15 -41.20
CA TYR E 358 29.17 -20.95 -41.38
C TYR E 358 29.79 -21.91 -42.40
N ILE E 359 29.13 -23.03 -42.69
CA ILE E 359 29.72 -24.05 -43.56
C ILE E 359 28.75 -24.44 -44.67
N PHE E 360 27.61 -23.76 -44.76
CA PHE E 360 26.59 -24.17 -45.73
C PHE E 360 27.06 -23.95 -47.16
N PHE E 361 27.80 -22.86 -47.41
CA PHE E 361 28.29 -22.60 -48.76
C PHE E 361 29.41 -23.55 -49.13
N SER E 362 30.37 -23.75 -48.22
CA SER E 362 31.52 -24.59 -48.54
C SER E 362 31.15 -26.07 -48.52
N GLN E 363 30.37 -26.50 -47.54
CA GLN E 363 29.99 -27.90 -47.37
C GLN E 363 28.49 -28.02 -47.23
N PRO E 364 27.75 -27.88 -48.34
CA PRO E 364 26.28 -27.99 -48.26
C PRO E 364 25.81 -29.35 -47.79
N ALA E 365 26.52 -30.43 -48.14
CA ALA E 365 26.10 -31.76 -47.72
C ALA E 365 26.21 -31.93 -46.22
N ARG E 366 27.30 -31.45 -45.62
CA ARG E 366 27.48 -31.58 -44.18
C ARG E 366 26.50 -30.69 -43.42
N ALA E 367 26.21 -29.50 -43.95
CA ALA E 367 25.26 -28.61 -43.29
C ALA E 367 23.86 -29.20 -43.25
N ALA E 368 23.45 -29.87 -44.34
CA ALA E 368 22.14 -30.49 -44.37
C ALA E 368 22.04 -31.63 -43.35
N ALA E 369 23.12 -32.37 -43.15
CA ALA E 369 23.11 -33.47 -42.19
C ALA E 369 22.91 -32.94 -40.77
N ILE E 370 23.55 -31.82 -40.44
CA ILE E 370 23.43 -31.27 -39.08
C ILE E 370 21.99 -30.86 -38.80
N ASP E 371 21.33 -30.23 -39.77
CA ASP E 371 19.92 -29.88 -39.60
C ASP E 371 19.06 -31.13 -39.44
N ARG E 372 19.34 -32.18 -40.24
CA ARG E 372 18.56 -33.41 -40.15
C ARG E 372 18.73 -34.08 -38.80
N TRP E 373 19.96 -34.13 -38.29
CA TRP E 373 20.19 -34.76 -37.00
C TRP E 373 19.68 -33.90 -35.85
N SER E 374 19.66 -32.58 -36.02
CA SER E 374 19.15 -31.69 -34.97
C SER E 374 17.66 -31.90 -34.73
N ARG E 375 16.93 -32.35 -35.75
CA ARG E 375 15.51 -32.65 -35.59
C ARG E 375 15.25 -33.85 -34.71
N ILE E 376 16.27 -34.65 -34.41
CA ILE E 376 16.12 -35.84 -33.58
C ILE E 376 16.82 -35.68 -32.23
N VAL E 377 18.04 -35.15 -32.23
CA VAL E 377 18.80 -35.05 -30.99
C VAL E 377 18.15 -34.06 -30.03
N PHE E 378 17.78 -32.88 -30.53
CA PHE E 378 17.22 -31.85 -29.67
C PHE E 378 15.90 -32.28 -29.01
N PRO E 379 14.91 -32.80 -29.74
CA PRO E 379 13.70 -33.29 -29.04
C PRO E 379 13.99 -34.43 -28.08
N PHE E 380 14.94 -35.30 -28.41
CA PHE E 380 15.21 -36.46 -27.55
C PHE E 380 15.98 -36.04 -26.30
N THR E 381 16.96 -35.15 -26.44
CA THR E 381 17.72 -34.71 -25.29
C THR E 381 16.85 -33.90 -24.33
N PHE E 382 15.95 -33.07 -24.86
CA PHE E 382 15.06 -32.30 -24.01
C PHE E 382 14.11 -33.22 -23.24
N SER E 383 13.63 -34.27 -23.88
CA SER E 383 12.82 -35.27 -23.18
C SER E 383 13.62 -35.94 -22.07
N LEU E 384 14.89 -36.25 -22.34
CA LEU E 384 15.74 -36.83 -21.31
CA LEU E 384 15.74 -36.83 -21.31
C LEU E 384 15.94 -35.86 -20.15
N PHE E 385 16.12 -34.57 -20.46
CA PHE E 385 16.32 -33.57 -19.41
C PHE E 385 15.10 -33.48 -18.51
N ASN E 386 13.90 -33.53 -19.10
CA ASN E 386 12.69 -33.50 -18.28
C ASN E 386 12.55 -34.76 -17.44
N LEU E 387 12.99 -35.91 -17.96
CA LEU E 387 12.86 -37.16 -17.22
C LEU E 387 13.68 -37.13 -15.94
N VAL E 388 14.96 -36.75 -16.05
CA VAL E 388 15.83 -36.71 -14.87
C VAL E 388 15.39 -35.61 -13.91
N TYR E 389 14.95 -34.47 -14.45
CA TYR E 389 14.55 -33.34 -13.61
C TYR E 389 13.33 -33.68 -12.76
N TRP E 390 12.28 -34.22 -13.39
CA TRP E 390 11.03 -34.44 -12.66
C TRP E 390 11.13 -35.60 -11.69
N LEU E 391 11.89 -36.65 -12.05
CA LEU E 391 12.06 -37.78 -11.14
C LEU E 391 12.81 -37.36 -9.87
N TYR E 392 13.79 -36.47 -10.01
CA TYR E 392 14.56 -36.03 -8.85
C TYR E 392 13.70 -35.27 -7.86
N TYR E 393 12.81 -34.40 -8.36
CA TYR E 393 12.01 -33.54 -7.50
C TYR E 393 10.65 -34.13 -7.14
N VAL E 394 10.35 -35.36 -7.56
CA VAL E 394 9.08 -35.98 -7.20
C VAL E 394 9.31 -37.05 -6.14
C1 NAG F . 28.76 2.40 12.41
C2 NAG F . 29.77 1.57 13.22
C3 NAG F . 29.87 2.11 14.64
C4 NAG F . 30.18 3.60 14.62
C5 NAG F . 29.17 4.34 13.74
C6 NAG F . 29.49 5.80 13.58
C7 NAG F . 30.23 -0.84 13.06
C8 NAG F . 29.65 -2.22 13.12
N2 NAG F . 29.37 0.16 13.24
O3 NAG F . 30.89 1.41 15.34
O4 NAG F . 30.07 4.12 15.94
O5 NAG F . 29.17 3.76 12.43
O6 NAG F . 30.76 5.99 12.97
O7 NAG F . 31.43 -0.65 12.87
C1 NAG F . 31.36 4.49 16.47
C2 NAG F . 31.13 5.61 17.49
C3 NAG F . 32.45 6.01 18.13
C4 NAG F . 33.13 4.78 18.74
C5 NAG F . 33.27 3.70 17.68
C6 NAG F . 33.84 2.40 18.22
C7 NAG F . 29.23 7.10 17.05
C8 NAG F . 28.75 8.31 16.32
N2 NAG F . 30.51 6.76 16.85
O3 NAG F . 32.21 6.98 19.14
O4 NAG F . 34.41 5.13 19.24
O5 NAG F . 31.99 3.38 17.11
O6 NAG F . 33.98 1.42 17.21
O7 NAG F . 28.50 6.46 17.80
C1 BMA F . 34.45 4.92 20.66
C2 BMA F . 35.92 4.89 21.08
C3 BMA F . 36.04 4.71 22.59
C4 BMA F . 35.21 5.77 23.32
C5 BMA F . 33.78 5.75 22.81
C6 BMA F . 32.93 6.85 23.40
O2 BMA F . 36.54 6.11 20.68
O3 BMA F . 37.40 4.81 22.98
O4 BMA F . 35.22 5.50 24.71
O5 BMA F . 33.77 5.94 21.38
O6 BMA F . 33.47 8.13 23.13
C1 MAN F . 37.95 3.48 23.10
C2 MAN F . 38.98 3.49 24.22
C3 MAN F . 40.17 4.37 23.85
C4 MAN F . 40.74 3.96 22.49
C5 MAN F . 39.62 3.93 21.44
C6 MAN F . 40.09 3.42 20.10
O2 MAN F . 39.43 2.16 24.46
O3 MAN F . 41.17 4.30 24.84
O4 MAN F . 41.75 4.87 22.09
O5 MAN F . 38.57 3.06 21.88
O6 MAN F . 39.04 3.42 19.15
C1 MAN F . 33.03 9.07 24.12
C2 MAN F . 32.87 10.43 23.45
C3 MAN F . 34.22 10.95 22.99
C4 MAN F . 35.21 10.96 24.15
C5 MAN F . 35.28 9.58 24.78
C6 MAN F . 36.15 9.56 26.02
O2 MAN F . 32.28 11.34 24.37
O3 MAN F . 34.08 12.26 22.45
O4 MAN F . 36.50 11.33 23.67
O5 MAN F . 33.96 9.17 25.20
O6 MAN F . 36.20 8.26 26.60
C1 NAG G . 15.18 -11.45 42.39
C2 NAG G . 15.71 -12.82 42.81
C3 NAG G . 17.20 -12.72 43.15
C4 NAG G . 17.96 -12.11 41.97
C5 NAG G . 17.33 -10.77 41.59
C6 NAG G . 17.95 -10.15 40.36
C7 NAG G . 14.59 -14.61 44.07
C8 NAG G . 13.83 -14.96 45.31
N2 NAG G . 14.97 -13.32 43.96
O3 NAG G . 17.70 -14.02 43.44
O4 NAG G . 19.32 -11.89 42.35
O5 NAG G . 15.94 -10.96 41.29
O6 NAG G . 17.81 -11.00 39.22
O7 NAG G . 14.86 -15.45 43.21
C1 NAG G . 20.19 -12.71 41.53
C2 NAG G . 21.63 -12.33 41.88
C3 NAG G . 22.60 -13.19 41.06
C4 NAG G . 22.29 -14.67 41.30
C5 NAG G . 20.83 -14.95 40.99
C6 NAG G . 20.42 -16.38 41.29
C7 NAG G . 21.71 -9.98 42.55
C8 NAG G . 21.99 -8.56 42.12
N2 NAG G . 21.87 -10.92 41.61
O3 NAG G . 23.93 -12.90 41.45
O4 NAG G . 23.12 -15.47 40.47
O5 NAG G . 19.99 -14.10 41.78
O6 NAG G . 19.06 -16.60 40.97
O7 NAG G . 21.35 -10.24 43.69
C1 NAG H . 8.68 30.20 -0.81
C2 NAG H . 9.83 31.10 -0.35
C3 NAG H . 9.38 31.99 0.80
C4 NAG H . 8.11 32.74 0.43
C5 NAG H . 7.04 31.78 -0.07
C6 NAG H . 5.80 32.47 -0.59
C7 NAG H . 12.24 30.60 -0.31
C8 NAG H . 13.30 29.66 0.20
N2 NAG H . 10.98 30.30 0.05
O3 NAG H . 10.42 32.90 1.13
O4 NAG H . 7.59 33.40 1.58
O5 NAG H . 7.56 31.01 -1.17
O6 NAG H . 6.09 33.33 -1.67
O7 NAG H . 12.50 31.57 -0.99
C1 NAG H . 7.74 34.83 1.48
C2 NAG H . 6.63 35.47 2.31
C3 NAG H . 6.76 36.99 2.29
C4 NAG H . 8.15 37.39 2.77
C5 NAG H . 9.20 36.69 1.91
C6 NAG H . 10.62 36.94 2.38
C7 NAG H . 4.53 34.21 2.45
C8 NAG H . 3.21 33.90 1.80
N2 NAG H . 5.32 35.06 1.80
O3 NAG H . 5.77 37.55 3.14
O4 NAG H . 8.31 38.80 2.64
O5 NAG H . 9.02 35.26 1.98
O6 NAG H . 11.57 36.28 1.57
O7 NAG H . 4.85 33.69 3.52
C1 BMA H . 8.54 39.38 3.95
C2 BMA H . 9.12 40.77 3.73
C3 BMA H . 9.34 41.46 5.07
C4 BMA H . 8.06 41.45 5.89
C5 BMA H . 7.53 40.02 6.02
C6 BMA H . 6.20 39.95 6.72
O2 BMA H . 8.22 41.54 2.92
O3 BMA H . 9.77 42.81 4.85
O4 BMA H . 8.31 41.97 7.20
O5 BMA H . 7.34 39.47 4.71
O6 BMA H . 5.21 40.73 6.05
C1 MAN H . 11.21 42.86 4.95
C2 MAN H . 11.61 44.21 5.54
C3 MAN H . 11.22 45.33 4.59
C4 MAN H . 11.81 45.08 3.20
C5 MAN H . 11.41 43.69 2.71
C6 MAN H . 12.05 43.33 1.39
O2 MAN H . 13.00 44.23 5.79
O3 MAN H . 11.67 46.58 5.10
O4 MAN H . 11.34 46.06 2.29
O5 MAN H . 11.82 42.70 3.67
O6 MAN H . 11.65 42.03 0.96
C1 MAN H . 4.18 41.11 6.99
C2 MAN H . 2.85 41.14 6.23
C3 MAN H . 2.89 42.25 5.18
C4 MAN H . 3.25 43.58 5.83
C5 MAN H . 4.56 43.44 6.60
C6 MAN H . 4.93 44.70 7.36
O2 MAN H . 1.80 41.37 7.15
O3 MAN H . 1.61 42.35 4.55
O4 MAN H . 3.40 44.58 4.82
O5 MAN H . 4.45 42.39 7.56
O6 MAN H . 6.15 44.54 8.07
C1 NAG I . 16.61 27.10 33.87
C2 NAG I . 18.08 27.26 34.25
C3 NAG I . 18.54 28.68 33.94
C4 NAG I . 18.26 29.01 32.48
C5 NAG I . 16.78 28.78 32.18
C6 NAG I . 16.44 28.98 30.72
C7 NAG I . 19.32 26.26 36.11
C8 NAG I . 19.37 26.02 37.60
N2 NAG I . 18.27 26.96 35.66
O3 NAG I . 19.94 28.78 34.20
O4 NAG I . 18.57 30.38 32.23
O5 NAG I . 16.43 27.42 32.48
O6 NAG I . 17.16 28.08 29.89
O7 NAG I . 20.18 25.81 35.36
C1 NAG I . 19.65 30.48 31.27
C2 NAG I . 19.84 31.95 30.94
C3 NAG I . 21.00 32.11 29.95
C4 NAG I . 22.25 31.46 30.52
C5 NAG I . 21.96 30.00 30.87
C6 NAG I . 23.13 29.31 31.53
C7 NAG I . 17.70 33.11 31.15
C8 NAG I . 16.49 33.65 30.43
N2 NAG I . 18.62 32.52 30.39
O3 NAG I . 21.24 33.50 29.73
O4 NAG I . 23.31 31.51 29.57
O5 NAG I . 20.87 29.94 31.80
O6 NAG I . 22.83 27.95 31.84
O7 NAG I . 17.82 33.22 32.36
C1 NAG J . -24.74 17.19 -8.97
C2 NAG J . -25.14 18.66 -9.17
C3 NAG J . -26.12 19.08 -8.08
C4 NAG J . -27.30 18.12 -8.03
C5 NAG J . -26.81 16.69 -7.89
C6 NAG J . -27.93 15.66 -7.96
C7 NAG J . -23.77 20.51 -10.01
C8 NAG J . -22.51 21.30 -9.84
N2 NAG J . -23.96 19.51 -9.14
O3 NAG J . -26.58 20.40 -8.35
O4 NAG J . -28.10 18.42 -6.88
O5 NAG J . -25.91 16.38 -8.97
O6 NAG J . -28.62 15.73 -9.20
O7 NAG J . -24.58 20.77 -10.90
C1 NAG J . -29.37 18.99 -7.26
C2 NAG J . -30.38 18.63 -6.16
C3 NAG J . -31.73 19.25 -6.47
C4 NAG J . -31.58 20.75 -6.67
C5 NAG J . -30.54 21.02 -7.75
C6 NAG J . -30.24 22.49 -7.94
C7 NAG J . -29.99 16.50 -4.99
C8 NAG J . -30.21 15.02 -5.00
N2 NAG J . -30.49 17.18 -6.03
O3 NAG J . -32.62 18.99 -5.39
O4 NAG J . -32.82 21.31 -7.07
O5 NAG J . -29.29 20.41 -7.39
O6 NAG J . -29.28 22.71 -8.96
O7 NAG J . -29.38 17.07 -4.07
C1 BMA J . -33.27 22.27 -6.08
C2 BMA J . -34.35 23.13 -6.72
C3 BMA J . -34.90 24.13 -5.71
C4 BMA J . -35.36 23.41 -4.44
C5 BMA J . -34.23 22.54 -3.90
C6 BMA J . -34.67 21.71 -2.71
O2 BMA J . -35.40 22.30 -7.20
O3 BMA J . -35.98 24.86 -6.28
O4 BMA J . -35.73 24.37 -3.46
O5 BMA J . -33.80 21.62 -4.92
O6 BMA J . -35.75 20.86 -3.04
C1 MAN J . -35.49 26.11 -6.79
C2 MAN J . -36.58 27.16 -6.62
C3 MAN J . -37.78 26.81 -7.50
C4 MAN J . -37.33 26.62 -8.95
C5 MAN J . -36.20 25.59 -9.01
C6 MAN J . -35.62 25.43 -10.40
O2 MAN J . -36.08 28.44 -6.97
O3 MAN J . -38.76 27.84 -7.44
O4 MAN J . -38.43 26.16 -9.74
O5 MAN J . -35.12 26.01 -8.17
O6 MAN J . -34.59 24.47 -10.42
C1 MAN J . -36.49 20.54 -1.85
C2 MAN J . -37.03 19.12 -1.99
C3 MAN J . -38.04 19.06 -3.11
C4 MAN J . -39.13 20.10 -2.90
C5 MAN J . -38.51 21.48 -2.72
C6 MAN J . -39.53 22.54 -2.37
O2 MAN J . -37.62 18.70 -0.76
O3 MAN J . -38.62 17.76 -3.19
O4 MAN J . -40.01 20.13 -4.02
O5 MAN J . -37.57 21.44 -1.63
O6 MAN J . -38.92 23.81 -2.21
C1 NAG K . -18.66 37.78 19.56
C2 NAG K . -18.26 39.23 19.29
C3 NAG K . -19.40 39.97 18.59
C4 NAG K . -19.82 39.21 17.35
C5 NAG K . -20.16 37.76 17.70
C6 NAG K . -20.49 36.91 16.49
C7 NAG K . -16.84 40.72 20.62
C8 NAG K . -16.60 41.34 21.97
N2 NAG K . -17.89 39.90 20.53
O3 NAG K . -18.97 41.27 18.25
O4 NAG K . -20.97 39.83 16.78
O5 NAG K . -19.03 37.15 18.34
O6 NAG K . -19.39 36.84 15.60
O7 NAG K . -16.11 40.98 19.66
C1 NAG K . -20.67 40.34 15.47
C2 NAG K . -21.96 40.87 14.85
C3 NAG K . -21.69 41.46 13.48
C4 NAG K . -20.61 42.52 13.58
C5 NAG K . -19.37 41.94 14.24
C6 NAG K . -18.28 42.96 14.47
C7 NAG K . -23.85 39.56 15.73
C8 NAG K . -24.80 38.43 15.47
N2 NAG K . -22.96 39.81 14.77
O3 NAG K . -22.89 42.03 12.95
O4 NAG K . -20.26 43.01 12.29
O5 NAG K . -19.72 41.40 15.53
O6 NAG K . -17.13 42.39 15.08
O7 NAG K . -23.90 40.22 16.76
C1 NAG L . -25.28 -18.65 -0.79
C2 NAG L . -26.78 -18.56 -1.03
C3 NAG L . -27.54 -18.77 0.29
C4 NAG L . -27.09 -20.07 0.96
C5 NAG L . -25.57 -20.09 1.11
C6 NAG L . -25.04 -21.40 1.65
C7 NAG L . -28.00 -17.16 -2.63
C8 NAG L . -28.26 -15.76 -3.10
N2 NAG L . -27.14 -17.28 -1.62
O3 NAG L . -28.94 -18.82 0.03
O4 NAG L . -27.65 -20.14 2.27
O5 NAG L . -24.96 -19.90 -0.18
O6 NAG L . -25.39 -22.48 0.81
O7 NAG L . -28.55 -18.14 -3.15
C1 NAG L . -28.66 -21.15 2.36
C2 NAG L . -28.70 -21.64 3.80
C3 NAG L . -29.79 -22.69 3.98
C4 NAG L . -31.13 -22.15 3.50
C5 NAG L . -31.00 -21.64 2.07
C6 NAG L . -32.25 -20.99 1.55
C7 NAG L . -26.58 -21.53 5.05
C8 NAG L . -25.28 -22.22 5.35
N2 NAG L . -27.41 -22.18 4.21
O3 NAG L . -29.87 -23.06 5.36
O4 NAG L . -32.11 -23.16 3.56
O5 NAG L . -29.95 -20.66 1.99
O6 NAG L . -32.09 -20.55 0.21
O7 NAG L . -26.87 -20.45 5.53
C1 BMA L . -33.16 -22.78 4.48
C2 BMA L . -34.37 -23.67 4.21
C3 BMA L . -35.49 -23.34 5.18
C4 BMA L . -35.00 -23.43 6.61
C5 BMA L . -33.76 -22.55 6.79
C6 BMA L . -33.14 -22.68 8.17
O2 BMA L . -33.99 -25.04 4.32
O3 BMA L . -36.58 -24.25 4.99
O4 BMA L . -36.01 -22.99 7.51
O5 BMA L . -32.75 -22.93 5.84
O6 BMA L . -32.76 -24.02 8.44
C1 MAN L . -37.56 -23.63 4.14
C2 MAN L . -38.94 -24.11 4.57
C3 MAN L . -39.07 -25.61 4.31
C4 MAN L . -38.73 -25.94 2.86
C5 MAN L . -37.36 -25.37 2.50
C6 MAN L . -37.00 -25.54 1.04
O2 MAN L . -39.94 -23.41 3.85
O3 MAN L . -40.38 -26.05 4.61
O4 MAN L . -38.73 -27.34 2.66
O5 MAN L . -37.34 -23.95 2.76
O6 MAN L . -35.73 -25.01 0.75
C1 MAN L . -32.73 -24.22 9.87
C2 MAN L . -31.62 -25.22 10.17
C3 MAN L . -31.96 -26.58 9.58
C4 MAN L . -33.33 -27.04 10.06
C5 MAN L . -34.37 -25.97 9.76
C6 MAN L . -35.74 -26.30 10.32
O2 MAN L . -31.45 -25.33 11.58
O3 MAN L . -30.97 -27.54 9.95
O4 MAN L . -33.69 -28.25 9.40
O5 MAN L . -33.98 -24.72 10.36
O6 MAN L . -36.68 -25.29 10.02
C1 NAG M . -41.87 5.80 19.27
C2 NAG M . -43.06 6.52 18.63
C3 NAG M . -44.17 5.52 18.35
C4 NAG M . -43.64 4.36 17.51
C5 NAG M . -42.42 3.73 18.20
C6 NAG M . -41.77 2.65 17.37
C7 NAG M . -43.91 8.78 19.03
C8 NAG M . -44.37 9.77 20.06
N2 NAG M . -43.54 7.59 19.50
O3 NAG M . -45.24 6.17 17.66
O4 NAG M . -44.65 3.36 17.38
O5 NAG M . -41.43 4.74 18.42
O6 NAG M . -41.30 3.17 16.14
O7 NAG M . -43.87 9.05 17.83
C1 NAG M . -45.03 3.23 15.99
C2 NAG M . -46.00 2.06 15.88
C3 NAG M . -46.46 1.89 14.42
C4 NAG M . -47.04 3.21 13.92
C5 NAG M . -46.03 4.33 14.11
C6 NAG M . -46.57 5.69 13.72
C7 NAG M . -45.50 0.42 17.63
C8 NAG M . -44.81 -0.87 17.97
N2 NAG M . -45.39 0.83 16.36
O3 NAG M . -47.44 0.86 14.36
O4 NAG M . -47.37 3.10 12.54
O5 NAG M . -45.65 4.42 15.49
O6 NAG M . -45.59 6.71 13.89
O7 NAG M . -46.12 1.06 18.47
C1 NAG N . 7.78 -27.79 12.42
C2 NAG N . 7.14 -29.12 12.80
C3 NAG N . 7.07 -29.25 14.32
C4 NAG N . 8.43 -29.02 14.95
C5 NAG N . 9.02 -27.71 14.47
C6 NAG N . 10.44 -27.47 14.96
C7 NAG N . 5.38 -30.35 11.62
C8 NAG N . 3.98 -30.30 11.08
N2 NAG N . 5.82 -29.24 12.21
O3 NAG N . 6.58 -30.55 14.65
O4 NAG N . 8.29 -28.96 16.37
O5 NAG N . 9.08 -27.69 13.04
O6 NAG N . 11.32 -28.49 14.50
O7 NAG N . 6.07 -31.36 11.54
C1 NAG N . 8.86 -30.10 17.01
C2 NAG N . 9.31 -29.68 18.41
C3 NAG N . 9.88 -30.87 19.17
C4 NAG N . 8.86 -32.00 19.20
C5 NAG N . 8.45 -32.34 17.77
C6 NAG N . 7.36 -33.39 17.70
C7 NAG N . 10.01 -27.33 18.65
C8 NAG N . 11.14 -26.36 18.52
N2 NAG N . 10.30 -28.60 18.33
O3 NAG N . 10.20 -30.47 20.50
O4 NAG N . 9.43 -33.15 19.81
O5 NAG N . 7.92 -31.17 17.12
O6 NAG N . 7.00 -33.69 16.37
O7 NAG N . 8.90 -26.99 19.04
C1 BMA N . 8.70 -33.49 21.01
C2 BMA N . 9.06 -34.92 21.37
C3 BMA N . 8.35 -35.33 22.66
C4 BMA N . 8.62 -34.32 23.77
C5 BMA N . 8.27 -32.91 23.29
C6 BMA N . 8.63 -31.84 24.29
O2 BMA N . 10.47 -35.02 21.55
O3 BMA N . 8.78 -36.63 23.06
O4 BMA N . 7.83 -34.63 24.92
O5 BMA N . 9.00 -32.61 22.09
O6 BMA N . 10.02 -31.86 24.60
C1 MAN N . 7.83 -37.60 22.59
C2 MAN N . 7.77 -38.73 23.62
C3 MAN N . 9.11 -39.47 23.67
C4 MAN N . 9.52 -39.92 22.28
C5 MAN N . 9.50 -38.73 21.31
C6 MAN N . 9.79 -39.13 19.88
O2 MAN N . 6.73 -39.64 23.26
O3 MAN N . 9.02 -40.58 24.55
O4 MAN N . 10.83 -40.48 22.32
O5 MAN N . 8.21 -38.12 21.32
O6 MAN N . 9.78 -38.01 19.02
C1 MAN N . 10.23 -31.29 25.91
C2 MAN N . 11.57 -30.57 25.89
C3 MAN N . 12.70 -31.57 25.70
C4 MAN N . 12.62 -32.66 26.76
C5 MAN N . 11.23 -33.30 26.75
C6 MAN N . 11.04 -34.31 27.85
O2 MAN N . 11.74 -29.85 27.11
O3 MAN N . 13.96 -30.90 25.78
O4 MAN N . 13.59 -33.67 26.50
O5 MAN N . 10.23 -32.28 26.93
O6 MAN N . 9.74 -34.89 27.81
C1 NAG O . -20.97 -24.61 33.35
C2 NAG O . -22.09 -25.64 33.15
C3 NAG O . -21.58 -27.04 33.50
C4 NAG O . -20.31 -27.35 32.72
C5 NAG O . -19.27 -26.25 32.94
C6 NAG O . -18.03 -26.43 32.11
C7 NAG O . -24.50 -25.41 33.49
C8 NAG O . -25.59 -25.02 34.45
N2 NAG O . -23.25 -25.31 33.95
O3 NAG O . -22.58 -27.99 33.20
O4 NAG O . -19.76 -28.60 33.15
O5 NAG O . -19.83 -24.98 32.58
O6 NAG O . -18.33 -26.40 30.71
O7 NAG O . -24.74 -25.81 32.36
C1 NAG O . -19.79 -29.55 32.08
C2 NAG O . -19.07 -30.81 32.55
C3 NAG O . -19.10 -31.88 31.46
C4 NAG O . -20.54 -32.13 31.03
C5 NAG O . -21.19 -30.82 30.61
C6 NAG O . -22.66 -30.99 30.27
C7 NAG O . -17.35 -30.18 34.19
C8 NAG O . -15.89 -29.90 34.41
N2 NAG O . -17.70 -30.51 32.94
O3 NAG O . -18.51 -33.08 31.95
O4 NAG O . -20.56 -33.04 29.94
O5 NAG O . -21.13 -29.88 31.70
O6 NAG O . -23.24 -29.75 29.87
O7 NAG O . -18.17 -30.12 35.10
C1 NAG P . -3.26 -11.80 55.26
C2 NAG P . -3.73 -12.42 56.58
C3 NAG P . -4.83 -11.57 57.19
C4 NAG P . -4.36 -10.13 57.33
C5 NAG P . -3.88 -9.60 55.99
C6 NAG P . -3.30 -8.22 56.08
C7 NAG P . -3.75 -14.80 57.15
C8 NAG P . -4.32 -16.15 56.81
N2 NAG P . -4.18 -13.78 56.38
O3 NAG P . -5.19 -12.10 58.47
O4 NAG P . -5.43 -9.31 57.81
O5 NAG P . -2.84 -10.46 55.48
O6 NAG P . -2.16 -8.18 56.92
O7 NAG P . -2.96 -14.65 58.07
C1 D10 Q . 33.85 -24.05 -36.87
C2 D10 Q . 32.78 -23.01 -36.60
C3 D10 Q . 32.46 -22.85 -35.13
C4 D10 Q . 31.45 -21.74 -34.83
C5 D10 Q . 31.25 -21.50 -33.34
C6 D10 Q . 30.43 -20.25 -33.03
C7 D10 Q . 30.36 -19.92 -31.56
C8 D10 Q . 29.71 -18.59 -31.24
C9 D10 Q . 29.73 -18.22 -29.77
C10 D10 Q . 29.12 -16.87 -29.48
C1 D10 R . 33.18 -13.81 -18.44
C2 D10 R . 32.55 -14.39 -17.19
C3 D10 R . 32.95 -13.66 -15.93
C4 D10 R . 32.35 -14.23 -14.66
C5 D10 R . 32.76 -13.50 -13.39
C6 D10 R . 32.12 -14.05 -12.12
C7 D10 R . 32.55 -13.31 -10.86
C8 D10 R . 31.92 -13.86 -9.58
C9 D10 R . 32.36 -13.12 -8.32
C10 D10 R . 31.75 -13.68 -7.07
CL CL S . 6.35 6.02 16.24
C1 D10 T . 34.71 4.05 -43.12
C2 D10 T . 33.35 3.63 -42.61
C3 D10 T . 33.09 4.05 -41.17
C4 D10 T . 31.68 3.74 -40.68
C5 D10 T . 31.39 4.30 -39.29
C6 D10 T . 29.93 4.18 -38.88
C7 D10 T . 29.62 4.88 -37.57
C8 D10 T . 28.13 4.93 -37.24
C9 D10 T . 27.81 5.72 -35.98
C10 D10 T . 26.33 5.80 -35.68
C1 D10 U . 25.12 14.94 -27.98
C2 D10 U . 25.43 14.74 -26.51
C3 D10 U . 24.94 15.90 -25.64
C4 D10 U . 25.24 15.72 -24.16
C5 D10 U . 24.73 16.87 -23.30
C6 D10 U . 25.01 16.71 -21.82
C7 D10 U . 24.50 17.86 -20.96
C8 D10 U . 24.77 17.69 -19.47
C9 D10 U . 24.26 18.86 -18.64
C10 D10 U . 24.54 18.68 -17.15
C1 NAG V . 10.08 17.16 52.96
C2 NAG V . 10.49 17.13 54.43
C3 NAG V . 9.28 16.77 55.30
C4 NAG V . 8.13 17.72 55.02
C5 NAG V . 7.81 17.71 53.53
C6 NAG V . 6.74 18.72 53.15
C7 NAG V . 12.69 16.54 55.33
C8 NAG V . 13.73 15.46 55.47
N2 NAG V . 11.58 16.22 54.66
O3 NAG V . 9.65 16.84 56.67
O4 NAG V . 6.97 17.31 55.74
O5 NAG V . 8.99 18.07 52.78
O6 NAG V . 7.16 20.05 53.45
O7 NAG V . 12.85 17.66 55.81
CL CL W . -3.12 14.35 11.05
C1 D10 X . 8.96 11.70 -53.51
C2 D10 X . 8.85 10.62 -52.45
C3 D10 X . 8.39 11.16 -51.10
C4 D10 X . 8.15 10.09 -50.05
C5 D10 X . 7.58 10.63 -48.75
C6 D10 X . 7.11 9.54 -47.79
C7 D10 X . 6.40 10.08 -46.56
C8 D10 X . 5.76 9.01 -45.70
C9 D10 X . 4.96 9.57 -44.53
C10 D10 X . 4.28 8.50 -43.71
C1 D10 Y . -4.61 14.00 -37.68
C2 D10 Y . -4.31 14.81 -36.43
C3 D10 Y . -5.56 15.15 -35.64
C4 D10 Y . -5.29 15.96 -34.38
C5 D10 Y . -6.54 16.32 -33.59
C6 D10 Y . -6.27 17.11 -32.33
C7 D10 Y . -7.53 17.48 -31.55
C8 D10 Y . -7.27 18.26 -30.29
C9 D10 Y . -8.54 18.63 -29.52
C10 D10 Y . -8.27 19.42 -28.26
C1 NAG Z . -11.77 37.22 40.97
C2 NAG Z . -11.58 38.19 42.13
C3 NAG Z . -11.68 37.44 43.46
C4 NAG Z . -13.00 36.68 43.52
C5 NAG Z . -13.13 35.76 42.30
C6 NAG Z . -14.46 35.05 42.24
C7 NAG Z . -10.20 40.22 42.15
C8 NAG Z . -8.81 40.77 42.02
N2 NAG Z . -10.31 38.88 42.03
O3 NAG Z . -11.61 38.37 44.54
O4 NAG Z . -13.05 35.88 44.71
O5 NAG Z . -13.02 36.54 41.11
O6 NAG Z . -15.53 35.97 42.14
O7 NAG Z . -11.17 40.94 42.34
CL CL AA . -14.41 7.06 8.97
C1 D10 BA . -7.80 -11.73 -53.66
C2 D10 BA . -6.85 -11.70 -52.49
C3 D10 BA . -7.53 -11.32 -51.18
C4 D10 BA . -6.62 -11.40 -49.97
C5 D10 BA . -7.33 -11.17 -48.65
C6 D10 BA . -6.49 -11.49 -47.43
C7 D10 BA . -7.27 -11.40 -46.12
C8 D10 BA . -6.50 -11.92 -44.91
C9 D10 BA . -7.33 -11.94 -43.63
C10 D10 BA . -6.57 -12.50 -42.45
C1 D10 CA . -14.98 -15.41 -34.26
C2 D10 CA . -15.60 -14.33 -33.40
C3 D10 CA . -16.39 -14.90 -32.23
C4 D10 CA . -17.04 -13.85 -31.35
C5 D10 CA . -17.82 -14.42 -30.18
C6 D10 CA . -18.45 -13.37 -29.27
C7 D10 CA . -19.23 -13.95 -28.11
C8 D10 CA . -19.86 -12.91 -27.21
C9 D10 CA . -20.65 -13.49 -26.05
C10 D10 CA . -21.28 -12.45 -25.15
CL CL DA . -11.92 -5.69 12.82
C1 NAG EA . -38.61 20.63 35.86
C2 NAG EA . -39.42 21.62 36.69
C3 NAG EA . -38.76 21.86 38.04
C4 NAG EA . -38.54 20.53 38.75
C5 NAG EA . -37.75 19.58 37.84
C6 NAG EA . -37.59 18.20 38.43
C7 NAG EA . -40.78 23.47 35.82
C8 NAG EA . -40.77 24.77 35.06
N2 NAG EA . -39.60 22.87 35.98
O3 NAG EA . -39.58 22.70 38.83
O4 NAG EA . -37.82 20.73 39.96
O5 NAG EA . -38.44 19.41 36.60
O6 NAG EA . -38.85 17.57 38.63
O7 NAG EA . -41.81 23.00 36.28
C1 D10 FA . 7.54 -33.75 -43.38
C2 D10 FA . 7.89 -32.44 -42.71
C3 D10 FA . 7.31 -32.32 -41.31
C4 D10 FA . 7.75 -31.06 -40.56
C5 D10 FA . 7.27 -31.01 -39.12
C6 D10 FA . 7.89 -29.89 -38.30
C7 D10 FA . 7.53 -29.95 -36.82
C8 D10 FA . 8.30 -28.96 -35.96
C9 D10 FA . 8.02 -29.10 -34.48
C10 D10 FA . 8.82 -28.13 -33.64
C1 D10 GA . 8.43 -32.60 -22.41
C2 D10 GA . 7.20 -32.40 -21.55
C3 D10 GA . 7.44 -32.72 -20.09
C4 D10 GA . 6.22 -32.53 -19.20
C5 D10 GA . 6.46 -32.86 -17.74
C6 D10 GA . 5.25 -32.64 -16.84
C7 D10 GA . 5.52 -32.97 -15.38
C8 D10 GA . 4.30 -32.76 -14.48
C9 D10 GA . 4.57 -33.11 -13.02
C10 D10 GA . 3.35 -32.90 -12.14
CL CL HA . 0.83 -6.35 17.28
C1 NAG IA . -33.38 -9.66 44.67
C2 NAG IA . -34.60 -9.65 45.59
C3 NAG IA . -34.56 -8.42 46.49
C4 NAG IA . -33.25 -8.39 47.25
C5 NAG IA . -32.08 -8.44 46.27
C6 NAG IA . -30.73 -8.52 46.96
C7 NAG IA . -36.83 -10.52 45.07
C8 NAG IA . -38.04 -10.41 44.17
N2 NAG IA . -35.84 -9.67 44.81
O3 NAG IA . -35.66 -8.48 47.41
O4 NAG IA . -33.15 -7.20 48.03
O5 NAG IA . -32.19 -9.62 45.45
O6 NAG IA . -30.62 -9.70 47.74
O7 NAG IA . -36.78 -11.34 45.97
#